data_7BWU
#
_entry.id   7BWU
#
_cell.length_a   83.880
_cell.length_b   142.070
_cell.length_c   191.210
_cell.angle_alpha   90.000
_cell.angle_beta   90.000
_cell.angle_gamma   90.000
#
_symmetry.space_group_name_H-M   'P 21 21 21'
#
loop_
_entity.id
_entity.type
_entity.pdbx_description
1 polymer Hemagglutinin-neuraminidase
2 non-polymer 2-acetamido-2-deoxy-beta-D-glucopyranose
3 non-polymer GLYCEROL
4 non-polymer 'CALCIUM ION'
5 water water
#
_entity_poly.entity_id   1
_entity_poly.type   'polypeptide(L)'
_entity_poly.pdbx_seq_one_letter_code
;STPHDLAGISTVISKTEDKVTSLLSSSQDVIDRIYKQVALESPLALLNTESIIMNAITSLSYQINGAANNSGCGAPVHDP
DYIGGIGKELIVDDISDVTSFYPSAYQEHLNFIPAPTTGSGCTRIPSFDMSTTHYCYTHNVILSGCRDHSHSHQYLALGV
LRTSATGRVFFSTLRSINLDDTQNRKSCSVSATPLGCDMLCSKVTETEEEDYKSVAPTSMVHGRLGFDGQYHEKDLDTTV
LFKDWVANYPGVGGGSFIDDRVWFPVYGGLKPNSPSDTAQEGKYVIYKRHNNTCPDEQDYQIRMAKSSYKPGRFGGKRVQ
QAILSIKVSTSLGKDPVLTIPPNTITLMGAEGRILTVGTSHFLYQRGSSYFSPALLYPMTVNNKTATLHSPYTFNAFTRP
GSVPCQASARCPNSCITGVYTDPYPLIFHRNHTLRGVFGTMLDDEQARLNPVSAVFDNISRSRVTRVSSSSTKAAYTTST
CFKVVKTNKAYCLSIAEISNTLFGEFRIVPLLVEILKDDRVGGGGSGGGGSGGGGS
;
_entity_poly.pdbx_strand_id   B,D,A,C
#
loop_
_chem_comp.id
_chem_comp.type
_chem_comp.name
_chem_comp.formula
CA non-polymer 'CALCIUM ION' 'Ca 2'
GOL non-polymer GLYCEROL 'C3 H8 O3'
NAG D-saccharide, beta linking 2-acetamido-2-deoxy-beta-D-glucopyranose 'C8 H15 N O6'
#
# COMPACT_ATOMS: atom_id res chain seq x y z
N PRO A 76 -23.23 -12.56 15.33
CA PRO A 76 -23.23 -13.60 14.29
C PRO A 76 -23.89 -14.91 14.72
N VAL A 77 -25.22 -14.99 14.66
CA VAL A 77 -25.94 -16.21 14.92
C VAL A 77 -26.99 -16.45 13.84
N HIS A 78 -27.39 -17.71 13.67
CA HIS A 78 -28.48 -18.06 12.78
C HIS A 78 -29.74 -17.29 13.14
N ASP A 79 -30.61 -17.10 12.14
CA ASP A 79 -31.91 -16.51 12.36
C ASP A 79 -32.68 -17.31 13.41
N PRO A 80 -33.47 -16.65 14.25
CA PRO A 80 -34.23 -17.39 15.28
C PRO A 80 -35.23 -18.39 14.71
N ASP A 81 -35.55 -18.30 13.41
CA ASP A 81 -36.37 -19.33 12.77
C ASP A 81 -35.73 -20.71 12.85
N TYR A 82 -34.42 -20.78 13.13
CA TYR A 82 -33.73 -22.06 13.22
C TYR A 82 -33.56 -22.59 14.63
N ILE A 83 -34.00 -21.86 15.66
CA ILE A 83 -33.68 -22.27 17.03
C ILE A 83 -34.36 -23.60 17.33
N GLY A 84 -33.57 -24.56 17.79
CA GLY A 84 -34.03 -25.91 17.98
C GLY A 84 -34.02 -26.77 16.75
N GLY A 85 -33.62 -26.22 15.60
CA GLY A 85 -33.53 -26.98 14.37
C GLY A 85 -32.14 -27.34 13.90
N ILE A 86 -31.10 -27.04 14.66
CA ILE A 86 -29.72 -27.26 14.20
C ILE A 86 -29.08 -28.33 15.07
N GLY A 87 -28.45 -29.31 14.42
CA GLY A 87 -27.65 -30.26 15.18
C GLY A 87 -28.43 -31.17 16.10
N LYS A 88 -29.73 -31.32 15.87
CA LYS A 88 -30.60 -32.17 16.67
C LYS A 88 -31.08 -33.35 15.85
N GLU A 89 -31.63 -34.37 16.52
CA GLU A 89 -32.28 -35.47 15.83
C GLU A 89 -33.54 -34.96 15.11
N LEU A 90 -33.55 -35.01 13.78
CA LEU A 90 -34.61 -34.32 13.05
C LEU A 90 -35.94 -35.08 13.06
N ILE A 91 -35.91 -36.39 12.93
CA ILE A 91 -37.12 -37.20 12.83
C ILE A 91 -36.98 -38.33 13.84
N VAL A 92 -37.84 -38.33 14.85
CA VAL A 92 -37.88 -39.35 15.88
C VAL A 92 -39.12 -40.19 15.62
N ASP A 93 -38.90 -41.44 15.21
CA ASP A 93 -40.02 -42.26 14.72
C ASP A 93 -39.63 -43.72 14.88
N ASP A 94 -40.42 -44.46 15.67
CA ASP A 94 -40.22 -45.90 15.82
C ASP A 94 -40.97 -46.72 14.77
N ILE A 95 -42.00 -46.16 14.14
CA ILE A 95 -43.02 -46.94 13.45
C ILE A 95 -42.82 -46.92 11.94
N SER A 96 -42.63 -45.74 11.36
CA SER A 96 -42.66 -45.62 9.91
C SER A 96 -41.48 -46.35 9.28
N ASP A 97 -41.71 -46.84 8.05
CA ASP A 97 -40.61 -47.26 7.19
C ASP A 97 -39.65 -46.09 7.01
N VAL A 98 -38.36 -46.34 7.25
CA VAL A 98 -37.37 -45.27 7.05
C VAL A 98 -37.45 -44.71 5.64
N THR A 99 -37.60 -45.59 4.65
CA THR A 99 -37.59 -45.12 3.28
C THR A 99 -38.94 -44.62 2.80
N SER A 100 -39.92 -44.42 3.70
CA SER A 100 -41.08 -43.62 3.30
C SER A 100 -40.78 -42.13 3.36
N PHE A 101 -39.67 -41.73 4.00
CA PHE A 101 -39.12 -40.39 3.87
C PHE A 101 -38.21 -40.33 2.66
N TYR A 102 -38.22 -39.18 1.97
CA TYR A 102 -37.54 -39.07 0.68
C TYR A 102 -37.32 -37.60 0.37
N PRO A 103 -36.32 -37.26 -0.42
CA PRO A 103 -36.05 -35.85 -0.67
C PRO A 103 -36.93 -35.28 -1.78
N SER A 104 -37.24 -34.00 -1.65
CA SER A 104 -37.93 -33.26 -2.70
C SER A 104 -36.98 -33.07 -3.90
N ALA A 105 -37.50 -32.43 -4.94
CA ALA A 105 -36.63 -31.90 -5.98
C ALA A 105 -35.63 -30.91 -5.38
N TYR A 106 -34.48 -30.75 -6.03
CA TYR A 106 -33.53 -29.73 -5.57
C TYR A 106 -34.21 -28.37 -5.59
N GLN A 107 -33.90 -27.54 -4.61
CA GLN A 107 -34.53 -26.24 -4.44
C GLN A 107 -33.51 -25.12 -4.55
N GLU A 108 -33.92 -24.00 -5.16
CA GLU A 108 -33.04 -22.83 -5.21
C GLU A 108 -32.93 -22.20 -3.84
N HIS A 109 -31.71 -21.81 -3.52
CA HIS A 109 -31.39 -21.04 -2.34
C HIS A 109 -30.18 -20.20 -2.73
N LEU A 110 -29.40 -19.75 -1.78
CA LEU A 110 -28.26 -18.91 -2.09
C LEU A 110 -27.01 -19.77 -2.21
N ASN A 111 -26.41 -19.86 -3.41
CA ASN A 111 -25.19 -20.66 -3.59
C ASN A 111 -24.03 -19.89 -2.98
N PHE A 112 -23.63 -20.31 -1.77
CA PHE A 112 -22.56 -19.66 -1.03
C PHE A 112 -21.18 -20.17 -1.39
N ILE A 113 -21.05 -21.05 -2.39
CA ILE A 113 -19.78 -21.71 -2.67
C ILE A 113 -19.22 -21.14 -3.98
N PRO A 114 -18.06 -20.47 -3.96
CA PRO A 114 -17.47 -19.97 -5.21
C PRO A 114 -17.17 -21.09 -6.21
N ALA A 115 -17.57 -20.87 -7.46
CA ALA A 115 -17.18 -21.69 -8.61
C ALA A 115 -15.91 -21.14 -9.27
N PRO A 116 -15.18 -21.96 -10.04
CA PRO A 116 -13.99 -21.46 -10.73
C PRO A 116 -14.34 -20.35 -11.72
N THR A 117 -13.34 -19.52 -12.03
CA THR A 117 -13.54 -18.45 -13.01
C THR A 117 -12.56 -18.50 -14.17
N THR A 118 -11.80 -19.59 -14.30
CA THR A 118 -10.87 -19.80 -15.41
C THR A 118 -11.04 -21.22 -15.93
N GLY A 119 -10.49 -21.47 -17.12
CA GLY A 119 -10.65 -22.76 -17.75
C GLY A 119 -9.98 -23.91 -17.00
N SER A 120 -8.88 -23.65 -16.32
CA SER A 120 -8.15 -24.72 -15.64
C SER A 120 -8.26 -24.65 -14.13
N GLY A 121 -8.97 -23.66 -13.58
CA GLY A 121 -9.06 -23.52 -12.14
C GLY A 121 -9.64 -24.73 -11.45
N CYS A 122 -8.98 -25.19 -10.40
CA CYS A 122 -9.39 -26.39 -9.66
C CYS A 122 -9.93 -26.00 -8.28
N THR A 123 -11.23 -26.18 -8.07
CA THR A 123 -11.84 -26.04 -6.75
C THR A 123 -12.26 -27.42 -6.28
N ARG A 124 -11.65 -27.91 -5.20
CA ARG A 124 -11.91 -29.27 -4.75
C ARG A 124 -11.80 -29.37 -3.24
N ILE A 125 -12.30 -30.49 -2.71
CA ILE A 125 -12.10 -30.93 -1.32
C ILE A 125 -12.92 -30.06 -0.38
N PRO A 126 -14.25 -30.15 -0.40
CA PRO A 126 -15.05 -29.29 0.48
C PRO A 126 -15.09 -29.84 1.89
N SER A 127 -15.19 -28.93 2.85
CA SER A 127 -15.40 -29.33 4.24
C SER A 127 -16.42 -28.35 4.84
N PHE A 128 -17.37 -28.90 5.62
CA PHE A 128 -18.49 -28.11 6.14
C PHE A 128 -18.86 -28.58 7.56
N ASP A 129 -19.10 -27.62 8.45
CA ASP A 129 -19.65 -27.96 9.77
C ASP A 129 -20.47 -26.78 10.25
N MET A 130 -21.54 -27.07 10.99
CA MET A 130 -22.47 -26.05 11.45
C MET A 130 -22.86 -26.31 12.89
N SER A 131 -22.61 -25.35 13.76
CA SER A 131 -23.08 -25.38 15.13
C SER A 131 -24.42 -24.66 15.23
N THR A 132 -24.94 -24.56 16.46
CA THR A 132 -26.21 -23.85 16.65
C THR A 132 -26.06 -22.34 16.52
N THR A 133 -24.85 -21.78 16.32
CA THR A 133 -24.71 -20.35 16.06
C THR A 133 -24.25 -20.00 14.65
N HIS A 134 -23.35 -20.78 14.04
CA HIS A 134 -22.80 -20.40 12.74
C HIS A 134 -22.33 -21.63 11.98
N TYR A 135 -22.08 -21.46 10.66
CA TYR A 135 -21.48 -22.50 9.83
C TYR A 135 -20.10 -22.07 9.36
N CYS A 136 -19.31 -23.08 9.03
CA CYS A 136 -17.96 -22.92 8.50
C CYS A 136 -17.85 -23.72 7.22
N TYR A 137 -17.14 -23.16 6.23
CA TYR A 137 -16.96 -23.85 4.95
C TYR A 137 -15.55 -23.60 4.43
N THR A 138 -14.92 -24.63 3.84
CA THR A 138 -13.67 -24.38 3.14
C THR A 138 -13.52 -25.31 1.94
N HIS A 139 -12.74 -24.87 0.95
CA HIS A 139 -12.32 -25.79 -0.09
C HIS A 139 -10.95 -25.33 -0.60
N ASN A 140 -10.25 -26.24 -1.28
CA ASN A 140 -8.90 -26.01 -1.80
C ASN A 140 -8.97 -25.50 -3.23
N VAL A 141 -8.01 -24.64 -3.62
CA VAL A 141 -7.97 -24.05 -4.95
C VAL A 141 -6.57 -24.22 -5.51
N ILE A 142 -6.47 -24.80 -6.70
CA ILE A 142 -5.20 -24.86 -7.45
C ILE A 142 -5.40 -24.16 -8.79
N LEU A 143 -4.45 -23.29 -9.14
CA LEU A 143 -4.61 -22.46 -10.32
C LEU A 143 -4.60 -23.26 -11.61
N SER A 144 -3.75 -24.28 -11.70
CA SER A 144 -3.42 -24.86 -13.00
C SER A 144 -4.06 -26.23 -13.26
N GLY A 145 -4.83 -26.78 -12.34
CA GLY A 145 -5.38 -28.11 -12.51
C GLY A 145 -5.37 -28.83 -11.18
N CYS A 146 -6.14 -29.92 -11.11
CA CYS A 146 -6.39 -30.55 -9.81
C CYS A 146 -5.26 -31.46 -9.33
N ARG A 147 -4.40 -31.88 -10.25
CA ARG A 147 -3.26 -32.73 -9.85
C ARG A 147 -1.98 -31.98 -9.56
N ASP A 148 -1.85 -30.76 -10.05
CA ASP A 148 -0.71 -29.93 -9.74
C ASP A 148 -0.47 -29.97 -8.24
N HIS A 149 0.79 -29.88 -7.81
CA HIS A 149 1.13 -30.06 -6.42
C HIS A 149 1.95 -28.92 -5.81
N SER A 150 2.33 -27.97 -6.64
CA SER A 150 3.29 -26.94 -6.24
C SER A 150 2.74 -26.06 -5.14
N HIS A 151 1.59 -25.42 -5.39
CA HIS A 151 1.05 -24.42 -4.50
C HIS A 151 -0.47 -24.41 -4.61
N SER A 152 -1.13 -23.97 -3.55
CA SER A 152 -2.58 -23.91 -3.55
C SER A 152 -2.99 -22.85 -2.53
N HIS A 153 -4.28 -22.59 -2.47
CA HIS A 153 -4.83 -21.80 -1.39
C HIS A 153 -6.17 -22.39 -0.97
N GLN A 154 -6.69 -21.88 0.14
CA GLN A 154 -8.00 -22.27 0.66
C GLN A 154 -8.94 -21.09 0.55
N TYR A 155 -10.16 -21.37 0.10
CA TYR A 155 -11.29 -20.49 0.34
C TYR A 155 -11.85 -20.81 1.72
N LEU A 156 -12.12 -19.79 2.52
CA LEU A 156 -12.68 -19.99 3.86
C LEU A 156 -13.90 -19.09 4.05
N ALA A 157 -14.97 -19.63 4.63
CA ALA A 157 -16.22 -18.90 4.85
C ALA A 157 -16.77 -19.17 6.25
N LEU A 158 -17.16 -18.10 6.95
CA LEU A 158 -17.92 -18.15 8.19
C LEU A 158 -19.25 -17.47 7.89
N GLY A 159 -20.36 -18.16 8.16
CA GLY A 159 -21.67 -17.59 7.86
C GLY A 159 -22.77 -18.04 8.79
N VAL A 160 -23.98 -17.55 8.53
CA VAL A 160 -25.13 -17.92 9.36
C VAL A 160 -26.31 -18.24 8.45
N LEU A 161 -27.17 -19.13 8.94
CA LEU A 161 -28.40 -19.45 8.22
C LEU A 161 -29.45 -18.37 8.43
N ARG A 162 -30.11 -18.00 7.34
CA ARG A 162 -31.14 -16.98 7.37
C ARG A 162 -32.37 -17.52 6.64
N THR A 163 -33.48 -16.78 6.75
CA THR A 163 -34.64 -17.01 5.90
C THR A 163 -35.01 -15.69 5.24
N SER A 164 -35.44 -15.74 3.99
CA SER A 164 -36.04 -14.57 3.37
C SER A 164 -37.45 -14.35 3.93
N ALA A 165 -38.07 -13.25 3.53
CA ALA A 165 -39.42 -12.93 4.03
C ALA A 165 -40.42 -14.04 3.70
N THR A 166 -40.24 -14.74 2.59
CA THR A 166 -41.09 -15.84 2.17
C THR A 166 -40.76 -17.16 2.84
N GLY A 167 -39.74 -17.17 3.70
CA GLY A 167 -39.35 -18.35 4.41
C GLY A 167 -38.33 -19.21 3.70
N ARG A 168 -37.79 -18.75 2.57
CA ARG A 168 -36.81 -19.54 1.82
C ARG A 168 -35.47 -19.50 2.50
N VAL A 169 -34.84 -20.66 2.61
CA VAL A 169 -33.52 -20.77 3.22
C VAL A 169 -32.51 -19.96 2.43
N PHE A 170 -31.62 -19.24 3.12
CA PHE A 170 -30.38 -18.86 2.46
C PHE A 170 -29.22 -18.88 3.45
N PHE A 171 -28.10 -19.40 2.97
CA PHE A 171 -26.83 -19.37 3.70
C PHE A 171 -26.17 -18.02 3.46
N SER A 172 -25.99 -17.24 4.52
CA SER A 172 -25.49 -15.85 4.48
C SER A 172 -24.06 -15.78 5.02
N THR A 173 -23.08 -15.73 4.13
CA THR A 173 -21.69 -15.68 4.58
C THR A 173 -21.35 -14.27 5.08
N LEU A 174 -20.67 -14.21 6.24
CA LEU A 174 -20.24 -12.97 6.88
C LEU A 174 -18.77 -12.66 6.63
N ARG A 175 -17.94 -13.69 6.58
CA ARG A 175 -16.51 -13.54 6.37
C ARG A 175 -16.12 -14.50 5.25
N SER A 176 -15.55 -13.95 4.18
CA SER A 176 -15.28 -14.70 2.96
C SER A 176 -13.86 -14.32 2.51
N ILE A 177 -12.91 -15.25 2.67
CA ILE A 177 -11.51 -14.92 2.42
C ILE A 177 -10.84 -16.02 1.59
N ASN A 178 -9.78 -15.63 0.89
CA ASN A 178 -8.79 -16.54 0.35
C ASN A 178 -7.58 -16.50 1.27
N LEU A 179 -7.19 -17.66 1.81
CA LEU A 179 -5.95 -17.81 2.58
C LEU A 179 -4.90 -18.32 1.61
N ASP A 180 -3.99 -17.44 1.21
CA ASP A 180 -3.02 -17.72 0.16
C ASP A 180 -1.70 -17.08 0.57
N ASP A 181 -0.74 -17.90 0.99
CA ASP A 181 0.59 -17.38 1.31
C ASP A 181 1.66 -18.32 0.76
N THR A 182 2.82 -18.40 1.40
CA THR A 182 3.84 -19.30 0.86
C THR A 182 3.61 -20.76 1.26
N GLN A 183 2.60 -21.05 2.07
CA GLN A 183 2.41 -22.37 2.66
C GLN A 183 1.36 -23.17 1.89
N ASN A 184 1.58 -24.47 1.76
CA ASN A 184 0.69 -25.33 0.98
C ASN A 184 -0.17 -26.19 1.92
N ARG A 185 -1.31 -25.62 2.33
CA ARG A 185 -2.25 -26.30 3.23
C ARG A 185 -3.17 -27.24 2.43
N LYS A 186 -3.20 -28.53 2.83
CA LYS A 186 -3.95 -29.55 2.10
C LYS A 186 -4.78 -30.41 3.03
N SER A 187 -5.85 -30.99 2.47
CA SER A 187 -6.71 -31.97 3.17
C SER A 187 -7.39 -31.34 4.39
N CYS A 188 -7.78 -30.08 4.27
CA CYS A 188 -8.25 -29.31 5.42
C CYS A 188 -9.67 -29.74 5.85
N SER A 189 -9.86 -29.79 7.17
CA SER A 189 -11.16 -29.96 7.82
C SER A 189 -11.49 -28.71 8.62
N VAL A 190 -12.78 -28.35 8.66
CA VAL A 190 -13.19 -27.21 9.47
C VAL A 190 -14.20 -27.65 10.52
N SER A 191 -14.32 -26.83 11.56
CA SER A 191 -15.31 -27.07 12.60
C SER A 191 -15.76 -25.75 13.18
N ALA A 192 -17.07 -25.63 13.42
CA ALA A 192 -17.65 -24.45 14.04
C ALA A 192 -17.46 -24.54 15.55
N THR A 193 -16.66 -23.63 16.11
CA THR A 193 -16.43 -23.60 17.54
C THR A 193 -16.97 -22.28 18.09
N PRO A 194 -17.07 -22.12 19.41
CA PRO A 194 -17.53 -20.82 19.94
C PRO A 194 -16.60 -19.66 19.61
N LEU A 195 -15.40 -19.91 19.10
CA LEU A 195 -14.50 -18.80 18.75
C LEU A 195 -14.45 -18.51 17.25
N GLY A 196 -15.11 -19.32 16.43
CA GLY A 196 -15.15 -19.06 15.00
C GLY A 196 -15.11 -20.35 14.22
N CYS A 197 -14.34 -20.35 13.13
CA CYS A 197 -14.21 -21.52 12.27
C CYS A 197 -12.81 -22.08 12.45
N ASP A 198 -12.71 -23.19 13.18
CA ASP A 198 -11.42 -23.82 13.39
C ASP A 198 -11.10 -24.71 12.20
N MET A 199 -9.83 -24.73 11.82
CA MET A 199 -9.38 -25.53 10.68
C MET A 199 -8.16 -26.33 11.07
N LEU A 200 -8.12 -27.60 10.64
CA LEU A 200 -6.93 -28.43 10.73
C LEU A 200 -6.48 -28.74 9.30
N CYS A 201 -5.21 -28.43 9.01
CA CYS A 201 -4.63 -28.67 7.70
C CYS A 201 -3.29 -29.35 7.85
N SER A 202 -2.91 -30.08 6.81
CA SER A 202 -1.51 -30.47 6.68
C SER A 202 -0.78 -29.41 5.87
N LYS A 203 0.44 -29.07 6.29
CA LYS A 203 1.30 -28.16 5.53
C LYS A 203 2.29 -29.06 4.80
N VAL A 204 2.06 -29.30 3.52
CA VAL A 204 2.85 -30.32 2.82
C VAL A 204 3.92 -29.66 1.98
N THR A 205 5.04 -30.37 1.84
CA THR A 205 6.16 -29.95 1.03
C THR A 205 6.54 -31.02 0.03
N GLU A 206 5.89 -32.19 0.07
CA GLU A 206 6.11 -33.28 -0.86
C GLU A 206 4.76 -33.97 -1.10
N THR A 207 4.70 -34.80 -2.13
CA THR A 207 3.46 -35.51 -2.41
C THR A 207 3.19 -36.55 -1.33
N GLU A 208 1.98 -37.11 -1.34
CA GLU A 208 1.63 -38.18 -0.42
C GLU A 208 2.57 -39.38 -0.60
N GLU A 209 2.81 -39.76 -1.85
CA GLU A 209 3.76 -40.83 -2.13
C GLU A 209 5.11 -40.57 -1.48
N GLU A 210 5.60 -39.33 -1.56
CA GLU A 210 6.92 -39.02 -1.02
C GLU A 210 6.92 -38.92 0.50
N ASP A 211 5.82 -38.43 1.09
CA ASP A 211 5.74 -38.35 2.54
C ASP A 211 5.78 -39.73 3.19
N TYR A 212 5.09 -40.72 2.61
CA TYR A 212 5.18 -42.08 3.16
C TYR A 212 6.61 -42.62 3.18
N LYS A 213 7.52 -42.02 2.42
CA LYS A 213 8.91 -42.48 2.37
C LYS A 213 9.86 -41.67 3.24
N SER A 214 9.45 -40.50 3.74
CA SER A 214 10.34 -39.71 4.58
C SER A 214 10.04 -40.00 6.06
N VAL A 215 11.09 -39.89 6.87
CA VAL A 215 10.98 -40.31 8.28
C VAL A 215 10.06 -39.36 9.06
N ALA A 216 10.22 -38.06 8.86
CA ALA A 216 9.44 -37.08 9.61
C ALA A 216 7.94 -37.22 9.31
N PRO A 217 7.08 -37.04 10.31
CA PRO A 217 5.65 -36.93 10.03
C PRO A 217 5.32 -35.65 9.28
N THR A 218 4.13 -35.62 8.70
CA THR A 218 3.67 -34.44 7.98
C THR A 218 3.45 -33.29 8.95
N SER A 219 3.84 -32.08 8.54
CA SER A 219 3.54 -30.90 9.33
C SER A 219 2.04 -30.64 9.34
N MET A 220 1.52 -30.15 10.46
CA MET A 220 0.10 -29.85 10.57
C MET A 220 -0.08 -28.52 11.30
N VAL A 221 -1.17 -27.82 10.96
CA VAL A 221 -1.44 -26.51 11.53
C VAL A 221 -2.89 -26.47 12.03
N HIS A 222 -3.09 -25.82 13.16
CA HIS A 222 -4.43 -25.52 13.66
C HIS A 222 -4.65 -24.02 13.52
N GLY A 223 -5.61 -23.64 12.69
CA GLY A 223 -5.93 -22.24 12.46
C GLY A 223 -7.37 -21.93 12.81
N ARG A 224 -7.71 -20.64 12.79
CA ARG A 224 -9.07 -20.22 13.09
C ARG A 224 -9.37 -18.94 12.34
N LEU A 225 -10.48 -18.92 11.60
CA LEU A 225 -11.04 -17.68 11.10
C LEU A 225 -12.02 -17.16 12.15
N GLY A 226 -11.75 -15.99 12.69
CA GLY A 226 -12.57 -15.45 13.75
C GLY A 226 -13.76 -14.68 13.22
N PHE A 227 -14.67 -14.37 14.14
CA PHE A 227 -15.83 -13.56 13.77
C PHE A 227 -15.41 -12.19 13.28
N ASP A 228 -14.21 -11.73 13.62
CA ASP A 228 -13.73 -10.43 13.14
C ASP A 228 -13.14 -10.51 11.73
N GLY A 229 -13.15 -11.69 11.11
CA GLY A 229 -12.59 -11.85 9.78
C GLY A 229 -11.10 -12.05 9.72
N GLN A 230 -10.40 -12.07 10.86
CA GLN A 230 -8.97 -12.31 10.90
C GLN A 230 -8.69 -13.80 11.08
N TYR A 231 -7.63 -14.27 10.43
CA TYR A 231 -7.23 -15.67 10.52
C TYR A 231 -5.90 -15.75 11.24
N HIS A 232 -5.82 -16.68 12.19
CA HIS A 232 -4.61 -16.93 12.97
C HIS A 232 -4.35 -18.43 12.94
N GLU A 233 -3.10 -18.83 13.13
CA GLU A 233 -2.82 -20.27 13.11
C GLU A 233 -1.55 -20.55 13.91
N LYS A 234 -1.40 -21.82 14.28
CA LYS A 234 -0.21 -22.28 14.99
C LYS A 234 0.12 -23.69 14.53
N ASP A 235 1.38 -23.90 14.18
CA ASP A 235 1.84 -25.23 13.81
C ASP A 235 1.78 -26.16 15.01
N LEU A 236 1.31 -27.39 14.80
CA LEU A 236 1.38 -28.40 15.83
C LEU A 236 2.80 -28.96 15.92
N ASP A 237 3.13 -29.49 17.10
CA ASP A 237 4.41 -30.16 17.32
C ASP A 237 4.29 -31.62 16.85
N THR A 238 4.25 -31.78 15.52
CA THR A 238 3.96 -33.10 14.97
C THR A 238 5.11 -34.09 15.20
N THR A 239 6.36 -33.61 15.28
CA THR A 239 7.45 -34.54 15.52
C THR A 239 7.24 -35.31 16.82
N VAL A 240 6.55 -34.69 17.78
CA VAL A 240 6.19 -35.36 19.03
C VAL A 240 4.81 -36.01 18.93
N LEU A 241 3.81 -35.21 18.54
CA LEU A 241 2.42 -35.67 18.55
C LEU A 241 2.21 -36.85 17.59
N PHE A 242 2.85 -36.80 16.42
CA PHE A 242 2.77 -37.87 15.42
C PHE A 242 4.10 -38.59 15.27
N LYS A 243 4.81 -38.78 16.38
CA LYS A 243 6.13 -39.37 16.38
C LYS A 243 6.20 -40.70 15.64
N ASP A 244 5.14 -41.51 15.74
CA ASP A 244 5.13 -42.85 15.16
C ASP A 244 4.57 -42.89 13.74
N TRP A 245 4.36 -41.74 13.11
CA TRP A 245 3.77 -41.68 11.78
C TRP A 245 4.78 -41.24 10.74
N VAL A 246 4.58 -41.69 9.50
CA VAL A 246 5.38 -41.23 8.38
C VAL A 246 4.58 -40.16 7.64
N ALA A 247 3.26 -40.22 7.73
CA ALA A 247 2.42 -39.26 7.03
C ALA A 247 1.09 -39.16 7.76
N ASN A 248 0.46 -38.00 7.65
CA ASN A 248 -0.71 -37.73 8.48
C ASN A 248 -1.44 -36.49 7.97
N TYR A 249 -2.76 -36.60 7.83
CA TYR A 249 -3.60 -35.59 7.19
C TYR A 249 -4.92 -35.50 7.94
N PRO A 250 -5.53 -34.32 7.97
CA PRO A 250 -6.91 -34.23 8.43
C PRO A 250 -7.80 -35.01 7.46
N GLY A 251 -8.98 -35.39 7.96
CA GLY A 251 -9.88 -36.28 7.21
C GLY A 251 -10.77 -35.63 6.18
N VAL A 252 -10.61 -34.31 5.94
CA VAL A 252 -11.38 -33.52 4.98
C VAL A 252 -12.79 -33.22 5.50
N GLY A 253 -13.52 -34.25 5.91
CA GLY A 253 -14.83 -34.00 6.50
C GLY A 253 -14.75 -33.14 7.75
N GLY A 254 -15.86 -32.47 8.08
CA GLY A 254 -15.85 -31.52 9.17
C GLY A 254 -15.49 -32.17 10.50
N GLY A 255 -14.92 -31.34 11.39
CA GLY A 255 -14.80 -31.71 12.78
C GLY A 255 -15.99 -31.24 13.59
N SER A 256 -15.95 -31.53 14.89
CA SER A 256 -17.08 -31.18 15.76
C SER A 256 -16.59 -30.68 17.11
N PHE A 257 -17.28 -29.65 17.62
CA PHE A 257 -17.03 -29.12 18.95
C PHE A 257 -17.80 -29.93 19.99
N ILE A 258 -17.07 -30.53 20.94
CA ILE A 258 -17.65 -31.37 21.98
C ILE A 258 -16.89 -31.13 23.26
N ASP A 259 -17.59 -30.74 24.32
CA ASP A 259 -17.00 -30.70 25.68
C ASP A 259 -15.71 -29.89 25.73
N ASP A 260 -15.78 -28.64 25.28
CA ASP A 260 -14.67 -27.68 25.33
C ASP A 260 -13.50 -28.01 24.40
N ARG A 261 -13.63 -29.01 23.54
CA ARG A 261 -12.58 -29.35 22.59
C ARG A 261 -13.16 -29.50 21.20
N VAL A 262 -12.33 -29.23 20.19
CA VAL A 262 -12.68 -29.49 18.80
C VAL A 262 -12.04 -30.83 18.42
N TRP A 263 -12.78 -31.63 17.64
CA TRP A 263 -12.43 -33.01 17.37
C TRP A 263 -12.39 -33.17 15.85
N PHE A 264 -11.26 -33.64 15.32
CA PHE A 264 -11.04 -33.75 13.88
C PHE A 264 -10.73 -35.19 13.50
N PRO A 265 -11.23 -35.67 12.36
CA PRO A 265 -10.78 -36.97 11.84
C PRO A 265 -9.39 -36.83 11.23
N VAL A 266 -8.55 -37.86 11.42
CA VAL A 266 -7.19 -37.85 10.91
C VAL A 266 -6.90 -39.23 10.32
N TYR A 267 -6.03 -39.27 9.31
CA TYR A 267 -5.55 -40.55 8.79
C TYR A 267 -4.14 -40.39 8.21
N GLY A 268 -3.46 -41.51 8.00
CA GLY A 268 -2.08 -41.46 7.56
C GLY A 268 -1.44 -42.83 7.63
N GLY A 269 -0.11 -42.81 7.58
CA GLY A 269 0.69 -44.02 7.61
C GLY A 269 1.56 -44.08 8.87
N LEU A 270 1.66 -45.27 9.45
CA LEU A 270 2.49 -45.49 10.62
C LEU A 270 3.90 -45.91 10.22
N LYS A 271 4.88 -45.46 10.99
CA LYS A 271 6.24 -45.96 10.89
C LYS A 271 6.22 -47.47 11.12
N PRO A 272 6.71 -48.28 10.19
CA PRO A 272 6.75 -49.73 10.43
C PRO A 272 7.57 -50.05 11.68
N ASN A 273 6.96 -50.83 12.56
CA ASN A 273 7.56 -51.38 13.78
C ASN A 273 7.63 -50.36 14.91
N SER A 274 7.06 -49.17 14.73
CA SER A 274 6.89 -48.24 15.83
C SER A 274 5.90 -48.82 16.84
N PRO A 275 5.85 -48.27 18.07
CA PRO A 275 4.87 -48.77 19.05
C PRO A 275 3.44 -48.69 18.56
N SER A 276 3.05 -47.60 17.89
CA SER A 276 1.70 -47.49 17.35
C SER A 276 1.45 -48.56 16.30
N ASP A 277 2.46 -48.88 15.49
CA ASP A 277 2.30 -49.89 14.45
C ASP A 277 2.17 -51.28 15.06
N THR A 278 3.03 -51.60 16.03
CA THR A 278 2.99 -52.91 16.66
C THR A 278 1.70 -53.12 17.43
N ALA A 279 1.13 -52.05 17.99
CA ALA A 279 -0.13 -52.13 18.74
C ALA A 279 -1.32 -52.49 17.84
N GLN A 280 -1.18 -52.41 16.52
CA GLN A 280 -2.19 -52.86 15.59
C GLN A 280 -1.85 -54.19 14.92
N GLU A 281 -0.72 -54.80 15.28
CA GLU A 281 -0.28 -56.04 14.65
C GLU A 281 -1.31 -57.14 14.87
N GLY A 282 -1.69 -57.82 13.80
CA GLY A 282 -2.69 -58.86 13.86
C GLY A 282 -4.11 -58.38 14.06
N LYS A 283 -4.34 -57.07 14.15
CA LYS A 283 -5.69 -56.56 14.33
C LYS A 283 -6.35 -56.29 12.99
N TYR A 284 -7.60 -56.70 12.88
CA TYR A 284 -8.38 -56.60 11.66
C TYR A 284 -9.85 -56.76 12.04
N VAL A 285 -10.73 -56.36 11.12
CA VAL A 285 -12.15 -56.65 11.26
C VAL A 285 -12.75 -56.86 9.87
N ILE A 286 -13.66 -57.82 9.76
CA ILE A 286 -14.33 -58.12 8.51
C ILE A 286 -15.79 -57.68 8.65
N TYR A 287 -16.18 -56.65 7.89
CA TYR A 287 -17.59 -56.28 7.78
C TYR A 287 -18.17 -56.87 6.50
N LYS A 288 -19.46 -57.18 6.55
CA LYS A 288 -20.10 -58.01 5.52
C LYS A 288 -21.29 -57.30 4.90
N ARG A 289 -21.61 -57.70 3.67
CA ARG A 289 -22.76 -57.18 2.96
C ARG A 289 -24.02 -57.90 3.41
N HIS A 290 -25.15 -57.19 3.34
CA HIS A 290 -26.43 -57.77 3.73
C HIS A 290 -26.84 -58.85 2.73
N ASN A 291 -27.09 -60.06 3.23
CA ASN A 291 -27.68 -61.13 2.43
C ASN A 291 -26.81 -61.47 1.22
N ASN A 292 -25.49 -61.36 1.42
CA ASN A 292 -24.56 -61.58 0.32
C ASN A 292 -23.22 -62.04 0.86
N THR A 293 -23.11 -63.32 1.19
CA THR A 293 -21.95 -63.83 1.89
C THR A 293 -20.77 -64.04 0.95
N CYS A 294 -19.59 -63.70 1.43
CA CYS A 294 -18.37 -63.96 0.67
C CYS A 294 -18.14 -65.46 0.58
N PRO A 295 -17.97 -66.02 -0.61
CA PRO A 295 -17.75 -67.47 -0.73
C PRO A 295 -16.34 -67.92 -0.39
N ASP A 296 -15.40 -67.00 -0.18
CA ASP A 296 -14.02 -67.37 0.10
C ASP A 296 -13.92 -68.14 1.42
N GLU A 297 -12.90 -68.98 1.54
CA GLU A 297 -12.71 -69.72 2.77
C GLU A 297 -12.20 -68.79 3.87
N GLN A 298 -12.49 -69.17 5.12
CA GLN A 298 -12.38 -68.22 6.22
C GLN A 298 -10.93 -67.75 6.40
N ASP A 299 -9.98 -68.69 6.36
CA ASP A 299 -8.59 -68.32 6.60
C ASP A 299 -8.08 -67.37 5.52
N TYR A 300 -8.54 -67.54 4.29
CA TYR A 300 -8.23 -66.60 3.22
C TYR A 300 -8.79 -65.21 3.51
N GLN A 301 -10.04 -65.14 3.97
CA GLN A 301 -10.65 -63.84 4.28
C GLN A 301 -9.85 -63.10 5.35
N ILE A 302 -9.42 -63.83 6.40
CA ILE A 302 -8.65 -63.21 7.47
C ILE A 302 -7.34 -62.64 6.94
N ARG A 303 -6.63 -63.40 6.11
CA ARG A 303 -5.39 -62.92 5.53
C ARG A 303 -5.63 -61.68 4.65
N MET A 304 -6.71 -61.69 3.86
CA MET A 304 -7.01 -60.53 3.02
C MET A 304 -7.36 -59.33 3.88
N ALA A 305 -8.11 -59.54 4.96
CA ALA A 305 -8.51 -58.44 5.82
C ALA A 305 -7.30 -57.79 6.49
N LYS A 306 -6.37 -58.60 6.98
CA LYS A 306 -5.13 -58.06 7.55
C LYS A 306 -4.35 -57.30 6.49
N SER A 307 -4.25 -57.86 5.28
CA SER A 307 -3.50 -57.19 4.23
C SER A 307 -4.14 -55.86 3.84
N SER A 308 -5.44 -55.70 4.08
CA SER A 308 -6.14 -54.48 3.68
C SER A 308 -5.62 -53.24 4.41
N TYR A 309 -4.99 -53.42 5.57
CA TYR A 309 -4.45 -52.27 6.30
C TYR A 309 -3.08 -51.85 5.79
N LYS A 310 -2.46 -52.65 4.92
CA LYS A 310 -1.15 -52.35 4.36
C LYS A 310 -1.24 -52.43 2.84
N PRO A 311 -1.88 -51.45 2.21
CA PRO A 311 -2.06 -51.51 0.75
C PRO A 311 -0.74 -51.30 0.03
N GLY A 312 -0.71 -51.79 -1.22
CA GLY A 312 0.52 -51.79 -1.99
C GLY A 312 0.99 -50.42 -2.46
N ARG A 313 0.07 -49.47 -2.61
CA ARG A 313 0.42 -48.15 -3.14
C ARG A 313 1.61 -47.53 -2.41
N PHE A 314 1.63 -47.61 -1.07
CA PHE A 314 2.69 -47.02 -0.28
C PHE A 314 3.66 -48.07 0.28
N GLY A 315 3.83 -49.17 -0.45
CA GLY A 315 4.86 -50.13 -0.11
C GLY A 315 4.62 -50.93 1.15
N GLY A 316 3.36 -51.12 1.55
CA GLY A 316 3.04 -51.99 2.66
C GLY A 316 3.08 -51.34 4.02
N LYS A 317 3.09 -50.01 4.09
CA LYS A 317 2.98 -49.35 5.38
C LYS A 317 1.54 -49.36 5.85
N ARG A 318 1.34 -49.42 7.17
CA ARG A 318 -0.01 -49.46 7.71
C ARG A 318 -0.67 -48.08 7.60
N VAL A 319 -1.83 -48.04 6.97
CA VAL A 319 -2.59 -46.81 6.80
C VAL A 319 -3.71 -46.83 7.82
N GLN A 320 -3.73 -45.83 8.69
CA GLN A 320 -4.37 -45.94 10.00
C GLN A 320 -5.33 -44.78 10.23
N GLN A 321 -6.46 -45.09 10.88
CA GLN A 321 -7.45 -44.09 11.29
C GLN A 321 -7.13 -43.54 12.68
N ALA A 322 -7.38 -42.24 12.86
CA ALA A 322 -7.19 -41.65 14.18
C ALA A 322 -8.15 -40.48 14.34
N ILE A 323 -8.17 -39.92 15.54
CA ILE A 323 -8.98 -38.76 15.89
C ILE A 323 -8.09 -37.83 16.70
N LEU A 324 -8.09 -36.55 16.35
CA LEU A 324 -7.32 -35.56 17.08
C LEU A 324 -8.27 -34.59 17.78
N SER A 325 -8.07 -34.38 19.08
CA SER A 325 -8.82 -33.36 19.80
C SER A 325 -7.88 -32.24 20.24
N ILE A 326 -8.36 -31.01 20.16
CA ILE A 326 -7.62 -29.82 20.57
C ILE A 326 -8.51 -28.99 21.48
N LYS A 327 -7.94 -28.47 22.56
CA LYS A 327 -8.68 -27.56 23.43
C LYS A 327 -8.96 -26.27 22.67
N VAL A 328 -10.20 -25.79 22.76
CA VAL A 328 -10.56 -24.55 22.07
C VAL A 328 -10.21 -23.38 22.98
N SER A 329 -9.38 -22.48 22.47
CA SER A 329 -8.80 -21.42 23.29
C SER A 329 -8.31 -20.31 22.36
N THR A 330 -8.14 -19.12 22.92
CA THR A 330 -7.45 -18.06 22.17
C THR A 330 -6.05 -18.50 21.77
N SER A 331 -5.49 -19.50 22.44
CA SER A 331 -4.22 -20.10 22.05
C SER A 331 -4.49 -21.28 21.12
N LEU A 332 -4.14 -21.13 19.85
CA LEU A 332 -4.34 -22.19 18.88
C LEU A 332 -3.38 -23.35 19.14
N GLY A 333 -3.83 -24.56 18.82
CA GLY A 333 -3.01 -25.74 19.03
C GLY A 333 -2.82 -26.13 20.48
N LYS A 334 -3.72 -25.70 21.37
CA LYS A 334 -3.56 -25.95 22.80
C LYS A 334 -3.89 -27.41 23.14
N ASP A 335 -2.94 -28.09 23.78
CA ASP A 335 -3.15 -29.40 24.37
C ASP A 335 -3.74 -30.44 23.40
N PRO A 336 -3.14 -30.63 22.23
CA PRO A 336 -3.67 -31.64 21.30
C PRO A 336 -3.44 -33.05 21.84
N VAL A 337 -4.40 -33.93 21.61
CA VAL A 337 -4.32 -35.33 22.04
C VAL A 337 -4.83 -36.21 20.90
N LEU A 338 -4.05 -37.22 20.55
CA LEU A 338 -4.41 -38.13 19.46
C LEU A 338 -5.00 -39.43 20.01
N THR A 339 -6.11 -39.87 19.43
CA THR A 339 -6.71 -41.16 19.73
C THR A 339 -6.50 -42.10 18.54
N ILE A 340 -5.96 -43.28 18.78
CA ILE A 340 -5.86 -44.26 17.71
C ILE A 340 -6.76 -45.44 18.06
N PRO A 341 -7.90 -45.60 17.41
CA PRO A 341 -8.79 -46.73 17.75
C PRO A 341 -8.20 -48.04 17.28
N PRO A 342 -8.58 -49.16 17.91
CA PRO A 342 -8.04 -50.45 17.47
C PRO A 342 -8.67 -50.87 16.17
N ASN A 343 -7.87 -51.58 15.34
CA ASN A 343 -8.36 -52.02 14.04
C ASN A 343 -9.19 -53.29 14.11
N THR A 344 -9.53 -53.76 15.30
CA THR A 344 -10.65 -54.68 15.43
C THR A 344 -11.99 -53.97 15.31
N ILE A 345 -11.97 -52.63 15.27
CA ILE A 345 -13.17 -51.84 15.01
C ILE A 345 -13.07 -51.11 13.68
N THR A 346 -12.00 -50.33 13.47
CA THR A 346 -11.89 -49.53 12.26
C THR A 346 -11.25 -50.32 11.12
N LEU A 347 -11.69 -50.01 9.89
CA LEU A 347 -11.00 -50.45 8.70
C LEU A 347 -9.81 -49.53 8.42
N MET A 348 -9.12 -49.80 7.30
CA MET A 348 -7.97 -49.01 6.86
C MET A 348 -8.26 -47.52 6.96
N GLY A 349 -7.28 -46.76 7.47
CA GLY A 349 -7.40 -45.32 7.58
C GLY A 349 -7.83 -44.62 6.30
N ALA A 350 -8.69 -43.60 6.44
CA ALA A 350 -9.26 -42.92 5.28
C ALA A 350 -9.77 -41.56 5.72
N GLU A 351 -10.20 -40.77 4.74
CA GLU A 351 -10.89 -39.53 5.07
C GLU A 351 -12.14 -39.84 5.91
N GLY A 352 -12.66 -38.80 6.58
CA GLY A 352 -13.81 -39.01 7.44
C GLY A 352 -14.36 -37.71 7.98
N ARG A 353 -15.24 -37.83 8.97
CA ARG A 353 -15.93 -36.68 9.55
C ARG A 353 -16.38 -37.05 10.96
N ILE A 354 -16.28 -36.08 11.89
CA ILE A 354 -16.87 -36.21 13.22
C ILE A 354 -18.21 -35.49 13.19
N LEU A 355 -19.29 -36.24 13.46
CA LEU A 355 -20.65 -35.71 13.44
C LEU A 355 -21.21 -35.69 14.84
N THR A 356 -21.94 -34.62 15.17
CA THR A 356 -22.69 -34.53 16.41
C THR A 356 -24.14 -34.25 16.06
N VAL A 357 -25.04 -35.15 16.45
CA VAL A 357 -26.47 -35.03 16.17
C VAL A 357 -27.21 -35.39 17.46
N GLY A 358 -27.89 -34.42 18.05
CA GLY A 358 -28.44 -34.64 19.38
C GLY A 358 -27.30 -34.84 20.37
N THR A 359 -27.41 -35.88 21.19
CA THR A 359 -26.34 -36.22 22.12
C THR A 359 -25.42 -37.31 21.58
N SER A 360 -25.65 -37.76 20.36
CA SER A 360 -24.81 -38.81 19.76
C SER A 360 -23.69 -38.18 18.94
N HIS A 361 -22.52 -38.82 18.99
CA HIS A 361 -21.45 -38.47 18.08
C HIS A 361 -21.09 -39.68 17.22
N PHE A 362 -20.63 -39.41 16.00
CA PHE A 362 -20.25 -40.47 15.08
C PHE A 362 -19.00 -40.10 14.32
N LEU A 363 -18.24 -41.12 13.94
CA LEU A 363 -17.16 -40.97 12.97
C LEU A 363 -17.61 -41.60 11.66
N TYR A 364 -17.76 -40.77 10.62
CA TYR A 364 -17.88 -41.31 9.29
C TYR A 364 -16.49 -41.64 8.78
N GLN A 365 -16.34 -42.79 8.13
CA GLN A 365 -15.07 -43.14 7.53
C GLN A 365 -15.32 -43.50 6.06
N ARG A 366 -14.64 -42.79 5.16
CA ARG A 366 -14.76 -43.06 3.74
C ARG A 366 -14.43 -44.52 3.45
N GLY A 367 -15.14 -45.11 2.50
CA GLY A 367 -14.86 -46.50 2.15
C GLY A 367 -13.71 -46.62 1.16
N SER A 368 -12.49 -46.29 1.61
CA SER A 368 -11.34 -46.38 0.73
C SER A 368 -10.83 -47.79 0.55
N SER A 369 -11.26 -48.72 1.39
CA SER A 369 -10.80 -50.10 1.35
C SER A 369 -11.84 -50.99 0.66
N TYR A 370 -11.97 -52.24 1.10
CA TYR A 370 -12.82 -53.20 0.39
C TYR A 370 -14.31 -53.02 0.69
N PHE A 371 -14.67 -52.26 1.71
CA PHE A 371 -16.06 -52.22 2.18
C PHE A 371 -16.79 -51.03 1.59
N SER A 372 -17.89 -51.31 0.91
CA SER A 372 -18.64 -50.35 0.12
C SER A 372 -19.74 -49.59 0.86
N PRO A 373 -20.57 -50.24 1.68
CA PRO A 373 -21.65 -49.50 2.36
C PRO A 373 -21.15 -48.37 3.25
N ALA A 374 -21.93 -47.29 3.30
CA ALA A 374 -21.54 -46.16 4.13
C ALA A 374 -21.48 -46.57 5.60
N LEU A 375 -20.45 -46.07 6.29
CA LEU A 375 -20.12 -46.47 7.65
C LEU A 375 -20.26 -45.29 8.59
N LEU A 376 -20.91 -45.50 9.73
CA LEU A 376 -20.90 -44.53 10.83
C LEU A 376 -20.56 -45.28 12.10
N TYR A 377 -19.39 -44.99 12.68
CA TYR A 377 -19.01 -45.55 13.97
C TYR A 377 -19.56 -44.68 15.09
N PRO A 378 -20.41 -45.20 15.98
CA PRO A 378 -20.76 -44.44 17.19
C PRO A 378 -19.49 -44.06 17.94
N MET A 379 -19.48 -42.85 18.49
CA MET A 379 -18.29 -42.31 19.12
C MET A 379 -18.69 -41.73 20.48
N THR A 380 -17.98 -42.13 21.53
CA THR A 380 -18.18 -41.56 22.85
C THR A 380 -16.92 -40.80 23.24
N VAL A 381 -17.10 -39.65 23.87
CA VAL A 381 -16.00 -38.80 24.29
C VAL A 381 -15.77 -39.06 25.78
N ASN A 382 -14.52 -39.36 26.13
CA ASN A 382 -14.20 -39.64 27.52
C ASN A 382 -13.77 -38.35 28.18
N ASN A 383 -12.51 -37.97 28.03
CA ASN A 383 -12.10 -36.62 28.39
C ASN A 383 -11.48 -35.96 27.17
N LYS A 384 -10.20 -36.24 26.91
CA LYS A 384 -9.51 -35.76 25.74
C LYS A 384 -9.39 -36.83 24.65
N THR A 385 -9.83 -38.05 24.92
CA THR A 385 -9.80 -39.16 23.97
C THR A 385 -11.22 -39.61 23.64
N ALA A 386 -11.33 -40.37 22.55
CA ALA A 386 -12.59 -40.90 22.07
C ALA A 386 -12.54 -42.42 22.04
N THR A 387 -13.73 -43.02 22.12
CA THR A 387 -13.91 -44.47 22.00
C THR A 387 -14.90 -44.74 20.89
N LEU A 388 -14.54 -45.63 19.96
CA LEU A 388 -15.45 -45.98 18.89
C LEU A 388 -16.14 -47.32 19.18
N HIS A 389 -17.28 -47.53 18.54
CA HIS A 389 -18.04 -48.76 18.68
C HIS A 389 -18.36 -49.33 17.31
N SER A 390 -18.90 -50.55 17.29
CA SER A 390 -19.22 -51.23 16.04
C SER A 390 -20.13 -50.32 15.19
N PRO A 391 -19.86 -50.20 13.89
CA PRO A 391 -20.52 -49.18 13.08
C PRO A 391 -21.94 -49.53 12.65
N TYR A 392 -22.75 -48.49 12.45
CA TYR A 392 -23.91 -48.59 11.59
C TYR A 392 -23.46 -48.67 10.13
N THR A 393 -24.14 -49.51 9.34
CA THR A 393 -23.84 -49.65 7.92
C THR A 393 -25.12 -49.53 7.10
N PHE A 394 -25.00 -48.95 5.91
CA PHE A 394 -26.18 -48.68 5.08
C PHE A 394 -25.93 -49.33 3.73
N ASN A 395 -26.55 -50.49 3.53
CA ASN A 395 -26.09 -51.43 2.50
C ASN A 395 -26.33 -50.90 1.09
N ALA A 396 -27.35 -50.08 0.89
CA ALA A 396 -27.62 -49.51 -0.43
C ALA A 396 -26.86 -48.22 -0.69
N PHE A 397 -26.29 -47.59 0.34
CA PHE A 397 -25.46 -46.39 0.21
C PHE A 397 -24.04 -46.84 -0.14
N THR A 398 -23.88 -47.30 -1.37
CA THR A 398 -22.58 -47.76 -1.84
C THR A 398 -21.78 -46.58 -2.41
N ARG A 399 -20.53 -46.86 -2.79
CA ARG A 399 -19.70 -45.91 -3.51
C ARG A 399 -18.94 -46.68 -4.60
N PRO A 400 -18.65 -46.02 -5.71
CA PRO A 400 -17.87 -46.69 -6.77
C PRO A 400 -16.45 -46.95 -6.32
N GLY A 401 -15.86 -48.03 -6.83
CA GLY A 401 -14.47 -48.32 -6.55
C GLY A 401 -13.90 -49.20 -7.63
N SER A 402 -12.57 -49.25 -7.71
CA SER A 402 -11.99 -50.11 -8.73
C SER A 402 -11.98 -51.55 -8.23
N VAL A 403 -12.08 -52.49 -9.17
CA VAL A 403 -12.05 -53.92 -8.87
C VAL A 403 -10.78 -54.27 -8.12
N PRO A 404 -10.81 -55.10 -7.06
CA PRO A 404 -11.96 -55.88 -6.57
C PRO A 404 -12.75 -55.23 -5.43
N CYS A 405 -12.66 -53.91 -5.30
CA CYS A 405 -13.35 -53.18 -4.24
C CYS A 405 -14.43 -52.26 -4.83
N GLN A 406 -15.20 -52.78 -5.79
CA GLN A 406 -16.23 -51.99 -6.45
C GLN A 406 -17.47 -51.89 -5.55
N ALA A 407 -18.50 -51.21 -6.06
CA ALA A 407 -19.67 -50.91 -5.22
C ALA A 407 -20.35 -52.16 -4.70
N SER A 408 -20.34 -53.25 -5.47
CA SER A 408 -21.03 -54.46 -5.08
C SER A 408 -20.10 -55.47 -4.42
N ALA A 409 -18.89 -55.06 -4.06
CA ALA A 409 -17.92 -55.98 -3.48
C ALA A 409 -18.44 -56.52 -2.16
N ARG A 410 -18.05 -57.75 -1.86
CA ARG A 410 -18.52 -58.45 -0.66
C ARG A 410 -17.41 -59.17 0.09
N CYS A 411 -16.16 -59.15 -0.42
CA CYS A 411 -15.10 -59.90 0.22
C CYS A 411 -13.98 -58.97 0.66
N PRO A 412 -13.31 -59.29 1.77
CA PRO A 412 -12.10 -58.53 2.14
C PRO A 412 -11.07 -58.58 1.02
N ASN A 413 -10.38 -57.45 0.83
CA ASN A 413 -9.33 -57.32 -0.18
C ASN A 413 -8.52 -56.09 0.17
N SER A 414 -7.44 -55.85 -0.58
CA SER A 414 -6.53 -54.74 -0.31
C SER A 414 -6.59 -53.77 -1.48
N CYS A 415 -6.87 -52.50 -1.19
CA CYS A 415 -7.06 -51.47 -2.21
C CYS A 415 -7.08 -50.11 -1.53
N ILE A 416 -6.82 -49.07 -2.32
CA ILE A 416 -7.11 -47.70 -1.93
C ILE A 416 -7.94 -47.09 -3.05
N THR A 417 -9.24 -46.94 -2.81
CA THR A 417 -10.12 -46.49 -3.86
C THR A 417 -11.32 -45.79 -3.21
N GLY A 418 -12.50 -45.88 -3.81
CA GLY A 418 -13.65 -45.24 -3.22
C GLY A 418 -13.66 -43.72 -3.41
N VAL A 419 -14.52 -43.08 -2.62
CA VAL A 419 -14.78 -41.64 -2.75
C VAL A 419 -15.48 -41.15 -1.49
N TYR A 420 -15.22 -39.90 -1.08
CA TYR A 420 -15.87 -39.35 0.11
C TYR A 420 -17.33 -38.99 -0.21
N THR A 421 -18.29 -39.70 0.42
CA THR A 421 -19.70 -39.33 0.28
C THR A 421 -20.37 -39.64 1.62
N ASP A 422 -20.60 -38.60 2.46
CA ASP A 422 -20.93 -39.02 3.83
C ASP A 422 -22.44 -39.13 4.05
N PRO A 423 -22.85 -39.84 5.12
CA PRO A 423 -24.28 -39.94 5.44
C PRO A 423 -24.63 -39.14 6.69
N TYR A 424 -25.71 -38.34 6.64
CA TYR A 424 -26.06 -37.53 7.80
C TYR A 424 -27.14 -38.24 8.61
N PRO A 425 -26.93 -38.50 9.90
CA PRO A 425 -27.98 -39.14 10.72
C PRO A 425 -29.26 -38.31 10.76
N LEU A 426 -30.38 -38.95 10.38
CA LEU A 426 -31.62 -38.25 10.07
C LEU A 426 -32.81 -38.76 10.90
N ILE A 427 -32.98 -40.07 10.98
CA ILE A 427 -34.17 -40.68 11.56
C ILE A 427 -33.73 -41.58 12.70
N PHE A 428 -34.38 -41.43 13.86
CA PHE A 428 -33.97 -42.04 15.12
C PHE A 428 -35.15 -42.71 15.80
N HIS A 429 -34.89 -43.85 16.46
CA HIS A 429 -35.80 -44.39 17.45
C HIS A 429 -35.90 -43.45 18.65
N ARG A 430 -36.96 -43.64 19.42
CA ARG A 430 -37.15 -42.83 20.63
C ARG A 430 -36.07 -43.09 21.66
N ASN A 431 -35.42 -44.26 21.61
CA ASN A 431 -34.29 -44.56 22.49
C ASN A 431 -32.94 -44.10 21.92
N HIS A 432 -32.95 -43.31 20.83
CA HIS A 432 -31.82 -42.65 20.16
C HIS A 432 -31.00 -43.56 19.26
N THR A 433 -31.33 -44.85 19.14
CA THR A 433 -30.69 -45.69 18.15
C THR A 433 -30.97 -45.13 16.76
N LEU A 434 -29.92 -45.00 15.95
CA LEU A 434 -30.09 -44.44 14.61
C LEU A 434 -30.79 -45.43 13.68
N ARG A 435 -31.69 -44.92 12.85
CA ARG A 435 -32.44 -45.72 11.88
C ARG A 435 -32.15 -45.34 10.44
N GLY A 436 -32.01 -44.05 10.14
CA GLY A 436 -31.90 -43.60 8.76
C GLY A 436 -30.95 -42.43 8.62
N VAL A 437 -30.33 -42.34 7.44
CA VAL A 437 -29.42 -41.26 7.10
C VAL A 437 -29.86 -40.66 5.77
N PHE A 438 -29.47 -39.40 5.55
CA PHE A 438 -29.55 -38.80 4.23
C PHE A 438 -28.15 -38.69 3.65
N GLY A 439 -28.03 -38.88 2.34
CA GLY A 439 -26.76 -38.60 1.70
C GLY A 439 -26.95 -38.50 0.21
N THR A 440 -25.88 -38.06 -0.45
CA THR A 440 -25.83 -38.09 -1.92
C THR A 440 -24.74 -39.08 -2.31
N MET A 441 -25.16 -40.21 -2.89
CA MET A 441 -24.23 -41.26 -3.29
C MET A 441 -23.86 -41.08 -4.75
N LEU A 442 -22.72 -41.63 -5.13
CA LEU A 442 -22.38 -41.75 -6.54
C LEU A 442 -22.90 -43.11 -6.97
N ASP A 443 -23.91 -43.11 -7.84
CA ASP A 443 -24.64 -44.35 -8.15
C ASP A 443 -24.05 -45.04 -9.37
N ASP A 444 -22.86 -45.61 -9.17
CA ASP A 444 -22.16 -46.35 -10.21
C ASP A 444 -21.29 -47.38 -9.51
N GLU A 445 -20.98 -48.47 -10.23
CA GLU A 445 -20.19 -49.55 -9.64
C GLU A 445 -18.72 -49.18 -9.50
N GLN A 446 -18.16 -48.51 -10.51
CA GLN A 446 -16.71 -48.39 -10.59
C GLN A 446 -16.24 -46.96 -10.86
N ALA A 447 -17.05 -46.13 -11.50
CA ALA A 447 -16.63 -44.79 -11.89
C ALA A 447 -17.35 -43.74 -11.06
N ARG A 448 -16.71 -42.58 -10.90
CA ARG A 448 -17.28 -41.50 -10.12
C ARG A 448 -18.30 -40.78 -11.01
N LEU A 449 -19.53 -41.30 -10.98
CA LEU A 449 -20.61 -40.89 -11.88
C LEU A 449 -21.92 -40.89 -11.12
N ASN A 450 -22.83 -40.01 -11.54
CA ASN A 450 -24.26 -40.12 -11.23
C ASN A 450 -24.60 -39.87 -9.77
N PRO A 451 -24.44 -38.64 -9.30
CA PRO A 451 -24.81 -38.31 -7.94
C PRO A 451 -26.33 -38.40 -7.76
N VAL A 452 -26.74 -39.05 -6.68
CA VAL A 452 -28.15 -39.33 -6.41
C VAL A 452 -28.40 -39.09 -4.93
N SER A 453 -29.34 -38.20 -4.60
CA SER A 453 -29.66 -37.90 -3.20
C SER A 453 -30.81 -38.79 -2.74
N ALA A 454 -30.72 -39.29 -1.50
CA ALA A 454 -31.74 -40.21 -1.02
C ALA A 454 -31.65 -40.37 0.49
N VAL A 455 -32.68 -41.00 1.05
CA VAL A 455 -32.71 -41.47 2.45
C VAL A 455 -32.45 -42.97 2.46
N PHE A 456 -31.63 -43.44 3.40
CA PHE A 456 -31.22 -44.83 3.46
C PHE A 456 -31.46 -45.38 4.85
N ASP A 457 -31.84 -46.66 4.93
CA ASP A 457 -31.77 -47.37 6.20
C ASP A 457 -30.69 -48.45 6.09
N ASN A 458 -30.75 -49.47 6.94
CA ASN A 458 -29.66 -50.43 6.97
C ASN A 458 -29.57 -51.24 5.67
N ILE A 459 -30.65 -51.37 4.90
CA ILE A 459 -30.63 -52.19 3.71
C ILE A 459 -31.20 -51.52 2.47
N SER A 460 -31.96 -50.42 2.59
CA SER A 460 -32.76 -49.93 1.47
C SER A 460 -32.48 -48.46 1.20
N ARG A 461 -33.05 -47.99 0.10
CA ARG A 461 -32.91 -46.63 -0.37
C ARG A 461 -34.28 -46.10 -0.76
N SER A 462 -34.55 -44.85 -0.41
CA SER A 462 -35.80 -44.20 -0.78
C SER A 462 -35.83 -43.84 -2.26
N ARG A 463 -36.98 -43.35 -2.69
CA ARG A 463 -37.08 -42.56 -3.91
C ARG A 463 -35.98 -41.50 -3.92
N VAL A 464 -35.39 -41.26 -5.11
CA VAL A 464 -34.19 -40.44 -5.19
C VAL A 464 -34.46 -39.12 -5.90
N THR A 465 -33.52 -38.19 -5.74
CA THR A 465 -33.46 -36.98 -6.54
C THR A 465 -32.11 -36.95 -7.21
N ARG A 466 -32.09 -36.66 -8.53
CA ARG A 466 -30.88 -36.71 -9.33
C ARG A 466 -30.51 -35.33 -9.85
N VAL A 467 -29.21 -35.06 -9.88
CA VAL A 467 -28.70 -33.87 -10.57
C VAL A 467 -29.10 -33.90 -12.04
N SER A 468 -28.97 -35.04 -12.68
CA SER A 468 -29.27 -35.13 -14.10
C SER A 468 -29.75 -36.52 -14.43
N SER A 469 -30.64 -36.60 -15.43
CA SER A 469 -30.99 -37.88 -16.00
C SER A 469 -29.94 -38.39 -16.96
N SER A 470 -28.94 -37.58 -17.29
CA SER A 470 -27.84 -38.03 -18.14
C SER A 470 -26.66 -38.41 -17.26
N SER A 471 -25.79 -39.27 -17.80
CA SER A 471 -24.63 -39.69 -17.04
C SER A 471 -23.76 -38.47 -16.75
N THR A 472 -23.41 -38.28 -15.48
CA THR A 472 -22.72 -37.05 -15.10
C THR A 472 -21.60 -37.37 -14.12
N LYS A 473 -20.40 -36.86 -14.41
CA LYS A 473 -19.26 -37.04 -13.51
C LYS A 473 -19.46 -36.21 -12.24
N ALA A 474 -19.02 -36.76 -11.10
CA ALA A 474 -19.07 -36.09 -9.81
C ALA A 474 -17.97 -36.66 -8.93
N ALA A 475 -17.82 -36.10 -7.73
CA ALA A 475 -16.85 -36.67 -6.77
C ALA A 475 -17.35 -36.57 -5.33
N TYR A 476 -16.64 -35.82 -4.46
CA TYR A 476 -16.99 -35.79 -3.03
C TYR A 476 -18.38 -35.20 -2.80
N THR A 477 -19.09 -35.74 -1.78
CA THR A 477 -20.30 -35.08 -1.27
C THR A 477 -20.28 -35.08 0.26
N THR A 478 -20.74 -33.98 0.85
CA THR A 478 -20.89 -33.92 2.30
C THR A 478 -22.23 -33.27 2.60
N SER A 479 -23.01 -33.91 3.47
CA SER A 479 -24.41 -33.57 3.69
C SER A 479 -24.63 -33.21 5.15
N THR A 480 -25.49 -32.22 5.38
CA THR A 480 -25.89 -31.78 6.71
C THR A 480 -27.37 -31.42 6.66
N CYS A 481 -28.13 -31.87 7.65
CA CYS A 481 -29.57 -31.58 7.64
C CYS A 481 -29.95 -30.70 8.83
N PHE A 482 -31.03 -29.95 8.66
CA PHE A 482 -31.49 -28.99 9.66
C PHE A 482 -32.98 -28.76 9.43
N LYS A 483 -33.61 -28.04 10.36
CA LYS A 483 -35.03 -27.74 10.27
C LYS A 483 -35.23 -26.24 10.38
N VAL A 484 -36.00 -25.65 9.46
CA VAL A 484 -36.58 -24.35 9.71
C VAL A 484 -37.79 -24.57 10.60
N VAL A 485 -37.65 -24.29 11.90
CA VAL A 485 -38.74 -24.55 12.84
C VAL A 485 -39.94 -23.67 12.50
N LYS A 486 -39.67 -22.43 12.08
CA LYS A 486 -40.73 -21.47 11.80
C LYS A 486 -41.67 -21.97 10.71
N THR A 487 -41.15 -22.66 9.70
CA THR A 487 -41.99 -23.17 8.61
C THR A 487 -42.29 -24.67 8.73
N ASN A 488 -41.78 -25.33 9.76
CA ASN A 488 -41.97 -26.76 9.95
C ASN A 488 -41.46 -27.58 8.76
N LYS A 489 -40.29 -27.21 8.25
CA LYS A 489 -39.71 -27.90 7.10
C LYS A 489 -38.30 -28.35 7.43
N ALA A 490 -38.04 -29.63 7.22
CA ALA A 490 -36.69 -30.18 7.37
C ALA A 490 -36.00 -30.19 6.02
N TYR A 491 -34.73 -29.79 6.02
CA TYR A 491 -33.92 -29.69 4.81
C TYR A 491 -32.63 -30.46 4.98
N CYS A 492 -32.08 -30.92 3.85
CA CYS A 492 -30.74 -31.48 3.84
C CYS A 492 -29.95 -30.76 2.78
N LEU A 493 -28.84 -30.16 3.20
CA LEU A 493 -27.84 -29.60 2.31
C LEU A 493 -26.89 -30.70 1.88
N SER A 494 -26.60 -30.77 0.58
CA SER A 494 -25.64 -31.74 0.07
C SER A 494 -24.63 -31.01 -0.81
N ILE A 495 -23.43 -30.82 -0.29
CA ILE A 495 -22.37 -30.12 -0.99
C ILE A 495 -21.65 -31.15 -1.83
N ALA A 496 -21.67 -30.96 -3.15
CA ALA A 496 -21.22 -32.00 -4.07
C ALA A 496 -20.25 -31.43 -5.09
N GLU A 497 -19.12 -32.10 -5.28
CA GLU A 497 -18.23 -31.79 -6.39
C GLU A 497 -18.88 -32.32 -7.66
N ILE A 498 -19.29 -31.43 -8.57
CA ILE A 498 -19.93 -31.83 -9.81
C ILE A 498 -19.04 -31.43 -10.98
N SER A 499 -19.03 -32.28 -12.00
CA SER A 499 -18.37 -31.96 -13.25
C SER A 499 -18.79 -30.58 -13.76
N ASN A 500 -17.81 -29.83 -14.28
CA ASN A 500 -18.10 -28.53 -14.86
C ASN A 500 -17.76 -28.50 -16.35
N THR A 501 -18.38 -27.55 -17.05
CA THR A 501 -17.94 -27.16 -18.37
C THR A 501 -17.36 -25.74 -18.32
N LEU A 502 -16.43 -25.47 -19.24
CA LEU A 502 -15.82 -24.16 -19.47
C LEU A 502 -14.87 -23.71 -18.36
N PHE A 503 -15.25 -23.87 -17.10
CA PHE A 503 -14.53 -23.32 -15.95
C PHE A 503 -14.00 -24.45 -15.06
N GLY A 504 -12.92 -25.09 -15.49
CA GLY A 504 -12.24 -26.08 -14.67
C GLY A 504 -12.93 -27.45 -14.62
N GLU A 505 -12.34 -28.35 -13.83
CA GLU A 505 -12.82 -29.73 -13.77
C GLU A 505 -14.09 -29.85 -12.94
N PHE A 506 -14.18 -29.13 -11.84
CA PHE A 506 -15.28 -29.27 -10.88
C PHE A 506 -15.89 -27.93 -10.55
N ARG A 507 -17.20 -27.95 -10.26
CA ARG A 507 -17.85 -26.92 -9.48
C ARG A 507 -18.40 -27.58 -8.22
N ILE A 508 -18.22 -26.94 -7.09
CA ILE A 508 -18.73 -27.47 -5.82
C ILE A 508 -20.10 -26.83 -5.60
N VAL A 509 -21.15 -27.64 -5.67
CA VAL A 509 -22.53 -27.15 -5.68
C VAL A 509 -23.18 -27.48 -4.33
N PRO A 510 -23.73 -26.49 -3.63
CA PRO A 510 -24.53 -26.81 -2.44
C PRO A 510 -25.95 -27.14 -2.83
N LEU A 511 -26.28 -28.44 -2.93
CA LEU A 511 -27.61 -28.89 -3.29
C LEU A 511 -28.51 -28.86 -2.07
N LEU A 512 -29.78 -28.47 -2.25
CA LEU A 512 -30.71 -28.39 -1.12
C LEU A 512 -32.00 -29.14 -1.43
N VAL A 513 -32.42 -30.02 -0.52
CA VAL A 513 -33.68 -30.75 -0.63
C VAL A 513 -34.48 -30.53 0.64
N GLU A 514 -35.78 -30.59 0.49
CA GLU A 514 -36.69 -30.74 1.61
C GLU A 514 -37.01 -32.22 1.83
N ILE A 515 -37.01 -32.66 3.09
CA ILE A 515 -37.36 -34.04 3.42
C ILE A 515 -38.88 -34.17 3.53
N LEU A 516 -39.45 -35.04 2.71
CA LEU A 516 -40.88 -35.26 2.58
C LEU A 516 -41.22 -36.67 3.08
N LYS A 517 -42.52 -36.93 3.23
CA LYS A 517 -42.99 -38.25 3.64
C LYS A 517 -44.09 -38.73 2.71
N ASP A 518 -43.99 -39.98 2.26
CA ASP A 518 -44.98 -40.50 1.30
C ASP A 518 -46.35 -40.66 1.96
N ASP A 519 -46.45 -41.53 2.95
CA ASP A 519 -47.73 -41.83 3.61
C ASP A 519 -48.79 -42.31 2.61
N GLY B 72 -22.79 -4.33 12.63
CA GLY B 72 -21.96 -3.12 12.63
C GLY B 72 -22.36 -2.10 11.59
N CYS B 73 -23.00 -1.01 12.04
CA CYS B 73 -23.58 -0.03 11.13
C CYS B 73 -22.53 0.86 10.44
N GLY B 74 -21.26 0.78 10.82
CA GLY B 74 -20.24 1.62 10.22
C GLY B 74 -19.70 1.05 8.91
N ALA B 75 -19.19 1.95 8.06
CA ALA B 75 -18.81 1.59 6.70
C ALA B 75 -17.49 0.80 6.69
N PRO B 76 -17.37 -0.21 5.80
CA PRO B 76 -16.09 -0.89 5.61
C PRO B 76 -15.19 -0.16 4.61
N VAL B 77 -14.07 -0.79 4.25
CA VAL B 77 -13.14 -0.20 3.29
C VAL B 77 -12.34 -1.32 2.64
N HIS B 78 -12.02 -1.12 1.36
CA HIS B 78 -11.11 -2.01 0.65
C HIS B 78 -9.78 -2.12 1.38
N ASP B 79 -9.04 -3.19 1.07
CA ASP B 79 -7.70 -3.32 1.62
C ASP B 79 -6.84 -2.12 1.23
N PRO B 80 -5.82 -1.80 2.04
CA PRO B 80 -5.01 -0.60 1.74
C PRO B 80 -4.34 -0.63 0.36
N ASP B 81 -4.06 -1.83 -0.19
CA ASP B 81 -3.46 -1.95 -1.51
C ASP B 81 -4.25 -1.27 -2.63
N TYR B 82 -5.55 -0.99 -2.41
CA TYR B 82 -6.42 -0.44 -3.44
C TYR B 82 -6.62 1.06 -3.33
N ILE B 83 -6.32 1.66 -2.18
CA ILE B 83 -6.62 3.07 -1.98
C ILE B 83 -5.81 3.91 -2.95
N GLY B 84 -6.51 4.76 -3.71
CA GLY B 84 -5.93 5.46 -4.83
C GLY B 84 -6.13 4.77 -6.16
N GLY B 85 -6.65 3.55 -6.17
CA GLY B 85 -6.80 2.81 -7.40
C GLY B 85 -8.23 2.46 -7.80
N ILE B 86 -9.22 3.06 -7.15
CA ILE B 86 -10.62 2.77 -7.42
C ILE B 86 -11.26 4.00 -8.04
N GLY B 87 -11.97 3.80 -9.14
CA GLY B 87 -12.76 4.85 -9.76
C GLY B 87 -11.95 5.95 -10.39
N LYS B 88 -10.70 5.68 -10.72
CA LYS B 88 -9.80 6.69 -11.27
C LYS B 88 -9.53 6.39 -12.74
N GLU B 89 -8.92 7.38 -13.41
CA GLU B 89 -8.36 7.15 -14.73
C GLU B 89 -7.17 6.22 -14.61
N LEU B 90 -7.30 5.00 -15.15
CA LEU B 90 -6.33 3.95 -14.86
C LEU B 90 -5.02 4.14 -15.62
N ILE B 91 -5.11 4.51 -16.90
CA ILE B 91 -3.94 4.66 -17.78
C ILE B 91 -4.05 6.04 -18.42
N VAL B 92 -3.12 6.92 -18.09
CA VAL B 92 -3.08 8.27 -18.65
C VAL B 92 -1.89 8.29 -19.59
N ASP B 93 -2.16 8.30 -20.89
CA ASP B 93 -1.13 8.10 -21.91
C ASP B 93 -1.53 8.83 -23.19
N ASP B 94 -0.73 9.81 -23.59
CA ASP B 94 -1.05 10.62 -24.77
C ASP B 94 -0.53 10.02 -26.08
N ILE B 95 0.41 9.09 -26.02
CA ILE B 95 1.24 8.75 -27.17
C ILE B 95 1.06 7.30 -27.62
N SER B 96 0.94 6.38 -26.68
CA SER B 96 0.87 4.97 -27.03
C SER B 96 -0.40 4.66 -27.82
N ASP B 97 -0.28 3.75 -28.79
CA ASP B 97 -1.45 3.20 -29.45
C ASP B 97 -2.33 2.50 -28.43
N VAL B 98 -3.62 2.85 -28.43
CA VAL B 98 -4.53 2.30 -27.43
C VAL B 98 -4.52 0.78 -27.46
N THR B 99 -4.55 0.19 -28.66
CA THR B 99 -4.66 -1.25 -28.76
C THR B 99 -3.34 -1.98 -28.54
N SER B 100 -2.27 -1.28 -28.16
CA SER B 100 -1.10 -1.96 -27.63
C SER B 100 -1.31 -2.43 -26.20
N PHE B 101 -2.35 -1.93 -25.54
CA PHE B 101 -2.81 -2.50 -24.28
C PHE B 101 -3.79 -3.61 -24.59
N TYR B 102 -3.70 -4.71 -23.84
CA TYR B 102 -4.51 -5.88 -24.12
C TYR B 102 -4.72 -6.65 -22.83
N PRO B 103 -5.76 -7.49 -22.75
CA PRO B 103 -5.99 -8.24 -21.52
C PRO B 103 -5.15 -9.50 -21.47
N SER B 104 -4.76 -9.85 -20.25
CA SER B 104 -4.14 -11.13 -19.96
C SER B 104 -5.16 -12.26 -20.15
N ALA B 105 -4.69 -13.50 -20.00
CA ALA B 105 -5.58 -14.63 -19.78
C ALA B 105 -6.46 -14.36 -18.57
N TYR B 106 -7.62 -15.02 -18.48
CA TYR B 106 -8.44 -14.88 -17.27
C TYR B 106 -7.72 -15.42 -16.05
N GLN B 107 -7.93 -14.77 -14.91
CA GLN B 107 -7.20 -15.06 -13.68
C GLN B 107 -8.13 -15.63 -12.62
N GLU B 108 -7.65 -16.62 -11.87
CA GLU B 108 -8.45 -17.15 -10.77
C GLU B 108 -8.53 -16.13 -9.66
N HIS B 109 -9.73 -15.96 -9.13
CA HIS B 109 -9.95 -15.17 -7.96
C HIS B 109 -11.22 -15.73 -7.32
N LEU B 110 -11.69 -15.04 -6.30
CA LEU B 110 -12.84 -15.51 -5.52
C LEU B 110 -14.13 -15.14 -6.23
N ASN B 111 -14.84 -16.14 -6.76
CA ASN B 111 -16.09 -15.89 -7.46
C ASN B 111 -17.15 -15.52 -6.45
N PHE B 112 -17.52 -14.24 -6.40
CA PHE B 112 -18.46 -13.74 -5.41
C PHE B 112 -19.91 -13.78 -5.88
N ILE B 113 -20.18 -14.40 -7.03
CA ILE B 113 -21.50 -14.36 -7.64
C ILE B 113 -22.12 -15.75 -7.54
N PRO B 114 -23.24 -15.92 -6.83
CA PRO B 114 -23.86 -17.25 -6.73
C PRO B 114 -24.34 -17.77 -8.07
N ALA B 115 -24.02 -19.04 -8.36
CA ALA B 115 -24.52 -19.81 -9.49
C ALA B 115 -25.82 -20.53 -9.10
N PRO B 116 -26.65 -20.92 -10.06
CA PRO B 116 -27.86 -21.68 -9.72
C PRO B 116 -27.54 -23.03 -9.10
N THR B 117 -28.50 -23.57 -8.35
CA THR B 117 -28.34 -24.86 -7.72
C THR B 117 -29.44 -25.84 -8.13
N THR B 118 -30.25 -25.50 -9.13
CA THR B 118 -31.28 -26.39 -9.63
C THR B 118 -31.24 -26.37 -11.15
N GLY B 119 -31.90 -27.36 -11.76
CA GLY B 119 -31.87 -27.47 -13.20
C GLY B 119 -32.53 -26.34 -13.95
N SER B 120 -33.57 -25.74 -13.38
CA SER B 120 -34.29 -24.69 -14.10
C SER B 120 -34.05 -23.29 -13.55
N GLY B 121 -33.24 -23.14 -12.50
CA GLY B 121 -33.12 -21.84 -11.86
C GLY B 121 -32.46 -20.81 -12.77
N CYS B 122 -33.02 -19.61 -12.79
CA CYS B 122 -32.61 -18.54 -13.68
C CYS B 122 -31.96 -17.44 -12.86
N THR B 123 -30.65 -17.26 -13.02
CA THR B 123 -29.96 -16.09 -12.47
C THR B 123 -29.55 -15.21 -13.63
N ARG B 124 -30.06 -13.97 -13.66
CA ARG B 124 -29.82 -13.08 -14.78
C ARG B 124 -29.85 -11.62 -14.34
N ILE B 125 -29.42 -10.75 -15.25
CA ILE B 125 -29.56 -9.30 -15.13
C ILE B 125 -28.62 -8.79 -14.03
N PRO B 126 -27.30 -8.92 -14.20
CA PRO B 126 -26.36 -8.41 -13.19
C PRO B 126 -26.28 -6.88 -13.19
N SER B 127 -26.08 -6.31 -12.00
CA SER B 127 -25.76 -4.89 -11.88
C SER B 127 -24.64 -4.73 -10.87
N PHE B 128 -23.70 -3.82 -11.15
CA PHE B 128 -22.50 -3.75 -10.32
C PHE B 128 -22.00 -2.31 -10.29
N ASP B 129 -21.62 -1.84 -9.10
CA ASP B 129 -21.04 -0.50 -8.99
C ASP B 129 -20.07 -0.51 -7.82
N MET B 130 -18.97 0.22 -7.95
CA MET B 130 -17.97 0.14 -6.88
C MET B 130 -17.45 1.54 -6.57
N SER B 131 -17.52 1.90 -5.30
CA SER B 131 -17.00 3.17 -4.82
C SER B 131 -15.63 2.97 -4.20
N THR B 132 -15.02 4.08 -3.77
CA THR B 132 -13.73 4.02 -3.10
C THR B 132 -13.78 3.31 -1.75
N THR B 133 -14.97 2.90 -1.28
CA THR B 133 -15.03 2.16 -0.03
C THR B 133 -15.59 0.74 -0.18
N HIS B 134 -16.48 0.49 -1.13
CA HIS B 134 -17.14 -0.82 -1.18
C HIS B 134 -17.76 -1.05 -2.55
N TYR B 135 -18.02 -2.32 -2.86
CA TYR B 135 -18.74 -2.64 -4.08
C TYR B 135 -20.14 -3.13 -3.72
N CYS B 136 -21.03 -3.03 -4.71
CA CYS B 136 -22.42 -3.48 -4.65
C CYS B 136 -22.70 -4.35 -5.86
N TYR B 137 -23.43 -5.44 -5.65
CA TYR B 137 -23.76 -6.39 -6.71
C TYR B 137 -25.17 -6.91 -6.52
N THR B 138 -25.93 -7.01 -7.60
CA THR B 138 -27.21 -7.68 -7.51
C THR B 138 -27.50 -8.41 -8.82
N HIS B 139 -28.34 -9.45 -8.72
CA HIS B 139 -28.96 -10.03 -9.91
C HIS B 139 -30.31 -10.61 -9.53
N ASN B 140 -31.12 -10.86 -10.57
CA ASN B 140 -32.48 -11.35 -10.42
C ASN B 140 -32.52 -12.87 -10.47
N VAL B 141 -33.39 -13.48 -9.66
CA VAL B 141 -33.54 -14.93 -9.61
C VAL B 141 -34.99 -15.31 -9.87
N ILE B 142 -35.20 -16.22 -10.82
CA ILE B 142 -36.50 -16.81 -11.06
C ILE B 142 -36.39 -18.33 -10.93
N LEU B 143 -37.28 -18.95 -10.15
CA LEU B 143 -37.10 -20.37 -9.87
C LEU B 143 -37.35 -21.26 -11.09
N SER B 144 -38.26 -20.88 -11.98
CA SER B 144 -38.73 -21.84 -12.99
C SER B 144 -38.21 -21.58 -14.40
N GLY B 145 -37.31 -20.64 -14.59
CA GLY B 145 -36.89 -20.33 -15.95
C GLY B 145 -36.84 -18.84 -16.18
N CYS B 146 -36.16 -18.40 -17.24
CA CYS B 146 -35.78 -16.99 -17.30
C CYS B 146 -36.89 -16.06 -17.76
N ARG B 147 -37.68 -16.44 -18.75
CA ARG B 147 -38.69 -15.53 -19.25
C ARG B 147 -40.03 -15.69 -18.53
N ASP B 148 -40.12 -16.65 -17.61
CA ASP B 148 -41.30 -16.82 -16.78
C ASP B 148 -41.70 -15.47 -16.19
N HIS B 149 -42.79 -14.90 -16.68
CA HIS B 149 -43.33 -13.67 -16.11
C HIS B 149 -44.08 -14.09 -14.86
N SER B 150 -43.41 -13.95 -13.73
CA SER B 150 -43.76 -14.64 -12.50
C SER B 150 -43.09 -13.91 -11.35
N HIS B 151 -43.18 -14.49 -10.17
CA HIS B 151 -42.46 -13.90 -9.06
C HIS B 151 -40.97 -14.12 -9.25
N SER B 152 -40.19 -13.26 -8.61
CA SER B 152 -38.75 -13.34 -8.70
C SER B 152 -38.18 -12.76 -7.42
N HIS B 153 -36.90 -13.01 -7.17
CA HIS B 153 -36.25 -12.32 -6.07
C HIS B 153 -34.89 -11.82 -6.51
N GLN B 154 -34.23 -11.05 -5.64
CA GLN B 154 -32.93 -10.48 -5.96
C GLN B 154 -31.90 -10.98 -4.97
N TYR B 155 -30.74 -11.37 -5.50
CA TYR B 155 -29.56 -11.54 -4.66
C TYR B 155 -28.86 -10.19 -4.53
N LEU B 156 -28.47 -9.83 -3.30
CA LEU B 156 -27.76 -8.57 -3.08
C LEU B 156 -26.48 -8.85 -2.31
N ALA B 157 -25.40 -8.21 -2.73
CA ALA B 157 -24.14 -8.34 -2.01
C ALA B 157 -23.47 -6.98 -1.87
N LEU B 158 -22.92 -6.74 -0.68
CA LEU B 158 -22.09 -5.57 -0.39
C LEU B 158 -20.75 -6.12 0.07
N GLY B 159 -19.66 -5.67 -0.54
CA GLY B 159 -18.37 -6.20 -0.16
C GLY B 159 -17.24 -5.22 -0.35
N VAL B 160 -16.01 -5.68 -0.13
CA VAL B 160 -14.82 -4.86 -0.32
C VAL B 160 -13.77 -5.68 -1.05
N LEU B 161 -12.90 -4.99 -1.77
CA LEU B 161 -11.76 -5.62 -2.42
C LEU B 161 -10.66 -5.89 -1.39
N ARG B 162 -10.03 -7.06 -1.53
CA ARG B 162 -8.99 -7.51 -0.63
C ARG B 162 -7.82 -8.06 -1.43
N THR B 163 -6.67 -8.19 -0.77
CA THR B 163 -5.57 -8.98 -1.31
C THR B 163 -5.18 -10.04 -0.30
N SER B 164 -4.80 -11.21 -0.81
CA SER B 164 -4.23 -12.23 0.06
C SER B 164 -2.77 -11.87 0.37
N ALA B 165 -2.13 -12.72 1.18
CA ALA B 165 -0.73 -12.53 1.52
C ALA B 165 0.17 -12.56 0.30
N THR B 166 -0.22 -13.28 -0.75
CA THR B 166 0.56 -13.30 -1.99
C THR B 166 0.30 -12.08 -2.87
N GLY B 167 -0.65 -11.24 -2.49
CA GLY B 167 -1.07 -10.14 -3.33
C GLY B 167 -2.22 -10.46 -4.27
N ARG B 168 -2.71 -11.71 -4.29
CA ARG B 168 -3.79 -12.05 -5.21
C ARG B 168 -5.07 -11.32 -4.83
N VAL B 169 -5.71 -10.73 -5.85
CA VAL B 169 -6.99 -10.04 -5.66
C VAL B 169 -8.07 -11.01 -5.21
N PHE B 170 -8.89 -10.60 -4.24
CA PHE B 170 -10.18 -11.27 -4.05
C PHE B 170 -11.27 -10.31 -3.57
N PHE B 171 -12.48 -10.54 -4.07
CA PHE B 171 -13.66 -9.79 -3.70
C PHE B 171 -14.23 -10.45 -2.45
N SER B 172 -14.31 -9.69 -1.35
CA SER B 172 -14.74 -10.22 -0.06
C SER B 172 -16.11 -9.65 0.29
N THR B 173 -17.15 -10.46 0.15
CA THR B 173 -18.50 -10.00 0.47
C THR B 173 -18.73 -10.00 1.97
N LEU B 174 -19.32 -8.91 2.48
CA LEU B 174 -19.62 -8.76 3.89
C LEU B 174 -21.10 -8.94 4.21
N ARG B 175 -21.98 -8.54 3.30
CA ARG B 175 -23.41 -8.76 3.45
C ARG B 175 -23.92 -9.46 2.18
N SER B 176 -24.57 -10.61 2.37
CA SER B 176 -24.97 -11.50 1.27
C SER B 176 -26.38 -11.96 1.60
N ILE B 177 -27.39 -11.41 0.90
CA ILE B 177 -28.78 -11.70 1.23
C ILE B 177 -29.59 -12.02 -0.02
N ASN B 178 -30.67 -12.77 0.18
CA ASN B 178 -31.73 -12.86 -0.81
C ASN B 178 -32.86 -11.96 -0.36
N LEU B 179 -33.27 -11.05 -1.24
CA LEU B 179 -34.43 -10.18 -1.00
C LEU B 179 -35.60 -10.83 -1.73
N ASP B 180 -36.44 -11.54 -0.97
CA ASP B 180 -37.50 -12.38 -1.54
C ASP B 180 -38.74 -12.20 -0.67
N ASP B 181 -39.69 -11.42 -1.17
CA ASP B 181 -40.89 -11.10 -0.40
C ASP B 181 -42.10 -11.03 -1.31
N THR B 182 -43.11 -10.24 -0.94
CA THR B 182 -44.32 -10.22 -1.76
C THR B 182 -44.19 -9.36 -3.01
N GLN B 183 -43.06 -8.69 -3.23
CA GLN B 183 -42.90 -7.72 -4.31
C GLN B 183 -42.03 -8.28 -5.42
N ASN B 184 -42.40 -7.97 -6.67
CA ASN B 184 -41.68 -8.48 -7.84
C ASN B 184 -40.80 -7.36 -8.41
N ARG B 185 -39.57 -7.30 -7.91
CA ARG B 185 -38.61 -6.28 -8.33
C ARG B 185 -37.84 -6.77 -9.56
N LYS B 186 -37.86 -5.95 -10.62
CA LYS B 186 -37.29 -6.28 -11.91
C LYS B 186 -36.43 -5.14 -12.43
N SER B 187 -35.47 -5.48 -13.28
CA SER B 187 -34.66 -4.51 -14.02
C SER B 187 -33.85 -3.60 -13.08
N CYS B 188 -33.34 -4.19 -12.00
CA CYS B 188 -32.77 -3.41 -10.91
C CYS B 188 -31.36 -2.94 -11.23
N SER B 189 -31.08 -1.68 -10.91
CA SER B 189 -29.74 -1.11 -10.96
C SER B 189 -29.27 -0.82 -9.53
N VAL B 190 -27.98 -0.99 -9.29
CA VAL B 190 -27.42 -0.77 -7.96
C VAL B 190 -26.32 0.29 -8.04
N SER B 191 -26.09 0.98 -6.93
CA SER B 191 -25.05 2.00 -6.88
C SER B 191 -24.46 2.07 -5.48
N ALA B 192 -23.14 2.18 -5.41
CA ALA B 192 -22.42 2.28 -4.14
C ALA B 192 -22.49 3.73 -3.63
N THR B 193 -23.21 3.94 -2.51
CA THR B 193 -23.33 5.27 -1.93
C THR B 193 -22.73 5.28 -0.53
N PRO B 194 -22.51 6.45 0.09
CA PRO B 194 -21.96 6.49 1.44
C PRO B 194 -22.82 5.83 2.51
N LEU B 195 -24.05 5.41 2.18
CA LEU B 195 -24.91 4.72 3.14
C LEU B 195 -25.06 3.23 2.83
N GLY B 196 -24.48 2.74 1.75
CA GLY B 196 -24.54 1.32 1.45
C GLY B 196 -24.70 1.01 -0.02
N CYS B 197 -25.61 0.09 -0.34
CA CYS B 197 -25.91 -0.28 -1.72
C CYS B 197 -27.33 0.17 -2.06
N ASP B 198 -27.41 1.24 -2.83
CA ASP B 198 -28.69 1.78 -3.26
C ASP B 198 -29.18 1.00 -4.48
N MET B 199 -30.49 0.74 -4.51
CA MET B 199 -31.08 -0.02 -5.61
C MET B 199 -32.29 0.71 -6.17
N LEU B 200 -32.38 0.76 -7.49
CA LEU B 200 -33.58 1.26 -8.16
C LEU B 200 -34.19 0.10 -8.95
N CYS B 201 -35.43 -0.21 -8.64
CA CYS B 201 -36.12 -1.34 -9.27
C CYS B 201 -37.47 -0.88 -9.77
N SER B 202 -37.96 -1.57 -10.80
CA SER B 202 -39.38 -1.55 -11.07
C SER B 202 -40.08 -2.65 -10.28
N LYS B 203 -41.30 -2.39 -9.85
CA LYS B 203 -42.15 -3.38 -9.19
C LYS B 203 -43.22 -3.74 -10.19
N VAL B 204 -43.13 -4.93 -10.80
CA VAL B 204 -43.89 -5.20 -12.01
C VAL B 204 -45.02 -6.19 -11.72
N THR B 205 -46.20 -5.84 -12.21
CA THR B 205 -47.37 -6.68 -12.19
C THR B 205 -47.91 -6.97 -13.58
N GLU B 206 -47.28 -6.43 -14.62
CA GLU B 206 -47.65 -6.67 -16.02
C GLU B 206 -46.38 -6.83 -16.83
N THR B 207 -46.48 -7.61 -17.90
CA THR B 207 -45.38 -7.69 -18.84
C THR B 207 -45.13 -6.32 -19.45
N GLU B 208 -43.92 -6.14 -19.99
CA GLU B 208 -43.59 -4.90 -20.66
C GLU B 208 -44.60 -4.58 -21.75
N GLU B 209 -45.04 -5.60 -22.49
CA GLU B 209 -46.02 -5.41 -23.55
C GLU B 209 -47.35 -4.90 -23.01
N GLU B 210 -47.82 -5.46 -21.89
CA GLU B 210 -49.05 -4.95 -21.28
C GLU B 210 -48.84 -3.54 -20.72
N ASP B 211 -47.66 -3.28 -20.15
CA ASP B 211 -47.37 -2.01 -19.52
C ASP B 211 -47.47 -0.85 -20.51
N TYR B 212 -46.94 -1.02 -21.72
CA TYR B 212 -47.01 0.03 -22.72
C TYR B 212 -48.44 0.31 -23.15
N LYS B 213 -49.37 -0.61 -22.91
CA LYS B 213 -50.75 -0.43 -23.30
C LYS B 213 -51.63 0.15 -22.20
N SER B 214 -51.14 0.20 -20.95
CA SER B 214 -51.92 0.75 -19.85
C SER B 214 -51.47 2.17 -19.51
N VAL B 215 -52.42 3.01 -19.10
CA VAL B 215 -52.14 4.43 -18.99
C VAL B 215 -51.20 4.73 -17.81
N ALA B 216 -51.29 3.95 -16.73
CA ALA B 216 -50.48 4.22 -15.56
C ALA B 216 -48.99 3.96 -15.83
N PRO B 217 -48.09 4.74 -15.23
CA PRO B 217 -46.67 4.40 -15.31
C PRO B 217 -46.35 3.18 -14.46
N THR B 218 -45.16 2.65 -14.69
CA THR B 218 -44.69 1.50 -13.90
C THR B 218 -44.35 1.94 -12.48
N SER B 219 -44.70 1.11 -11.50
CA SER B 219 -44.26 1.34 -10.13
C SER B 219 -42.75 1.20 -10.04
N MET B 220 -42.12 2.05 -9.21
CA MET B 220 -40.69 2.02 -8.98
C MET B 220 -40.41 2.17 -7.50
N VAL B 221 -39.29 1.59 -7.06
CA VAL B 221 -38.89 1.62 -5.66
C VAL B 221 -37.42 1.96 -5.56
N HIS B 222 -37.07 2.76 -4.55
CA HIS B 222 -35.68 3.05 -4.22
C HIS B 222 -35.38 2.31 -2.93
N GLY B 223 -34.45 1.36 -2.99
CA GLY B 223 -34.08 0.55 -1.85
C GLY B 223 -32.62 0.74 -1.47
N ARG B 224 -32.25 0.22 -0.30
CA ARG B 224 -30.85 0.29 0.13
C ARG B 224 -30.52 -0.83 1.09
N LEU B 225 -29.50 -1.60 0.75
CA LEU B 225 -28.86 -2.52 1.69
C LEU B 225 -27.81 -1.75 2.45
N GLY B 226 -28.01 -1.59 3.77
CA GLY B 226 -27.06 -0.86 4.59
C GLY B 226 -25.88 -1.72 4.99
N PHE B 227 -24.85 -1.05 5.54
CA PHE B 227 -23.66 -1.76 6.00
C PHE B 227 -23.98 -2.71 7.15
N ASP B 228 -25.07 -2.48 7.87
CA ASP B 228 -25.52 -3.41 8.91
C ASP B 228 -26.23 -4.63 8.32
N GLY B 229 -26.38 -4.72 7.01
CA GLY B 229 -27.03 -5.87 6.40
C GLY B 229 -28.54 -5.83 6.33
N GLN B 230 -29.17 -4.73 6.71
CA GLN B 230 -30.62 -4.58 6.64
C GLN B 230 -31.01 -3.86 5.35
N TYR B 231 -32.15 -4.24 4.80
CA TYR B 231 -32.69 -3.62 3.59
C TYR B 231 -33.93 -2.82 3.95
N HIS B 232 -34.02 -1.60 3.41
CA HIS B 232 -35.17 -0.72 3.56
C HIS B 232 -35.44 -0.09 2.21
N GLU B 233 -36.69 0.31 1.97
CA GLU B 233 -37.04 0.81 0.65
C GLU B 233 -38.25 1.73 0.73
N LYS B 234 -38.38 2.59 -0.28
CA LYS B 234 -39.51 3.50 -0.39
C LYS B 234 -40.00 3.49 -1.82
N ASP B 235 -41.30 3.26 -2.02
CA ASP B 235 -41.89 3.40 -3.34
C ASP B 235 -41.88 4.85 -3.81
N LEU B 236 -41.51 5.08 -5.06
CA LEU B 236 -41.54 6.42 -5.62
C LEU B 236 -42.96 6.79 -6.05
N ASP B 237 -43.23 8.10 -6.13
CA ASP B 237 -44.54 8.58 -6.55
C ASP B 237 -44.56 8.68 -8.09
N THR B 238 -44.59 7.50 -8.72
CA THR B 238 -44.47 7.43 -10.18
C THR B 238 -45.66 8.06 -10.89
N THR B 239 -46.84 8.08 -10.25
CA THR B 239 -47.99 8.73 -10.86
C THR B 239 -47.70 10.20 -11.13
N VAL B 240 -46.91 10.84 -10.28
CA VAL B 240 -46.46 12.21 -10.51
C VAL B 240 -45.14 12.19 -11.27
N LEU B 241 -44.13 11.53 -10.70
CA LEU B 241 -42.77 11.58 -11.24
C LEU B 241 -42.73 11.15 -12.70
N PHE B 242 -43.49 10.11 -13.06
CA PHE B 242 -43.52 9.61 -14.43
C PHE B 242 -44.88 9.82 -15.09
N LYS B 243 -45.53 10.96 -14.77
CA LYS B 243 -46.86 11.27 -15.29
C LYS B 243 -46.95 11.11 -16.80
N ASP B 244 -45.90 11.48 -17.53
CA ASP B 244 -45.92 11.48 -18.99
C ASP B 244 -45.48 10.14 -19.59
N TRP B 245 -45.49 9.06 -18.81
CA TRP B 245 -44.93 7.79 -19.23
C TRP B 245 -45.97 6.69 -19.14
N VAL B 246 -45.92 5.73 -20.08
CA VAL B 246 -46.77 4.54 -19.98
C VAL B 246 -46.02 3.35 -19.38
N ALA B 247 -44.69 3.34 -19.47
CA ALA B 247 -43.86 2.29 -18.92
C ALA B 247 -42.50 2.90 -18.65
N ASN B 248 -41.83 2.39 -17.62
CA ASN B 248 -40.59 3.02 -17.18
C ASN B 248 -39.80 2.09 -16.26
N TYR B 249 -38.52 1.90 -16.54
CA TYR B 249 -37.70 0.92 -15.85
C TYR B 249 -36.32 1.49 -15.61
N PRO B 250 -35.63 1.05 -14.55
CA PRO B 250 -34.21 1.36 -14.43
C PRO B 250 -33.42 0.63 -15.51
N GLY B 251 -32.22 1.13 -15.77
CA GLY B 251 -31.49 0.67 -16.93
C GLY B 251 -30.59 -0.53 -16.72
N VAL B 252 -30.70 -1.22 -15.59
CA VAL B 252 -29.94 -2.43 -15.24
C VAL B 252 -28.49 -2.13 -14.91
N GLY B 253 -27.79 -1.41 -15.78
CA GLY B 253 -26.41 -1.05 -15.47
C GLY B 253 -26.33 -0.21 -14.21
N GLY B 254 -25.16 -0.26 -13.56
CA GLY B 254 -25.00 0.45 -12.31
C GLY B 254 -25.32 1.94 -12.35
N GLY B 255 -25.80 2.48 -11.22
CA GLY B 255 -25.87 3.92 -11.05
C GLY B 255 -24.59 4.45 -10.44
N SER B 256 -24.57 5.76 -10.21
CA SER B 256 -23.37 6.39 -9.67
C SER B 256 -23.72 7.46 -8.64
N PHE B 257 -22.90 7.56 -7.61
CA PHE B 257 -23.00 8.60 -6.59
C PHE B 257 -22.22 9.83 -7.04
N ILE B 258 -22.92 10.96 -7.19
CA ILE B 258 -22.30 12.19 -7.67
C ILE B 258 -22.94 13.37 -6.94
N ASP B 259 -22.12 14.16 -6.25
CA ASP B 259 -22.56 15.44 -5.67
C ASP B 259 -23.79 15.28 -4.78
N ASP B 260 -23.72 14.37 -3.82
CA ASP B 260 -24.75 14.11 -2.80
C ASP B 260 -25.96 13.35 -3.33
N ARG B 261 -26.00 12.99 -4.61
CA ARG B 261 -27.15 12.29 -5.14
C ARG B 261 -26.70 11.02 -5.85
N VAL B 262 -27.60 10.06 -5.90
CA VAL B 262 -27.38 8.84 -6.66
C VAL B 262 -28.11 8.99 -7.98
N TRP B 263 -27.44 8.61 -9.07
CA TRP B 263 -27.90 8.82 -10.44
C TRP B 263 -28.03 7.48 -11.12
N PHE B 264 -29.21 7.21 -11.71
CA PHE B 264 -29.57 5.93 -12.29
C PHE B 264 -30.02 6.09 -13.74
N PRO B 265 -29.64 5.18 -14.63
CA PRO B 265 -30.23 5.20 -15.97
C PRO B 265 -31.67 4.71 -15.93
N VAL B 266 -32.49 5.27 -16.81
CA VAL B 266 -33.90 4.93 -16.89
C VAL B 266 -34.31 4.90 -18.36
N TYR B 267 -35.26 4.03 -18.70
CA TYR B 267 -35.82 4.04 -20.04
C TYR B 267 -37.26 3.56 -19.99
N GLY B 268 -38.02 3.85 -21.05
CA GLY B 268 -39.41 3.47 -21.09
C GLY B 268 -40.12 4.12 -22.26
N GLY B 269 -41.44 4.12 -22.19
CA GLY B 269 -42.29 4.68 -23.24
C GLY B 269 -43.02 5.92 -22.76
N LEU B 270 -43.15 6.91 -23.66
CA LEU B 270 -43.86 8.14 -23.35
C LEU B 270 -45.32 8.03 -23.80
N LYS B 271 -46.20 8.70 -23.05
CA LYS B 271 -47.59 8.88 -23.48
C LYS B 271 -47.61 9.71 -24.76
N PRO B 272 -48.26 9.24 -25.83
CA PRO B 272 -48.35 10.05 -27.04
C PRO B 272 -49.01 11.38 -26.77
N ASN B 273 -48.43 12.45 -27.32
CA ASN B 273 -48.88 13.84 -27.21
C ASN B 273 -48.80 14.40 -25.80
N SER B 274 -48.20 13.67 -24.86
CA SER B 274 -47.90 14.23 -23.56
C SER B 274 -46.86 15.35 -23.71
N PRO B 275 -46.75 16.25 -22.73
CA PRO B 275 -45.70 17.28 -22.81
C PRO B 275 -44.31 16.71 -23.07
N SER B 276 -43.92 15.66 -22.33
CA SER B 276 -42.63 15.04 -22.59
C SER B 276 -42.53 14.53 -24.02
N ASP B 277 -43.61 13.96 -24.55
CA ASP B 277 -43.58 13.40 -25.90
C ASP B 277 -43.51 14.50 -26.96
N THR B 278 -44.26 15.61 -26.76
CA THR B 278 -44.21 16.69 -27.74
C THR B 278 -42.85 17.38 -27.74
N ALA B 279 -42.17 17.43 -26.59
CA ALA B 279 -40.83 18.00 -26.54
C ALA B 279 -39.83 17.21 -27.38
N GLN B 280 -40.14 15.96 -27.73
CA GLN B 280 -39.27 15.16 -28.59
C GLN B 280 -39.71 15.14 -30.04
N GLU B 281 -40.88 15.69 -30.36
CA GLU B 281 -41.41 15.60 -31.72
C GLU B 281 -40.42 16.20 -32.71
N GLY B 282 -40.05 15.40 -33.72
CA GLY B 282 -39.13 15.83 -34.74
C GLY B 282 -37.66 15.68 -34.40
N LYS B 283 -37.32 15.30 -33.16
CA LYS B 283 -35.93 15.14 -32.76
C LYS B 283 -35.43 13.75 -33.13
N TYR B 284 -34.17 13.69 -33.57
CA TYR B 284 -33.53 12.48 -34.03
C TYR B 284 -32.05 12.77 -34.18
N VAL B 285 -31.25 11.71 -34.23
CA VAL B 285 -29.83 11.84 -34.52
C VAL B 285 -29.36 10.60 -35.26
N ILE B 286 -28.53 10.80 -36.28
CA ILE B 286 -27.97 9.72 -37.07
C ILE B 286 -26.49 9.58 -36.72
N TYR B 287 -26.12 8.48 -36.10
CA TYR B 287 -24.73 8.15 -35.81
C TYR B 287 -24.24 7.14 -36.84
N LYS B 288 -22.98 7.28 -37.24
CA LYS B 288 -22.45 6.61 -38.41
C LYS B 288 -21.28 5.70 -38.05
N ARG B 289 -21.05 4.70 -38.89
CA ARG B 289 -19.92 3.79 -38.74
C ARG B 289 -18.66 4.42 -39.31
N HIS B 290 -17.52 3.97 -38.81
CA HIS B 290 -16.25 4.51 -39.28
C HIS B 290 -15.95 4.02 -40.69
N ASN B 291 -15.74 4.95 -41.61
CA ASN B 291 -15.28 4.62 -42.96
C ASN B 291 -16.19 3.58 -43.62
N ASN B 292 -17.49 3.70 -43.38
CA ASN B 292 -18.46 2.78 -43.97
C ASN B 292 -19.79 3.52 -44.10
N THR B 293 -19.99 4.15 -45.26
CA THR B 293 -21.09 5.08 -45.47
C THR B 293 -22.39 4.36 -45.80
N CYS B 294 -23.49 4.83 -45.22
CA CYS B 294 -24.80 4.33 -45.59
C CYS B 294 -25.14 4.82 -46.99
N PRO B 295 -25.59 3.95 -47.90
CA PRO B 295 -25.89 4.39 -49.26
C PRO B 295 -27.29 4.93 -49.47
N ASP B 296 -28.20 4.77 -48.51
CA ASP B 296 -29.57 5.23 -48.72
C ASP B 296 -29.63 6.75 -48.82
N GLU B 297 -30.61 7.23 -49.60
CA GLU B 297 -30.78 8.68 -49.77
C GLU B 297 -31.01 9.35 -48.41
N GLN B 298 -30.61 10.62 -48.33
CA GLN B 298 -30.60 11.31 -47.04
C GLN B 298 -32.00 11.44 -46.46
N ASP B 299 -32.96 11.88 -47.26
CA ASP B 299 -34.32 12.03 -46.74
C ASP B 299 -34.91 10.70 -46.28
N TYR B 300 -34.44 9.59 -46.86
CA TYR B 300 -34.86 8.27 -46.41
C TYR B 300 -34.19 7.92 -45.08
N GLN B 301 -32.89 8.18 -44.95
CA GLN B 301 -32.19 7.97 -43.68
C GLN B 301 -32.86 8.72 -42.54
N ILE B 302 -33.29 9.96 -42.81
CA ILE B 302 -33.93 10.76 -41.77
C ILE B 302 -35.27 10.15 -41.38
N ARG B 303 -36.08 9.75 -42.36
CA ARG B 303 -37.34 9.08 -42.05
C ARG B 303 -37.11 7.85 -41.18
N MET B 304 -36.05 7.10 -41.48
CA MET B 304 -35.76 5.89 -40.72
C MET B 304 -35.30 6.24 -39.31
N ALA B 305 -34.38 7.20 -39.19
CA ALA B 305 -33.92 7.63 -37.87
C ALA B 305 -35.09 8.06 -37.00
N LYS B 306 -36.01 8.84 -37.57
CA LYS B 306 -37.19 9.27 -36.80
C LYS B 306 -37.99 8.06 -36.32
N SER B 307 -38.26 7.11 -37.22
CA SER B 307 -39.05 5.96 -36.84
C SER B 307 -38.34 5.06 -35.85
N SER B 308 -37.01 5.19 -35.71
CA SER B 308 -36.27 4.34 -34.78
C SER B 308 -36.63 4.63 -33.33
N TYR B 309 -37.24 5.78 -33.05
CA TYR B 309 -37.70 6.08 -31.69
C TYR B 309 -39.07 5.50 -31.39
N LYS B 310 -39.76 4.98 -32.40
CA LYS B 310 -41.09 4.39 -32.23
C LYS B 310 -41.07 3.01 -32.87
N PRO B 311 -40.47 2.01 -32.21
CA PRO B 311 -40.43 0.66 -32.78
C PRO B 311 -41.81 0.04 -32.86
N GLY B 312 -41.95 -0.91 -33.78
CA GLY B 312 -43.24 -1.54 -34.00
C GLY B 312 -43.70 -2.40 -32.84
N ARG B 313 -42.76 -2.90 -32.03
CA ARG B 313 -43.09 -3.83 -30.96
C ARG B 313 -44.14 -3.26 -30.03
N PHE B 314 -44.03 -1.98 -29.68
CA PHE B 314 -44.95 -1.35 -28.75
C PHE B 314 -45.90 -0.39 -29.45
N GLY B 315 -46.18 -0.65 -30.73
CA GLY B 315 -47.26 0.04 -31.42
C GLY B 315 -47.02 1.49 -31.70
N GLY B 316 -45.76 1.92 -31.80
CA GLY B 316 -45.49 3.29 -32.21
C GLY B 316 -45.37 4.30 -31.10
N LYS B 317 -45.41 3.88 -29.84
CA LYS B 317 -45.09 4.79 -28.76
C LYS B 317 -43.60 5.07 -28.75
N ARG B 318 -43.23 6.27 -28.32
CA ARG B 318 -41.82 6.69 -28.31
C ARG B 318 -41.09 6.04 -27.15
N VAL B 319 -39.98 5.37 -27.46
CA VAL B 319 -39.17 4.70 -26.46
C VAL B 319 -37.99 5.60 -26.12
N GLN B 320 -37.89 6.00 -24.85
CA GLN B 320 -37.16 7.19 -24.47
C GLN B 320 -36.11 6.90 -23.40
N GLN B 321 -34.94 7.51 -23.57
CA GLN B 321 -33.88 7.48 -22.56
C GLN B 321 -34.11 8.57 -21.52
N ALA B 322 -33.76 8.28 -20.27
CA ALA B 322 -33.82 9.30 -19.22
C ALA B 322 -32.78 8.99 -18.15
N ILE B 323 -32.68 9.91 -17.19
CA ILE B 323 -31.78 9.77 -16.05
C ILE B 323 -32.52 10.22 -14.81
N LEU B 324 -32.49 9.40 -13.76
CA LEU B 324 -33.14 9.72 -12.49
C LEU B 324 -32.09 9.97 -11.42
N SER B 325 -32.27 11.04 -10.65
CA SER B 325 -31.38 11.36 -9.55
C SER B 325 -32.18 11.46 -8.26
N ILE B 326 -31.63 10.89 -7.19
CA ILE B 326 -32.26 10.85 -5.87
C ILE B 326 -31.25 11.32 -4.83
N LYS B 327 -31.71 12.20 -3.93
CA LYS B 327 -30.88 12.63 -2.81
C LYS B 327 -30.60 11.45 -1.91
N VAL B 328 -29.34 11.26 -1.54
CA VAL B 328 -28.99 10.13 -0.68
C VAL B 328 -29.14 10.56 0.76
N SER B 329 -29.98 9.84 1.49
CA SER B 329 -30.36 10.24 2.84
C SER B 329 -30.89 8.99 3.52
N THR B 330 -30.93 9.02 4.85
CA THR B 330 -31.58 7.90 5.54
C THR B 330 -33.04 7.76 5.13
N SER B 331 -33.65 8.86 4.65
CA SER B 331 -34.96 8.81 4.00
C SER B 331 -34.79 8.38 2.55
N LEU B 332 -35.29 7.19 2.23
CA LEU B 332 -35.21 6.69 0.87
C LEU B 332 -36.20 7.41 -0.05
N GLY B 333 -35.87 7.46 -1.34
CA GLY B 333 -36.75 8.09 -2.31
C GLY B 333 -36.87 9.59 -2.19
N LYS B 334 -35.87 10.25 -1.60
CA LYS B 334 -35.96 11.67 -1.30
C LYS B 334 -35.68 12.53 -2.53
N ASP B 335 -36.58 13.47 -2.81
CA ASP B 335 -36.37 14.51 -3.81
C ASP B 335 -35.96 13.97 -5.18
N PRO B 336 -36.72 13.04 -5.75
CA PRO B 336 -36.32 12.46 -7.04
C PRO B 336 -36.56 13.45 -8.18
N VAL B 337 -35.62 13.48 -9.13
CA VAL B 337 -35.67 14.44 -10.24
C VAL B 337 -35.31 13.70 -11.52
N LEU B 338 -36.19 13.78 -12.52
CA LEU B 338 -36.01 13.10 -13.79
C LEU B 338 -35.45 14.05 -14.84
N THR B 339 -34.40 13.61 -15.51
CA THR B 339 -33.82 14.32 -16.64
C THR B 339 -34.13 13.54 -17.92
N ILE B 340 -34.66 14.23 -18.92
CA ILE B 340 -34.85 13.62 -20.24
C ILE B 340 -33.98 14.37 -21.24
N PRO B 341 -32.92 13.76 -21.76
CA PRO B 341 -32.11 14.44 -22.77
C PRO B 341 -32.84 14.55 -24.09
N PRO B 342 -32.46 15.52 -24.93
CA PRO B 342 -33.10 15.62 -26.25
C PRO B 342 -32.63 14.49 -27.16
N ASN B 343 -33.53 14.03 -28.01
CA ASN B 343 -33.21 12.97 -28.95
C ASN B 343 -32.41 13.46 -30.15
N THR B 344 -31.98 14.73 -30.13
CA THR B 344 -30.90 15.15 -31.02
C THR B 344 -29.55 14.68 -30.52
N ILE B 345 -29.50 14.10 -29.32
CA ILE B 345 -28.28 13.53 -28.75
C ILE B 345 -28.41 12.02 -28.54
N THR B 346 -29.51 11.59 -27.92
CA THR B 346 -29.69 10.17 -27.60
C THR B 346 -30.40 9.43 -28.72
N LEU B 347 -30.08 8.14 -28.84
CA LEU B 347 -30.88 7.23 -29.64
C LEU B 347 -32.03 6.70 -28.78
N MET B 348 -32.82 5.80 -29.37
CA MET B 348 -33.94 5.17 -28.70
C MET B 348 -33.55 4.68 -27.30
N GLY B 349 -34.43 4.96 -26.34
CA GLY B 349 -34.13 4.58 -24.97
C GLY B 349 -33.89 3.09 -24.82
N ALA B 350 -32.96 2.74 -23.92
CA ALA B 350 -32.52 1.37 -23.74
C ALA B 350 -31.92 1.26 -22.34
N GLU B 351 -31.55 0.04 -21.96
CA GLU B 351 -30.76 -0.16 -20.76
C GLU B 351 -29.48 0.67 -20.84
N GLY B 352 -28.82 0.89 -19.71
CA GLY B 352 -27.62 1.69 -19.70
C GLY B 352 -26.97 1.69 -18.35
N ARG B 353 -26.02 2.60 -18.17
CA ARG B 353 -25.24 2.67 -16.94
C ARG B 353 -24.68 4.08 -16.78
N ILE B 354 -24.63 4.56 -15.54
CA ILE B 354 -23.96 5.83 -15.21
C ILE B 354 -22.61 5.48 -14.62
N LEU B 355 -21.55 5.91 -15.28
CA LEU B 355 -20.18 5.64 -14.88
C LEU B 355 -19.52 6.94 -14.42
N THR B 356 -18.73 6.85 -13.35
CA THR B 356 -17.87 7.92 -12.91
C THR B 356 -16.45 7.40 -12.88
N VAL B 357 -15.56 8.02 -13.66
CA VAL B 357 -14.15 7.63 -13.74
C VAL B 357 -13.33 8.90 -13.61
N GLY B 358 -12.58 9.02 -12.52
CA GLY B 358 -11.90 10.28 -12.27
C GLY B 358 -12.92 11.36 -12.05
N THR B 359 -12.80 12.45 -12.81
CA THR B 359 -13.78 13.54 -12.74
C THR B 359 -14.79 13.50 -13.88
N SER B 360 -14.76 12.48 -14.73
CA SER B 360 -15.64 12.39 -15.87
C SER B 360 -16.81 11.45 -15.58
N HIS B 361 -17.99 11.82 -16.07
CA HIS B 361 -19.16 10.97 -15.99
C HIS B 361 -19.62 10.60 -17.40
N PHE B 362 -20.26 9.43 -17.51
CA PHE B 362 -20.70 8.90 -18.78
C PHE B 362 -22.02 8.18 -18.58
N LEU B 363 -22.87 8.25 -19.59
CA LEU B 363 -23.98 7.33 -19.74
C LEU B 363 -23.62 6.33 -20.82
N TYR B 364 -23.53 5.05 -20.46
CA TYR B 364 -23.56 3.99 -21.45
C TYR B 364 -25.00 3.73 -21.85
N GLN B 365 -25.22 3.58 -23.14
CA GLN B 365 -26.54 3.24 -23.67
C GLN B 365 -26.38 1.97 -24.49
N ARG B 366 -27.10 0.92 -24.11
CA ARG B 366 -27.11 -0.33 -24.87
C ARG B 366 -27.56 -0.04 -26.30
N GLY B 367 -26.93 -0.70 -27.25
CA GLY B 367 -27.32 -0.49 -28.64
C GLY B 367 -28.54 -1.31 -29.00
N SER B 368 -29.70 -0.90 -28.51
CA SER B 368 -30.92 -1.65 -28.79
C SER B 368 -31.54 -1.26 -30.12
N SER B 369 -31.06 -0.17 -30.72
CA SER B 369 -31.57 0.33 -31.98
C SER B 369 -30.63 -0.07 -33.11
N TYR B 370 -30.52 0.77 -34.14
CA TYR B 370 -29.76 0.45 -35.34
C TYR B 370 -28.27 0.59 -35.15
N PHE B 371 -27.81 1.27 -34.10
CA PHE B 371 -26.40 1.61 -33.96
C PHE B 371 -25.71 0.53 -33.14
N SER B 372 -24.67 -0.04 -33.71
CA SER B 372 -23.99 -1.19 -33.13
C SER B 372 -22.76 -0.85 -32.28
N PRO B 373 -21.87 0.07 -32.68
CA PRO B 373 -20.70 0.36 -31.83
C PRO B 373 -21.09 0.83 -30.44
N ALA B 374 -20.28 0.45 -29.46
CA ALA B 374 -20.54 0.83 -28.07
C ALA B 374 -20.53 2.34 -27.94
N LEU B 375 -21.46 2.86 -27.14
CA LEU B 375 -21.71 4.28 -26.97
C LEU B 375 -21.41 4.70 -25.55
N LEU B 376 -20.67 5.80 -25.39
CA LEU B 376 -20.52 6.48 -24.10
C LEU B 376 -20.82 7.96 -24.30
N TYR B 377 -21.93 8.43 -23.74
CA TYR B 377 -22.27 9.85 -23.78
C TYR B 377 -21.61 10.56 -22.61
N PRO B 378 -20.74 11.55 -22.84
CA PRO B 378 -20.26 12.37 -21.73
C PRO B 378 -21.42 13.00 -20.98
N MET B 379 -21.33 12.99 -19.66
CA MET B 379 -22.41 13.47 -18.81
C MET B 379 -21.87 14.49 -17.82
N THR B 380 -22.52 15.63 -17.75
CA THR B 380 -22.22 16.66 -16.77
C THR B 380 -23.41 16.83 -15.84
N VAL B 381 -23.13 17.06 -14.56
CA VAL B 381 -24.15 17.20 -13.54
C VAL B 381 -24.21 18.67 -13.15
N ASN B 382 -25.41 19.22 -13.11
CA ASN B 382 -25.60 20.62 -12.81
C ASN B 382 -26.04 20.74 -11.35
N ASN B 383 -27.32 20.55 -11.06
CA ASN B 383 -27.71 20.45 -9.66
C ASN B 383 -28.39 19.10 -9.44
N LYS B 384 -29.66 19.00 -9.78
CA LYS B 384 -30.38 17.73 -9.72
C LYS B 384 -30.65 17.14 -11.09
N THR B 385 -30.16 17.78 -12.16
CA THR B 385 -30.36 17.36 -13.54
C THR B 385 -29.01 17.12 -14.22
N ALA B 386 -29.04 16.38 -15.32
CA ALA B 386 -27.84 16.07 -16.10
C ALA B 386 -27.94 16.63 -17.52
N THR B 387 -26.77 16.84 -18.13
CA THR B 387 -26.65 17.20 -19.54
C THR B 387 -25.77 16.18 -20.23
N LEU B 388 -26.22 15.66 -21.38
CA LEU B 388 -25.45 14.73 -22.18
C LEU B 388 -24.86 15.45 -23.38
N HIS B 389 -23.73 14.94 -23.87
CA HIS B 389 -23.03 15.48 -25.01
C HIS B 389 -22.85 14.39 -26.06
N SER B 390 -22.40 14.77 -27.25
CA SER B 390 -22.21 13.82 -28.33
C SER B 390 -21.29 12.68 -27.87
N PRO B 391 -21.57 11.44 -28.24
CA PRO B 391 -20.92 10.30 -27.59
C PRO B 391 -19.56 9.94 -28.17
N TYR B 392 -18.74 9.32 -27.32
CA TYR B 392 -17.64 8.48 -27.81
C TYR B 392 -18.22 7.19 -28.40
N THR B 393 -17.67 6.74 -29.51
CA THR B 393 -18.09 5.49 -30.12
C THR B 393 -16.87 4.62 -30.38
N PHE B 394 -17.06 3.30 -30.30
CA PHE B 394 -15.95 2.35 -30.45
C PHE B 394 -16.34 1.35 -31.54
N ASN B 395 -15.86 1.60 -32.76
CA ASN B 395 -16.41 0.97 -33.95
C ASN B 395 -16.20 -0.54 -34.00
N ALA B 396 -15.21 -1.07 -33.30
CA ALA B 396 -15.03 -2.51 -33.29
C ALA B 396 -15.71 -3.19 -32.12
N PHE B 397 -16.18 -2.42 -31.13
CA PHE B 397 -16.96 -2.95 -30.00
C PHE B 397 -18.43 -3.00 -30.43
N THR B 398 -18.73 -3.97 -31.28
CA THR B 398 -20.08 -4.17 -31.78
C THR B 398 -20.85 -5.12 -30.87
N ARG B 399 -22.14 -5.29 -31.17
CA ARG B 399 -22.97 -6.29 -30.49
C ARG B 399 -23.86 -6.97 -31.52
N PRO B 400 -24.25 -8.21 -31.27
CA PRO B 400 -25.16 -8.89 -32.21
C PRO B 400 -26.56 -8.29 -32.19
N GLY B 401 -27.20 -8.34 -33.35
CA GLY B 401 -28.59 -7.92 -33.45
C GLY B 401 -29.24 -8.58 -34.63
N SER B 402 -30.57 -8.56 -34.62
CA SER B 402 -31.33 -9.08 -35.75
C SER B 402 -31.27 -8.10 -36.92
N VAL B 403 -31.19 -8.65 -38.12
CA VAL B 403 -31.25 -7.88 -39.37
C VAL B 403 -32.48 -6.99 -39.33
N PRO B 404 -32.41 -5.72 -39.77
CA PRO B 404 -31.25 -5.07 -40.39
C PRO B 404 -30.37 -4.31 -39.40
N CYS B 405 -30.44 -4.64 -38.12
CA CYS B 405 -29.64 -3.97 -37.11
C CYS B 405 -28.60 -4.90 -36.52
N GLN B 406 -27.93 -5.68 -37.38
CA GLN B 406 -26.90 -6.60 -36.96
C GLN B 406 -25.59 -5.85 -36.66
N ALA B 407 -24.59 -6.59 -36.20
CA ALA B 407 -23.35 -5.97 -35.72
C ALA B 407 -22.72 -5.03 -36.76
N SER B 408 -22.80 -5.40 -38.03
CA SER B 408 -22.16 -4.63 -39.09
C SER B 408 -23.10 -3.61 -39.72
N ALA B 409 -24.27 -3.39 -39.12
CA ALA B 409 -25.21 -2.42 -39.66
C ALA B 409 -24.58 -1.04 -39.74
N ARG B 410 -24.96 -0.27 -40.75
CA ARG B 410 -24.44 1.06 -40.95
C ARG B 410 -25.51 2.10 -41.27
N CYS B 411 -26.79 1.72 -41.28
CA CYS B 411 -27.87 2.62 -41.69
C CYS B 411 -28.92 2.77 -40.60
N PRO B 412 -29.47 3.97 -40.42
CA PRO B 412 -30.59 4.13 -39.50
C PRO B 412 -31.76 3.24 -39.88
N ASN B 413 -32.43 2.69 -38.88
CA ASN B 413 -33.55 1.78 -39.07
C ASN B 413 -34.24 1.62 -37.73
N SER B 414 -35.38 0.93 -37.75
CA SER B 414 -36.24 0.77 -36.58
C SER B 414 -36.19 -0.68 -36.12
N CYS B 415 -35.84 -0.89 -34.85
CA CYS B 415 -35.63 -2.24 -34.32
C CYS B 415 -35.48 -2.14 -32.80
N ILE B 416 -35.74 -3.25 -32.12
CA ILE B 416 -35.38 -3.42 -30.71
C ILE B 416 -34.61 -4.73 -30.64
N THR B 417 -33.28 -4.65 -30.49
CA THR B 417 -32.48 -5.86 -30.51
C THR B 417 -31.24 -5.60 -29.67
N GLY B 418 -30.10 -6.19 -30.04
CA GLY B 418 -28.87 -5.93 -29.31
C GLY B 418 -28.83 -6.68 -27.99
N VAL B 419 -27.90 -6.25 -27.15
CA VAL B 419 -27.60 -6.89 -25.86
C VAL B 419 -26.79 -5.90 -25.03
N TYR B 420 -26.91 -5.98 -23.71
CA TYR B 420 -26.14 -5.13 -22.81
C TYR B 420 -24.70 -5.65 -22.72
N THR B 421 -23.72 -4.86 -23.18
CA THR B 421 -22.31 -5.19 -23.01
C THR B 421 -21.57 -3.86 -22.86
N ASP B 422 -21.25 -3.47 -21.63
CA ASP B 422 -20.82 -2.08 -21.51
C ASP B 422 -19.31 -1.91 -21.65
N PRO B 423 -18.84 -0.69 -21.97
CA PRO B 423 -17.39 -0.44 -22.03
C PRO B 423 -16.92 0.38 -20.84
N TYR B 424 -15.79 0.02 -20.24
CA TYR B 424 -15.29 0.76 -19.09
C TYR B 424 -14.19 1.71 -19.52
N PRO B 425 -14.31 3.02 -19.26
CA PRO B 425 -13.26 3.96 -19.68
C PRO B 425 -11.92 3.65 -19.01
N LEU B 426 -10.89 3.52 -19.82
CA LEU B 426 -9.63 2.97 -19.32
C LEU B 426 -8.41 3.82 -19.61
N ILE B 427 -8.26 4.33 -20.83
CA ILE B 427 -7.06 5.03 -21.27
C ILE B 427 -7.45 6.46 -21.66
N PHE B 428 -6.75 7.43 -21.07
CA PHE B 428 -7.12 8.84 -21.19
C PHE B 428 -5.94 9.67 -21.67
N HIS B 429 -6.25 10.78 -22.34
CA HIS B 429 -5.28 11.84 -22.49
C HIS B 429 -5.06 12.57 -21.17
N ARG B 430 -3.94 13.28 -21.08
CA ARG B 430 -3.68 14.09 -19.89
C ARG B 430 -4.78 15.12 -19.66
N ASN B 431 -5.34 15.67 -20.74
CA ASN B 431 -6.43 16.63 -20.65
C ASN B 431 -7.78 15.98 -20.36
N HIS B 432 -7.80 14.67 -20.12
CA HIS B 432 -8.96 13.84 -19.73
C HIS B 432 -9.84 13.41 -20.90
N THR B 433 -9.49 13.73 -22.14
CA THR B 433 -10.19 13.15 -23.28
C THR B 433 -10.01 11.63 -23.27
N LEU B 434 -11.10 10.88 -23.49
CA LEU B 434 -11.06 9.43 -23.44
C LEU B 434 -10.50 8.84 -24.72
N ARG B 435 -9.57 7.90 -24.60
CA ARG B 435 -8.96 7.23 -25.76
C ARG B 435 -9.36 5.77 -25.91
N GLY B 436 -9.51 5.03 -24.83
CA GLY B 436 -9.72 3.60 -24.94
C GLY B 436 -10.57 3.09 -23.81
N VAL B 437 -11.27 1.98 -24.07
CA VAL B 437 -12.15 1.33 -23.12
C VAL B 437 -11.82 -0.16 -23.07
N PHE B 438 -12.24 -0.81 -21.99
CA PHE B 438 -12.19 -2.25 -21.87
C PHE B 438 -13.60 -2.80 -21.81
N GLY B 439 -13.83 -3.92 -22.48
CA GLY B 439 -15.11 -4.58 -22.26
C GLY B 439 -15.07 -5.98 -22.81
N THR B 440 -16.16 -6.72 -22.55
CA THR B 440 -16.37 -8.03 -23.13
C THR B 440 -17.54 -7.91 -24.10
N MET B 441 -17.25 -8.03 -25.38
CA MET B 441 -18.27 -8.02 -26.40
C MET B 441 -18.71 -9.44 -26.70
N LEU B 442 -19.89 -9.56 -27.27
CA LEU B 442 -20.28 -10.81 -27.91
C LEU B 442 -19.85 -10.72 -29.38
N ASP B 443 -18.90 -11.57 -29.76
CA ASP B 443 -18.29 -11.47 -31.10
C ASP B 443 -19.09 -12.30 -32.12
N ASP B 444 -20.27 -11.80 -32.45
CA ASP B 444 -21.11 -12.41 -33.47
C ASP B 444 -21.96 -11.32 -34.11
N GLU B 445 -22.36 -11.57 -35.37
CA GLU B 445 -23.18 -10.63 -36.12
C GLU B 445 -24.62 -10.58 -35.61
N GLN B 446 -25.21 -11.75 -35.32
CA GLN B 446 -26.65 -11.82 -35.11
C GLN B 446 -27.07 -12.56 -33.85
N ALA B 447 -26.26 -13.51 -33.37
CA ALA B 447 -26.64 -14.32 -32.22
C ALA B 447 -25.82 -13.96 -30.98
N ARG B 448 -26.37 -14.28 -29.81
CA ARG B 448 -25.69 -13.97 -28.56
C ARG B 448 -24.68 -15.09 -28.30
N LEU B 449 -23.50 -14.95 -28.88
CA LEU B 449 -22.49 -15.99 -28.89
C LEU B 449 -21.11 -15.37 -28.70
N ASN B 450 -20.18 -16.16 -28.16
CA ASN B 450 -18.74 -15.92 -28.22
C ASN B 450 -18.32 -14.64 -27.51
N PRO B 451 -18.35 -14.63 -26.18
CA PRO B 451 -17.81 -13.47 -25.44
C PRO B 451 -16.29 -13.40 -25.54
N VAL B 452 -15.78 -12.21 -25.86
CA VAL B 452 -14.33 -11.99 -25.95
C VAL B 452 -14.00 -10.67 -25.29
N SER B 453 -12.97 -10.66 -24.46
CA SER B 453 -12.56 -9.46 -23.72
C SER B 453 -11.44 -8.79 -24.47
N ALA B 454 -11.45 -7.46 -24.50
CA ALA B 454 -10.47 -6.72 -25.30
C ALA B 454 -10.44 -5.25 -24.87
N VAL B 455 -9.40 -4.57 -25.35
CA VAL B 455 -9.26 -3.13 -25.26
C VAL B 455 -9.59 -2.55 -26.62
N PHE B 456 -10.35 -1.45 -26.64
CA PHE B 456 -10.87 -0.87 -27.86
C PHE B 456 -10.56 0.62 -27.90
N ASP B 457 -10.16 1.12 -29.08
CA ASP B 457 -10.17 2.57 -29.23
C ASP B 457 -11.32 2.93 -30.18
N ASN B 458 -11.21 4.06 -30.88
CA ASN B 458 -12.35 4.48 -31.69
C ASN B 458 -12.55 3.59 -32.90
N ILE B 459 -11.51 2.88 -33.33
CA ILE B 459 -11.56 2.12 -34.58
C ILE B 459 -11.28 0.64 -34.40
N SER B 460 -10.39 0.29 -33.49
CA SER B 460 -9.77 -1.04 -33.50
C SER B 460 -10.02 -1.78 -32.19
N ARG B 461 -9.57 -3.04 -32.18
CA ARG B 461 -9.64 -3.91 -31.03
C ARG B 461 -8.28 -4.55 -30.82
N SER B 462 -7.84 -4.60 -29.56
CA SER B 462 -6.59 -5.24 -29.19
C SER B 462 -6.66 -6.75 -29.39
N ARG B 463 -5.53 -7.42 -29.15
CA ARG B 463 -5.54 -8.86 -28.90
C ARG B 463 -6.60 -9.22 -27.86
N VAL B 464 -7.24 -10.39 -28.01
CA VAL B 464 -8.41 -10.73 -27.21
C VAL B 464 -8.13 -11.88 -26.25
N THR B 465 -9.01 -12.00 -25.26
CA THR B 465 -9.09 -13.15 -24.38
C THR B 465 -10.50 -13.70 -24.50
N ARG B 466 -10.60 -15.03 -24.67
CA ARG B 466 -11.86 -15.70 -24.95
C ARG B 466 -12.17 -16.72 -23.87
N VAL B 467 -13.44 -16.80 -23.50
CA VAL B 467 -13.89 -17.85 -22.58
C VAL B 467 -13.68 -19.23 -23.20
N SER B 468 -13.88 -19.34 -24.50
CA SER B 468 -13.79 -20.65 -25.14
C SER B 468 -13.49 -20.47 -26.61
N SER B 469 -12.71 -21.40 -27.15
CA SER B 469 -12.51 -21.46 -28.59
C SER B 469 -13.65 -22.15 -29.32
N SER B 470 -14.60 -22.76 -28.60
CA SER B 470 -15.78 -23.34 -29.24
C SER B 470 -16.95 -22.37 -29.10
N SER B 471 -17.93 -22.52 -29.99
CA SER B 471 -19.07 -21.62 -30.00
C SER B 471 -19.80 -21.68 -28.66
N THR B 472 -20.02 -20.52 -28.03
CA THR B 472 -20.57 -20.50 -26.68
C THR B 472 -21.61 -19.39 -26.52
N LYS B 473 -22.80 -19.77 -26.02
CA LYS B 473 -23.85 -18.81 -25.74
C LYS B 473 -23.51 -17.94 -24.52
N ALA B 474 -23.81 -16.64 -24.62
CA ALA B 474 -23.62 -15.71 -23.53
C ALA B 474 -24.67 -14.61 -23.68
N ALA B 475 -24.69 -13.66 -22.75
CA ALA B 475 -25.61 -12.55 -22.85
C ALA B 475 -24.98 -11.28 -22.27
N TYR B 476 -25.54 -10.72 -21.19
CA TYR B 476 -25.10 -9.40 -20.71
C TYR B 476 -23.68 -9.45 -20.15
N THR B 477 -22.91 -8.39 -20.36
CA THR B 477 -21.61 -8.20 -19.70
C THR B 477 -21.49 -6.79 -19.15
N THR B 478 -20.93 -6.67 -17.96
CA THR B 478 -20.68 -5.37 -17.37
C THR B 478 -19.30 -5.38 -16.74
N SER B 479 -18.47 -4.40 -17.11
CA SER B 479 -17.06 -4.37 -16.78
C SER B 479 -16.72 -3.15 -15.93
N THR B 480 -15.80 -3.35 -14.99
CA THR B 480 -15.29 -2.28 -14.14
C THR B 480 -13.81 -2.55 -13.92
N CYS B 481 -12.99 -1.53 -14.05
CA CYS B 481 -11.54 -1.69 -13.90
C CYS B 481 -11.06 -0.92 -12.68
N PHE B 482 -9.91 -1.37 -12.15
CA PHE B 482 -9.36 -0.83 -10.92
C PHE B 482 -7.87 -1.12 -10.91
N LYS B 483 -7.14 -0.41 -10.04
CA LYS B 483 -5.71 -0.65 -9.91
C LYS B 483 -5.38 -1.11 -8.51
N VAL B 484 -4.48 -2.09 -8.41
CA VAL B 484 -3.83 -2.41 -7.15
C VAL B 484 -2.63 -1.48 -7.04
N VAL B 485 -2.79 -0.42 -6.24
CA VAL B 485 -1.73 0.59 -6.11
C VAL B 485 -0.44 -0.04 -5.60
N LYS B 486 -0.55 -1.07 -4.75
CA LYS B 486 0.66 -1.62 -4.15
C LYS B 486 1.62 -2.19 -5.20
N THR B 487 1.07 -2.77 -6.27
CA THR B 487 1.88 -3.35 -7.34
C THR B 487 1.84 -2.54 -8.62
N ASN B 488 1.00 -1.51 -8.70
CA ASN B 488 0.84 -0.70 -9.91
C ASN B 488 0.33 -1.55 -11.08
N LYS B 489 -0.55 -2.50 -10.78
CA LYS B 489 -1.17 -3.32 -11.82
C LYS B 489 -2.63 -2.92 -11.97
N ALA B 490 -3.08 -2.83 -13.22
CA ALA B 490 -4.46 -2.53 -13.57
C ALA B 490 -5.17 -3.83 -13.86
N TYR B 491 -6.38 -3.95 -13.33
CA TYR B 491 -7.24 -5.11 -13.54
C TYR B 491 -8.58 -4.66 -14.10
N CYS B 492 -9.22 -5.54 -14.86
CA CYS B 492 -10.60 -5.30 -15.23
C CYS B 492 -11.44 -6.51 -14.86
N LEU B 493 -12.51 -6.26 -14.13
CA LEU B 493 -13.54 -7.25 -13.86
C LEU B 493 -14.56 -7.19 -14.98
N SER B 494 -14.91 -8.34 -15.52
CA SER B 494 -15.98 -8.43 -16.50
C SER B 494 -16.99 -9.45 -15.98
N ILE B 495 -18.15 -8.97 -15.55
CA ILE B 495 -19.24 -9.83 -15.09
C ILE B 495 -20.06 -10.23 -16.30
N ALA B 496 -20.11 -11.53 -16.62
CA ALA B 496 -20.70 -12.01 -17.87
C ALA B 496 -21.74 -13.09 -17.62
N GLU B 497 -22.91 -12.96 -18.26
CA GLU B 497 -23.87 -14.06 -18.29
C GLU B 497 -23.40 -15.10 -19.31
N ILE B 498 -23.11 -16.30 -18.84
CA ILE B 498 -22.55 -17.35 -19.70
C ILE B 498 -23.49 -18.54 -19.67
N SER B 499 -23.64 -19.19 -20.84
CA SER B 499 -24.41 -20.42 -20.91
C SER B 499 -23.96 -21.41 -19.86
N ASN B 500 -24.90 -22.17 -19.30
CA ASN B 500 -24.57 -23.15 -18.27
C ASN B 500 -25.03 -24.52 -18.71
N THR B 501 -24.45 -25.54 -18.09
CA THR B 501 -24.95 -26.91 -18.21
C THR B 501 -25.40 -27.34 -16.81
N LEU B 502 -26.38 -28.26 -16.79
CA LEU B 502 -26.94 -28.87 -15.58
C LEU B 502 -27.76 -27.92 -14.72
N PHE B 503 -27.31 -26.68 -14.50
CA PHE B 503 -27.92 -25.82 -13.49
C PHE B 503 -28.44 -24.53 -14.14
N GLY B 504 -29.59 -24.62 -14.81
CA GLY B 504 -30.24 -23.43 -15.35
C GLY B 504 -29.63 -22.95 -16.66
N GLU B 505 -30.23 -21.87 -17.19
CA GLU B 505 -29.82 -21.36 -18.50
C GLU B 505 -28.47 -20.65 -18.44
N PHE B 506 -28.22 -19.88 -17.37
CA PHE B 506 -27.06 -19.02 -17.27
C PHE B 506 -26.34 -19.19 -15.94
N ARG B 507 -25.05 -18.96 -15.96
CA ARG B 507 -24.27 -18.68 -14.76
C ARG B 507 -23.68 -17.30 -14.98
N ILE B 508 -23.69 -16.47 -13.96
CA ILE B 508 -23.12 -15.13 -14.07
C ILE B 508 -21.71 -15.20 -13.50
N VAL B 509 -20.70 -14.97 -14.33
CA VAL B 509 -19.33 -15.29 -13.99
C VAL B 509 -18.53 -13.99 -13.91
N PRO B 510 -17.91 -13.69 -12.79
CA PRO B 510 -17.01 -12.54 -12.71
C PRO B 510 -15.64 -12.88 -13.27
N LEU B 511 -15.40 -12.51 -14.53
CA LEU B 511 -14.10 -12.75 -15.15
C LEU B 511 -13.11 -11.66 -14.74
N LEU B 512 -11.86 -12.03 -14.57
CA LEU B 512 -10.83 -11.06 -14.18
C LEU B 512 -9.60 -11.15 -15.09
N VAL B 513 -9.11 -9.99 -15.53
CA VAL B 513 -7.91 -9.90 -16.34
C VAL B 513 -7.02 -8.80 -15.79
N GLU B 514 -5.72 -8.92 -16.02
CA GLU B 514 -4.79 -7.83 -15.85
C GLU B 514 -4.59 -7.18 -17.20
N ILE B 515 -4.47 -5.84 -17.23
CA ILE B 515 -4.25 -5.13 -18.47
C ILE B 515 -2.74 -5.04 -18.71
N LEU B 516 -2.30 -5.61 -19.82
CA LEU B 516 -0.91 -5.69 -20.21
C LEU B 516 -0.61 -4.71 -21.33
N LYS B 517 0.68 -4.51 -21.59
CA LYS B 517 1.14 -3.73 -22.73
C LYS B 517 2.24 -4.52 -23.43
N ASP B 518 2.16 -4.64 -24.76
CA ASP B 518 3.23 -5.32 -25.47
C ASP B 518 4.12 -4.37 -26.27
N PRO C 76 27.69 6.39 -11.74
CA PRO C 76 27.91 7.36 -10.68
C PRO C 76 29.39 7.64 -10.45
N VAL C 77 29.90 8.79 -10.94
CA VAL C 77 31.28 9.18 -10.66
C VAL C 77 31.33 10.67 -10.39
N HIS C 78 32.37 11.08 -9.64
CA HIS C 78 32.62 12.50 -9.42
C HIS C 78 32.69 13.26 -10.74
N ASP C 79 32.39 14.56 -10.70
CA ASP C 79 32.57 15.40 -11.87
C ASP C 79 34.02 15.33 -12.36
N PRO C 80 34.24 15.38 -13.68
CA PRO C 80 35.61 15.34 -14.21
C PRO C 80 36.48 16.50 -13.73
N ASP C 81 35.89 17.56 -13.17
CA ASP C 81 36.66 18.63 -12.55
C ASP C 81 37.54 18.12 -11.41
N TYR C 82 37.27 16.92 -10.91
CA TYR C 82 38.00 16.33 -9.80
C TYR C 82 39.02 15.28 -10.20
N ILE C 83 39.19 15.00 -11.49
CA ILE C 83 40.07 13.90 -11.89
C ILE C 83 41.52 14.23 -11.52
N GLY C 84 42.15 13.33 -10.76
CA GLY C 84 43.46 13.59 -10.25
C GLY C 84 43.48 14.36 -8.95
N GLY C 85 42.31 14.77 -8.45
CA GLY C 85 42.22 15.58 -7.26
C GLY C 85 41.73 14.84 -6.03
N ILE C 86 41.58 13.52 -6.09
CA ILE C 86 40.94 12.79 -5.00
C ILE C 86 41.87 11.67 -4.53
N GLY C 87 42.12 11.62 -3.23
CA GLY C 87 42.99 10.60 -2.66
C GLY C 87 44.44 10.67 -3.07
N LYS C 88 44.94 11.83 -3.48
CA LYS C 88 46.32 12.02 -3.88
C LYS C 88 47.05 12.92 -2.89
N GLU C 89 48.38 12.93 -2.99
CA GLU C 89 49.14 13.90 -2.22
C GLU C 89 48.83 15.28 -2.77
N LEU C 90 48.28 16.16 -1.94
CA LEU C 90 47.78 17.43 -2.45
C LEU C 90 48.89 18.45 -2.67
N ILE C 91 49.83 18.54 -1.75
CA ILE C 91 50.89 19.55 -1.79
C ILE C 91 52.21 18.83 -1.63
N VAL C 92 53.08 18.96 -2.62
CA VAL C 92 54.41 18.34 -2.58
C VAL C 92 55.42 19.47 -2.57
N ASP C 93 56.17 19.58 -1.48
CA ASP C 93 56.94 20.79 -1.20
C ASP C 93 58.00 20.42 -0.19
N ASP C 94 59.27 20.50 -0.58
CA ASP C 94 60.39 20.23 0.32
C ASP C 94 60.85 21.45 1.09
N ILE C 95 60.53 22.66 0.64
CA ILE C 95 61.19 23.88 1.08
C ILE C 95 60.30 24.69 2.02
N SER C 96 59.05 24.93 1.63
CA SER C 96 58.17 25.81 2.40
C SER C 96 57.98 25.29 3.82
N ASP C 97 57.86 26.23 4.77
CA ASP C 97 57.37 25.86 6.09
C ASP C 97 55.95 25.33 5.98
N VAL C 98 55.68 24.23 6.67
CA VAL C 98 54.36 23.62 6.58
C VAL C 98 53.29 24.59 7.07
N THR C 99 53.54 25.27 8.17
CA THR C 99 52.50 26.14 8.72
C THR C 99 52.40 27.47 7.98
N SER C 100 53.06 27.61 6.84
CA SER C 100 52.73 28.72 5.95
C SER C 100 51.48 28.43 5.14
N PHE C 101 51.05 27.17 5.10
CA PHE C 101 49.75 26.81 4.57
C PHE C 101 48.73 26.90 5.70
N TYR C 102 47.51 27.33 5.37
CA TYR C 102 46.53 27.62 6.40
C TYR C 102 45.14 27.57 5.77
N PRO C 103 44.11 27.32 6.56
CA PRO C 103 42.75 27.24 6.02
C PRO C 103 42.12 28.62 5.86
N SER C 104 41.37 28.77 4.77
CA SER C 104 40.49 29.91 4.59
C SER C 104 39.40 29.92 5.65
N ALA C 105 38.60 30.97 5.66
CA ALA C 105 37.32 30.95 6.38
C ALA C 105 36.44 29.82 5.86
N TYR C 106 35.52 29.34 6.70
CA TYR C 106 34.61 28.30 6.23
C TYR C 106 33.80 28.81 5.06
N GLN C 107 33.52 27.89 4.13
CA GLN C 107 32.87 28.19 2.87
C GLN C 107 31.54 27.49 2.80
N GLU C 108 30.56 28.18 2.20
CA GLU C 108 29.28 27.55 1.94
C GLU C 108 29.41 26.55 0.81
N HIS C 109 28.71 25.43 0.96
CA HIS C 109 28.60 24.43 -0.07
C HIS C 109 27.27 23.76 0.22
N LEU C 110 27.09 22.53 -0.18
CA LEU C 110 25.82 21.86 0.03
C LEU C 110 25.94 20.94 1.25
N ASN C 111 25.25 21.26 2.33
CA ASN C 111 25.34 20.45 3.53
C ASN C 111 24.61 19.15 3.29
N PHE C 112 25.37 18.08 3.03
CA PHE C 112 24.79 16.77 2.74
C PHE C 112 24.47 15.96 4.01
N ILE C 113 24.58 16.51 5.21
CA ILE C 113 24.43 15.71 6.42
C ILE C 113 23.13 16.12 7.11
N PRO C 114 22.17 15.21 7.28
CA PRO C 114 20.92 15.53 7.98
C PRO C 114 21.15 15.96 9.43
N ALA C 115 20.51 17.06 9.82
CA ALA C 115 20.48 17.55 11.19
C ALA C 115 19.23 17.01 11.90
N PRO C 116 19.21 16.95 13.24
CA PRO C 116 18.01 16.46 13.94
C PRO C 116 16.80 17.33 13.64
N THR C 117 15.61 16.74 13.82
CA THR C 117 14.35 17.44 13.56
C THR C 117 13.46 17.47 14.79
N THR C 118 13.98 17.06 15.95
CA THR C 118 13.23 17.10 17.20
C THR C 118 14.15 17.52 18.33
N GLY C 119 13.55 17.83 19.47
CA GLY C 119 14.33 18.37 20.57
C GLY C 119 15.30 17.39 21.18
N SER C 120 14.98 16.10 21.16
CA SER C 120 15.82 15.09 21.79
C SER C 120 16.60 14.23 20.81
N GLY C 121 16.38 14.38 19.50
CA GLY C 121 17.03 13.53 18.52
C GLY C 121 18.56 13.55 18.60
N CYS C 122 19.17 12.38 18.56
CA CYS C 122 20.62 12.24 18.67
C CYS C 122 21.21 11.76 17.35
N THR C 123 21.97 12.62 16.65
CA THR C 123 22.79 12.24 15.51
C THR C 123 24.25 12.34 15.93
N ARG C 124 24.96 11.21 15.95
CA ARG C 124 26.35 11.18 16.40
C ARG C 124 27.14 10.12 15.64
N ILE C 125 28.46 10.17 15.82
CA ILE C 125 29.39 9.12 15.35
C ILE C 125 29.49 9.12 13.83
N PRO C 126 29.99 10.19 13.22
CA PRO C 126 30.08 10.22 11.76
C PRO C 126 31.25 9.38 11.24
N SER C 127 31.05 8.80 10.06
CA SER C 127 32.11 8.10 9.34
C SER C 127 32.05 8.51 7.88
N PHE C 128 33.21 8.71 7.25
CA PHE C 128 33.29 9.25 5.90
C PHE C 128 34.48 8.67 5.17
N ASP C 129 34.27 8.24 3.93
CA ASP C 129 35.38 7.84 3.07
C ASP C 129 35.02 8.22 1.64
N MET C 130 36.02 8.62 0.87
CA MET C 130 35.80 9.01 -0.53
C MET C 130 36.86 8.38 -1.41
N SER C 131 36.42 7.61 -2.42
CA SER C 131 37.31 7.07 -3.44
C SER C 131 37.34 7.99 -4.64
N THR C 132 38.13 7.63 -5.67
CA THR C 132 38.15 8.41 -6.91
C THR C 132 36.85 8.30 -7.70
N THR C 133 35.85 7.53 -7.26
CA THR C 133 34.56 7.55 -7.95
C THR C 133 33.39 8.04 -7.11
N HIS C 134 33.35 7.80 -5.79
CA HIS C 134 32.19 8.26 -5.01
C HIS C 134 32.57 8.41 -3.54
N TYR C 135 31.68 9.06 -2.79
CA TYR C 135 31.88 9.13 -1.34
C TYR C 135 30.80 8.35 -0.62
N CYS C 136 31.13 7.96 0.61
CA CYS C 136 30.23 7.28 1.53
C CYS C 136 30.20 8.00 2.87
N TYR C 137 29.01 8.09 3.46
CA TYR C 137 28.85 8.78 4.73
C TYR C 137 27.84 8.05 5.59
N THR C 138 28.10 7.93 6.90
CA THR C 138 27.07 7.40 7.79
C THR C 138 27.16 8.08 9.16
N HIS C 139 26.03 8.11 9.88
CA HIS C 139 26.04 8.46 11.30
C HIS C 139 24.92 7.71 12.02
N ASN C 140 25.05 7.60 13.34
CA ASN C 140 24.10 6.85 14.16
C ASN C 140 23.02 7.78 14.67
N VAL C 141 21.79 7.27 14.76
CA VAL C 141 20.63 8.05 15.17
C VAL C 141 19.93 7.37 16.33
N ILE C 142 19.73 8.10 17.41
CA ILE C 142 18.89 7.59 18.50
C ILE C 142 17.76 8.59 18.73
N LEU C 143 16.53 8.08 18.82
CA LEU C 143 15.36 8.95 18.89
C LEU C 143 15.31 9.77 20.18
N SER C 144 15.72 9.19 21.31
CA SER C 144 15.41 9.75 22.61
C SER C 144 16.56 10.43 23.33
N GLY C 145 17.75 10.46 22.76
CA GLY C 145 18.90 11.04 23.42
C GLY C 145 20.12 10.18 23.19
N CYS C 146 21.30 10.76 23.41
CA CYS C 146 22.53 10.14 22.93
C CYS C 146 23.02 8.98 23.78
N ARG C 147 22.53 8.81 25.01
CA ARG C 147 22.99 7.72 25.86
C ARG C 147 21.95 6.62 26.02
N ASP C 148 20.94 6.57 25.15
CA ASP C 148 20.01 5.44 25.17
C ASP C 148 20.64 4.26 24.44
N HIS C 149 20.65 3.09 25.10
CA HIS C 149 21.30 1.91 24.56
C HIS C 149 20.36 0.97 23.82
N SER C 150 19.04 1.16 23.93
CA SER C 150 18.10 0.12 23.54
C SER C 150 18.05 -0.06 22.02
N HIS C 151 17.85 1.03 21.29
CA HIS C 151 17.67 0.95 19.85
C HIS C 151 18.31 2.15 19.19
N SER C 152 18.76 1.96 17.94
CA SER C 152 19.28 3.05 17.14
C SER C 152 19.13 2.65 15.67
N HIS C 153 19.35 3.61 14.78
CA HIS C 153 19.45 3.33 13.34
C HIS C 153 20.60 4.11 12.74
N GLN C 154 20.96 3.78 11.50
CA GLN C 154 22.03 4.48 10.81
C GLN C 154 21.48 5.26 9.63
N TYR C 155 21.94 6.48 9.46
CA TYR C 155 21.74 7.20 8.21
C TYR C 155 22.92 6.85 7.30
N LEU C 156 22.63 6.49 6.05
CA LEU C 156 23.67 6.11 5.10
C LEU C 156 23.52 6.92 3.81
N ALA C 157 24.62 7.46 3.28
CA ALA C 157 24.58 8.21 2.04
C ALA C 157 25.70 7.76 1.10
N LEU C 158 25.35 7.61 -0.17
CA LEU C 158 26.29 7.38 -1.27
C LEU C 158 26.12 8.54 -2.25
N GLY C 159 27.23 9.19 -2.60
CA GLY C 159 27.14 10.40 -3.40
C GLY C 159 28.39 10.65 -4.21
N VAL C 160 28.36 11.75 -4.98
CA VAL C 160 29.48 12.13 -5.84
C VAL C 160 29.75 13.62 -5.67
N LEU C 161 31.01 14.01 -5.86
CA LEU C 161 31.41 15.40 -5.82
C LEU C 161 31.08 16.07 -7.15
N ARG C 162 30.57 17.29 -7.08
CA ARG C 162 30.15 18.06 -8.24
C ARG C 162 30.70 19.47 -8.11
N THR C 163 30.63 20.22 -9.22
CA THR C 163 30.87 21.66 -9.20
C THR C 163 29.66 22.36 -9.83
N SER C 164 29.26 23.48 -9.25
CA SER C 164 28.29 24.30 -9.94
C SER C 164 28.95 24.99 -11.14
N ALA C 165 28.14 25.73 -11.91
CA ALA C 165 28.65 26.42 -13.09
C ALA C 165 29.73 27.43 -12.73
N THR C 166 29.68 27.99 -11.52
CA THR C 166 30.67 28.95 -11.06
C THR C 166 31.89 28.29 -10.42
N GLY C 167 31.96 26.97 -10.40
CA GLY C 167 33.11 26.29 -9.83
C GLY C 167 32.99 25.96 -8.36
N ARG C 168 31.86 26.25 -7.71
CA ARG C 168 31.72 25.97 -6.30
C ARG C 168 31.47 24.47 -6.07
N VAL C 169 32.17 23.92 -5.08
CA VAL C 169 31.98 22.53 -4.66
C VAL C 169 30.54 22.26 -4.19
N PHE C 170 29.97 21.12 -4.59
CA PHE C 170 28.87 20.56 -3.81
C PHE C 170 28.92 19.04 -3.82
N PHE C 171 28.68 18.46 -2.64
CA PHE C 171 28.50 17.02 -2.44
C PHE C 171 27.06 16.69 -2.79
N SER C 172 26.89 15.86 -3.81
CA SER C 172 25.58 15.52 -4.39
C SER C 172 25.26 14.07 -4.05
N THR C 173 24.44 13.86 -3.02
CA THR C 173 24.09 12.50 -2.62
C THR C 173 23.10 11.90 -3.62
N LEU C 174 23.33 10.64 -3.99
CA LEU C 174 22.51 9.88 -4.92
C LEU C 174 21.59 8.87 -4.23
N ARG C 175 22.06 8.27 -3.15
CA ARG C 175 21.31 7.28 -2.37
C ARG C 175 21.34 7.73 -0.92
N SER C 176 20.17 8.00 -0.36
CA SER C 176 20.01 8.59 0.96
C SER C 176 18.97 7.75 1.70
N ILE C 177 19.40 6.96 2.68
CA ILE C 177 18.48 6.03 3.34
C ILE C 177 18.70 6.01 4.84
N ASN C 178 17.64 5.59 5.54
CA ASN C 178 17.72 5.18 6.93
C ASN C 178 17.72 3.66 6.96
N LEU C 179 18.71 3.10 7.64
CA LEU C 179 18.76 1.66 7.90
C LEU C 179 18.30 1.46 9.34
N ASP C 180 17.05 1.01 9.50
CA ASP C 180 16.41 0.91 10.81
C ASP C 180 15.60 -0.37 10.88
N ASP C 181 16.09 -1.35 11.63
CA ASP C 181 15.37 -2.63 11.80
C ASP C 181 15.48 -3.02 13.28
N THR C 182 15.36 -4.30 13.60
CA THR C 182 15.39 -4.67 15.01
C THR C 182 16.82 -4.81 15.55
N GLN C 183 17.83 -4.70 14.70
CA GLN C 183 19.21 -4.84 15.12
C GLN C 183 19.79 -3.48 15.52
N ASN C 184 20.69 -3.51 16.49
CA ASN C 184 21.32 -2.29 17.00
C ASN C 184 22.75 -2.24 16.49
N ARG C 185 22.97 -1.53 15.38
CA ARG C 185 24.28 -1.42 14.76
C ARG C 185 25.02 -0.23 15.36
N LYS C 186 26.21 -0.47 15.91
CA LYS C 186 26.95 0.58 16.61
C LYS C 186 28.38 0.68 16.11
N SER C 187 28.95 1.86 16.34
CA SER C 187 30.38 2.13 16.10
C SER C 187 30.77 1.86 14.65
N CYS C 188 29.88 2.20 13.71
CA CYS C 188 30.01 1.80 12.31
C CYS C 188 31.05 2.63 11.55
N SER C 189 31.85 1.94 10.73
CA SER C 189 32.80 2.55 9.80
C SER C 189 32.35 2.31 8.37
N VAL C 190 32.53 3.29 7.48
CA VAL C 190 32.21 3.09 6.08
C VAL C 190 33.46 3.22 5.21
N SER C 191 33.37 2.65 4.01
CA SER C 191 34.44 2.76 3.03
C SER C 191 33.85 2.69 1.62
N ALA C 192 34.33 3.56 0.74
CA ALA C 192 33.93 3.55 -0.66
C ALA C 192 34.71 2.50 -1.44
N THR C 193 34.00 1.47 -1.93
CA THR C 193 34.60 0.38 -2.69
C THR C 193 34.02 0.39 -4.10
N PRO C 194 34.57 -0.39 -5.04
CA PRO C 194 34.00 -0.38 -6.40
C PRO C 194 32.57 -0.90 -6.49
N LEU C 195 32.05 -1.53 -5.43
CA LEU C 195 30.67 -2.02 -5.44
C LEU C 195 29.71 -1.08 -4.71
N GLY C 196 30.21 -0.02 -4.08
CA GLY C 196 29.31 0.86 -3.38
C GLY C 196 29.87 1.35 -2.06
N CYS C 197 29.03 1.40 -1.02
CA CYS C 197 29.44 1.91 0.28
C CYS C 197 29.43 0.74 1.26
N ASP C 198 30.62 0.24 1.57
CA ASP C 198 30.75 -0.86 2.51
C ASP C 198 30.73 -0.33 3.95
N MET C 199 30.09 -1.09 4.83
CA MET C 199 29.95 -0.70 6.22
C MET C 199 30.34 -1.89 7.10
N LEU C 200 31.11 -1.62 8.14
CA LEU C 200 31.38 -2.58 9.20
C LEU C 200 30.77 -2.05 10.48
N CYS C 201 29.91 -2.84 11.10
CA CYS C 201 29.23 -2.42 12.32
C CYS C 201 29.32 -3.56 13.32
N SER C 202 29.29 -3.22 14.60
CA SER C 202 29.00 -4.19 15.63
C SER C 202 27.50 -4.21 15.87
N LYS C 203 26.93 -5.41 16.00
CA LYS C 203 25.53 -5.58 16.37
C LYS C 203 25.51 -5.89 17.85
N VAL C 204 25.14 -4.90 18.66
CA VAL C 204 25.29 -5.01 20.10
C VAL C 204 23.95 -5.39 20.72
N THR C 205 24.00 -6.24 21.74
CA THR C 205 22.85 -6.60 22.54
C THR C 205 23.04 -6.20 24.00
N GLU C 206 24.15 -5.55 24.34
CA GLU C 206 24.45 -5.15 25.70
C GLU C 206 25.44 -4.00 25.64
N THR C 207 25.62 -3.32 26.76
CA THR C 207 26.54 -2.19 26.77
C THR C 207 27.99 -2.66 26.62
N GLU C 208 28.85 -1.69 26.29
CA GLU C 208 30.29 -1.97 26.22
C GLU C 208 30.78 -2.58 27.53
N GLU C 209 30.37 -2.00 28.66
CA GLU C 209 30.77 -2.50 29.97
C GLU C 209 30.34 -3.95 30.16
N GLU C 210 29.10 -4.28 29.75
CA GLU C 210 28.63 -5.66 29.87
C GLU C 210 29.37 -6.56 28.90
N ASP C 211 29.68 -6.06 27.70
CA ASP C 211 30.38 -6.87 26.71
C ASP C 211 31.76 -7.30 27.22
N TYR C 212 32.49 -6.39 27.85
CA TYR C 212 33.80 -6.76 28.38
C TYR C 212 33.72 -7.82 29.46
N LYS C 213 32.54 -8.03 30.06
CA LYS C 213 32.39 -9.05 31.09
C LYS C 213 31.82 -10.36 30.58
N SER C 214 31.31 -10.42 29.36
CA SER C 214 30.80 -11.68 28.83
C SER C 214 31.87 -12.34 27.96
N VAL C 215 31.87 -13.67 27.96
CA VAL C 215 32.96 -14.40 27.32
C VAL C 215 32.87 -14.31 25.79
N ALA C 216 31.66 -14.27 25.22
CA ALA C 216 31.59 -14.31 23.77
C ALA C 216 32.01 -12.98 23.15
N PRO C 217 32.62 -13.00 21.97
CA PRO C 217 32.94 -11.74 21.30
C PRO C 217 31.68 -11.04 20.81
N THR C 218 31.85 -9.75 20.51
CA THR C 218 30.75 -8.95 19.99
C THR C 218 30.41 -9.38 18.55
N SER C 219 29.12 -9.49 18.25
CA SER C 219 28.70 -9.77 16.88
C SER C 219 29.03 -8.59 15.97
N MET C 220 29.33 -8.91 14.70
CA MET C 220 29.73 -7.90 13.73
C MET C 220 29.11 -8.23 12.38
N VAL C 221 28.91 -7.19 11.57
CA VAL C 221 28.24 -7.36 10.28
C VAL C 221 28.97 -6.55 9.20
N HIS C 222 29.05 -7.11 8.00
CA HIS C 222 29.58 -6.43 6.82
C HIS C 222 28.40 -6.13 5.91
N GLY C 223 28.10 -4.84 5.72
CA GLY C 223 26.99 -4.42 4.91
C GLY C 223 27.47 -3.61 3.71
N ARG C 224 26.58 -3.42 2.74
CA ARG C 224 26.92 -2.55 1.62
C ARG C 224 25.67 -1.88 1.07
N LEU C 225 25.73 -0.56 0.90
CA LEU C 225 24.74 0.17 0.14
C LEU C 225 25.24 0.24 -1.30
N GLY C 226 24.54 -0.43 -2.21
CA GLY C 226 24.95 -0.47 -3.59
C GLY C 226 24.53 0.77 -4.35
N PHE C 227 25.10 0.92 -5.56
CA PHE C 227 24.74 2.04 -6.43
C PHE C 227 23.27 2.04 -6.78
N ASP C 228 22.59 0.90 -6.68
CA ASP C 228 21.15 0.85 -6.90
C ASP C 228 20.36 1.30 -5.69
N GLY C 229 21.02 1.67 -4.59
CA GLY C 229 20.32 2.09 -3.40
C GLY C 229 19.78 0.96 -2.55
N GLN C 230 20.08 -0.28 -2.87
CA GLN C 230 19.70 -1.41 -2.04
C GLN C 230 20.81 -1.72 -1.04
N TYR C 231 20.41 -2.08 0.17
CA TYR C 231 21.34 -2.45 1.24
C TYR C 231 21.30 -3.95 1.47
N HIS C 232 22.49 -4.58 1.52
CA HIS C 232 22.58 -5.98 1.91
C HIS C 232 23.69 -6.15 2.96
N GLU C 233 23.56 -7.17 3.81
CA GLU C 233 24.58 -7.38 4.81
C GLU C 233 24.72 -8.87 5.13
N LYS C 234 25.87 -9.18 5.73
CA LYS C 234 26.20 -10.54 6.15
C LYS C 234 26.90 -10.47 7.50
N ASP C 235 26.45 -11.29 8.44
CA ASP C 235 27.11 -11.35 9.74
C ASP C 235 28.45 -12.07 9.59
N LEU C 236 29.50 -11.51 10.20
CA LEU C 236 30.79 -12.18 10.23
C LEU C 236 30.79 -13.30 11.25
N ASP C 237 31.64 -14.31 11.03
CA ASP C 237 31.81 -15.45 11.94
C ASP C 237 32.74 -15.04 13.09
N THR C 238 32.22 -14.14 13.94
CA THR C 238 33.05 -13.60 15.03
C THR C 238 33.44 -14.67 16.03
N THR C 239 32.62 -15.72 16.19
CA THR C 239 32.98 -16.78 17.12
C THR C 239 34.34 -17.37 16.77
N VAL C 240 34.69 -17.40 15.50
CA VAL C 240 36.00 -17.85 15.04
C VAL C 240 36.96 -16.68 14.84
N LEU C 241 36.52 -15.67 14.09
CA LEU C 241 37.35 -14.53 13.71
C LEU C 241 37.85 -13.77 14.95
N PHE C 242 36.99 -13.56 15.93
CA PHE C 242 37.34 -12.85 17.17
C PHE C 242 37.29 -13.78 18.39
N LYS C 243 37.70 -15.04 18.23
CA LYS C 243 37.57 -15.98 19.34
C LYS C 243 38.39 -15.55 20.55
N ASP C 244 39.48 -14.82 20.35
CA ASP C 244 40.31 -14.37 21.47
C ASP C 244 39.81 -13.08 22.13
N TRP C 245 38.66 -12.56 21.72
CA TRP C 245 38.21 -11.25 22.15
C TRP C 245 36.97 -11.37 23.02
N VAL C 246 36.84 -10.47 24.00
CA VAL C 246 35.60 -10.35 24.76
C VAL C 246 34.71 -9.25 24.19
N ALA C 247 35.28 -8.26 23.53
CA ALA C 247 34.51 -7.18 22.96
C ALA C 247 35.29 -6.65 21.76
N ASN C 248 34.57 -6.17 20.75
CA ASN C 248 35.23 -5.79 19.51
C ASN C 248 34.30 -4.93 18.68
N TYR C 249 34.81 -3.81 18.19
CA TYR C 249 34.05 -2.78 17.51
C TYR C 249 34.83 -2.26 16.31
N PRO C 250 34.15 -1.83 15.25
CA PRO C 250 34.83 -1.04 14.23
C PRO C 250 35.27 0.29 14.86
N GLY C 251 36.26 0.90 14.23
CA GLY C 251 36.89 2.06 14.80
C GLY C 251 36.25 3.40 14.49
N VAL C 252 35.05 3.41 13.92
CA VAL C 252 34.29 4.61 13.58
C VAL C 252 34.85 5.33 12.35
N GLY C 253 36.12 5.71 12.40
CA GLY C 253 36.71 6.35 11.24
C GLY C 253 36.58 5.50 9.98
N GLY C 254 36.62 6.16 8.83
CA GLY C 254 36.43 5.45 7.57
C GLY C 254 37.44 4.34 7.36
N GLY C 255 37.02 3.34 6.59
CA GLY C 255 37.96 2.38 6.03
C GLY C 255 38.44 2.79 4.65
N SER C 256 39.26 1.93 4.05
CA SER C 256 39.87 2.23 2.75
C SER C 256 39.90 0.97 1.89
N PHE C 257 39.61 1.14 0.61
CA PHE C 257 39.74 0.06 -0.37
C PHE C 257 41.17 0.06 -0.92
N ILE C 258 41.88 -1.04 -0.73
CA ILE C 258 43.27 -1.19 -1.14
C ILE C 258 43.45 -2.59 -1.71
N ASP C 259 43.97 -2.69 -2.94
CA ASP C 259 44.34 -3.99 -3.53
C ASP C 259 43.22 -5.04 -3.36
N ASP C 260 42.05 -4.75 -3.95
CA ASP C 260 40.92 -5.69 -3.92
C ASP C 260 40.32 -6.02 -2.55
N ARG C 261 40.81 -5.41 -1.47
CA ARG C 261 40.23 -5.59 -0.14
C ARG C 261 39.79 -4.26 0.43
N VAL C 262 38.81 -4.32 1.32
CA VAL C 262 38.43 -3.17 2.12
C VAL C 262 39.00 -3.37 3.51
N TRP C 263 39.55 -2.29 4.07
CA TRP C 263 40.36 -2.35 5.29
C TRP C 263 39.74 -1.43 6.33
N PHE C 264 39.47 -1.99 7.52
CA PHE C 264 38.75 -1.29 8.58
C PHE C 264 39.57 -1.25 9.86
N PRO C 265 39.57 -0.14 10.59
CA PRO C 265 40.13 -0.14 11.94
C PRO C 265 39.20 -0.85 12.90
N VAL C 266 39.78 -1.55 13.88
CA VAL C 266 39.02 -2.28 14.88
C VAL C 266 39.70 -2.05 16.24
N TYR C 267 38.92 -2.13 17.32
CA TYR C 267 39.47 -2.18 18.66
C TYR C 267 38.52 -2.93 19.59
N GLY C 268 39.02 -3.28 20.76
CA GLY C 268 38.23 -4.06 21.69
C GLY C 268 39.10 -4.61 22.80
N GLY C 269 38.53 -5.56 23.54
CA GLY C 269 39.20 -6.20 24.66
C GLY C 269 39.54 -7.65 24.33
N LEU C 270 40.71 -8.09 24.80
CA LEU C 270 41.12 -9.46 24.61
C LEU C 270 40.78 -10.31 25.83
N LYS C 271 40.43 -11.57 25.57
CA LYS C 271 40.28 -12.54 26.65
C LYS C 271 41.59 -12.67 27.41
N PRO C 272 41.58 -12.54 28.74
CA PRO C 272 42.82 -12.78 29.50
C PRO C 272 43.35 -14.17 29.22
N ASN C 273 44.65 -14.23 28.91
CA ASN C 273 45.40 -15.46 28.67
C ASN C 273 45.02 -16.19 27.38
N SER C 274 44.19 -15.58 26.53
CA SER C 274 44.02 -16.09 25.18
C SER C 274 45.35 -15.99 24.43
N PRO C 275 45.51 -16.73 23.32
CA PRO C 275 46.78 -16.61 22.57
C PRO C 275 47.09 -15.19 22.11
N SER C 276 46.08 -14.43 21.70
CA SER C 276 46.31 -13.04 21.30
C SER C 276 46.72 -12.19 22.49
N ASP C 277 46.12 -12.43 23.66
CA ASP C 277 46.50 -11.71 24.87
C ASP C 277 47.93 -12.07 25.29
N THR C 278 48.28 -13.35 25.19
CA THR C 278 49.62 -13.80 25.58
C THR C 278 50.67 -13.20 24.66
N ALA C 279 50.36 -13.06 23.37
CA ALA C 279 51.31 -12.51 22.42
C ALA C 279 51.64 -11.05 22.71
N GLN C 280 50.82 -10.36 23.50
CA GLN C 280 51.05 -8.94 23.81
C GLN C 280 51.63 -8.73 25.21
N GLU C 281 51.80 -9.80 26.00
CA GLU C 281 52.30 -9.64 27.36
C GLU C 281 53.73 -9.10 27.33
N GLY C 282 53.96 -8.02 28.09
CA GLY C 282 55.24 -7.37 28.12
C GLY C 282 55.45 -6.31 27.06
N LYS C 283 54.58 -6.24 26.06
CA LYS C 283 54.71 -5.27 24.98
C LYS C 283 54.12 -3.93 25.40
N TYR C 284 54.80 -2.85 25.02
CA TYR C 284 54.44 -1.49 25.37
C TYR C 284 55.30 -0.58 24.50
N VAL C 285 54.90 0.68 24.39
CA VAL C 285 55.76 1.68 23.78
C VAL C 285 55.47 3.04 24.42
N ILE C 286 56.52 3.82 24.64
CA ILE C 286 56.41 5.16 25.21
C ILE C 286 56.64 6.17 24.09
N TYR C 287 55.61 6.96 23.77
CA TYR C 287 55.76 8.06 22.84
C TYR C 287 55.80 9.38 23.62
N LYS C 288 56.62 10.32 23.14
CA LYS C 288 57.04 11.47 23.94
C LYS C 288 56.59 12.78 23.31
N ARG C 289 56.44 13.79 24.16
CA ARG C 289 56.17 15.15 23.69
C ARG C 289 57.45 15.81 23.22
N HIS C 290 57.31 16.69 22.23
CA HIS C 290 58.45 17.43 21.69
C HIS C 290 58.99 18.42 22.72
N ASN C 291 60.29 18.31 23.02
CA ASN C 291 60.95 19.29 23.88
C ASN C 291 60.19 19.45 25.20
N ASN C 292 59.77 18.31 25.77
CA ASN C 292 58.96 18.33 26.98
C ASN C 292 59.06 16.99 27.68
N THR C 293 60.16 16.79 28.40
CA THR C 293 60.53 15.49 28.96
C THR C 293 59.65 15.10 30.13
N CYS C 294 59.26 13.83 30.18
CA CYS C 294 58.66 13.30 31.40
C CYS C 294 59.73 13.26 32.48
N PRO C 295 59.50 13.88 33.65
CA PRO C 295 60.51 13.83 34.72
C PRO C 295 60.52 12.52 35.49
N ASP C 296 59.47 11.71 35.38
CA ASP C 296 59.45 10.40 36.02
C ASP C 296 60.65 9.58 35.54
N GLU C 297 61.07 8.64 36.36
CA GLU C 297 62.25 7.91 35.91
C GLU C 297 61.84 6.75 35.01
N GLN C 298 62.79 6.36 34.15
CA GLN C 298 62.54 5.45 33.02
C GLN C 298 61.85 4.16 33.47
N ASP C 299 62.28 3.61 34.59
CA ASP C 299 61.67 2.41 35.14
C ASP C 299 60.21 2.60 35.47
N TYR C 300 59.88 3.73 36.09
CA TYR C 300 58.49 4.02 36.41
C TYR C 300 57.66 4.24 35.16
N GLN C 301 58.24 4.91 34.17
CA GLN C 301 57.53 5.15 32.90
C GLN C 301 57.18 3.84 32.22
N ILE C 302 58.06 2.84 32.31
CA ILE C 302 57.81 1.57 31.65
C ILE C 302 56.65 0.85 32.34
N ARG C 303 56.64 0.82 33.67
CA ARG C 303 55.51 0.26 34.41
C ARG C 303 54.20 0.94 34.04
N MET C 304 54.23 2.27 33.93
CA MET C 304 53.00 2.99 33.60
C MET C 304 52.57 2.74 32.16
N ALA C 305 53.52 2.61 31.25
CA ALA C 305 53.18 2.32 29.86
C ALA C 305 52.58 0.92 29.71
N LYS C 306 53.13 -0.06 30.43
CA LYS C 306 52.53 -1.38 30.44
C LYS C 306 51.11 -1.35 30.98
N SER C 307 50.89 -0.65 32.10
CA SER C 307 49.54 -0.65 32.66
C SER C 307 48.54 0.14 31.82
N SER C 308 49.00 0.99 30.89
CA SER C 308 48.07 1.74 30.05
C SER C 308 47.27 0.85 29.08
N TYR C 309 47.74 -0.38 28.82
CA TYR C 309 46.99 -1.29 27.96
C TYR C 309 45.85 -1.99 28.70
N LYS C 310 45.80 -1.87 30.03
CA LYS C 310 44.79 -2.56 30.86
C LYS C 310 44.14 -1.52 31.76
N PRO C 311 43.34 -0.62 31.20
CA PRO C 311 42.77 0.47 32.01
C PRO C 311 41.73 -0.04 32.99
N GLY C 312 41.48 0.78 34.03
CA GLY C 312 40.62 0.36 35.12
C GLY C 312 39.15 0.21 34.75
N ARG C 313 38.68 0.98 33.76
CA ARG C 313 37.26 1.01 33.42
C ARG C 313 36.70 -0.40 33.19
N PHE C 314 37.43 -1.24 32.46
CA PHE C 314 36.97 -2.58 32.11
C PHE C 314 37.68 -3.66 32.94
N GLY C 315 38.18 -3.28 34.12
CA GLY C 315 38.66 -4.28 35.05
C GLY C 315 39.94 -4.97 34.65
N GLY C 316 40.81 -4.31 33.89
CA GLY C 316 42.14 -4.83 33.64
C GLY C 316 42.27 -5.73 32.43
N LYS C 317 41.24 -5.88 31.61
CA LYS C 317 41.40 -6.56 30.34
C LYS C 317 42.23 -5.70 29.40
N ARG C 318 43.04 -6.34 28.56
CA ARG C 318 43.85 -5.58 27.61
C ARG C 318 42.97 -5.02 26.50
N VAL C 319 43.08 -3.71 26.25
CA VAL C 319 42.33 -3.02 25.21
C VAL C 319 43.24 -2.86 24.00
N GLN C 320 42.85 -3.45 22.87
CA GLN C 320 43.78 -3.81 21.79
C GLN C 320 43.37 -3.18 20.45
N GLN C 321 44.36 -2.64 19.74
CA GLN C 321 44.17 -2.17 18.37
C GLN C 321 44.22 -3.34 17.39
N ALA C 322 43.39 -3.27 16.34
CA ALA C 322 43.51 -4.26 15.26
C ALA C 322 43.06 -3.63 13.93
N ILE C 323 43.24 -4.39 12.85
CA ILE C 323 42.82 -4.00 11.50
C ILE C 323 42.17 -5.21 10.84
N LEU C 324 41.01 -5.01 10.24
CA LEU C 324 40.28 -6.08 9.58
C LEU C 324 40.20 -5.80 8.08
N SER C 325 40.58 -6.77 7.27
CA SER C 325 40.40 -6.68 5.83
C SER C 325 39.38 -7.71 5.38
N ILE C 326 38.60 -7.35 4.36
CA ILE C 326 37.58 -8.22 3.78
C ILE C 326 37.73 -8.16 2.27
N LYS C 327 37.66 -9.32 1.61
CA LYS C 327 37.60 -9.33 0.15
C LYS C 327 36.34 -8.63 -0.34
N VAL C 328 36.49 -7.68 -1.26
CA VAL C 328 35.33 -6.98 -1.81
C VAL C 328 34.72 -7.86 -2.90
N SER C 329 33.44 -8.19 -2.75
CA SER C 329 32.79 -9.12 -3.63
C SER C 329 31.29 -8.95 -3.45
N THR C 330 30.52 -9.42 -4.43
CA THR C 330 29.07 -9.44 -4.26
C THR C 330 28.66 -10.34 -3.09
N SER C 331 29.55 -11.22 -2.65
CA SER C 331 29.37 -11.96 -1.39
C SER C 331 29.93 -11.12 -0.25
N LEU C 332 29.06 -10.64 0.61
CA LEU C 332 29.55 -9.88 1.75
C LEU C 332 30.24 -10.81 2.73
N GLY C 333 31.15 -10.25 3.53
CA GLY C 333 31.87 -11.02 4.52
C GLY C 333 32.87 -12.03 3.97
N LYS C 334 33.31 -11.85 2.73
CA LYS C 334 34.16 -12.84 2.09
C LYS C 334 35.58 -12.77 2.63
N ASP C 335 36.04 -13.89 3.21
CA ASP C 335 37.44 -14.08 3.58
C ASP C 335 38.00 -12.96 4.46
N PRO C 336 37.39 -12.69 5.61
CA PRO C 336 37.92 -11.64 6.48
C PRO C 336 39.19 -12.11 7.17
N VAL C 337 40.12 -11.17 7.37
CA VAL C 337 41.40 -11.49 7.99
C VAL C 337 41.70 -10.39 8.99
N LEU C 338 41.93 -10.77 10.24
CA LEU C 338 42.22 -9.82 11.31
C LEU C 338 43.73 -9.72 11.50
N THR C 339 44.24 -8.49 11.47
CA THR C 339 45.63 -8.23 11.78
C THR C 339 45.72 -7.55 13.14
N ILE C 340 46.57 -8.08 14.02
CA ILE C 340 46.81 -7.46 15.31
C ILE C 340 48.27 -6.99 15.36
N PRO C 341 48.53 -5.69 15.33
CA PRO C 341 49.92 -5.21 15.42
C PRO C 341 50.49 -5.42 16.81
N PRO C 342 51.82 -5.47 16.94
CA PRO C 342 52.41 -5.59 18.28
C PRO C 342 52.31 -4.28 19.05
N ASN C 343 52.11 -4.39 20.35
CA ASN C 343 52.00 -3.20 21.18
C ASN C 343 53.36 -2.57 21.48
N THR C 344 54.42 -3.08 20.87
CA THR C 344 55.65 -2.32 20.77
C THR C 344 55.56 -1.21 19.72
N ILE C 345 54.48 -1.17 18.95
CA ILE C 345 54.22 -0.11 18.01
C ILE C 345 52.98 0.69 18.39
N THR C 346 51.86 0.00 18.67
CA THR C 346 50.60 0.67 18.96
C THR C 346 50.42 0.92 20.46
N LEU C 347 49.75 2.02 20.76
CA LEU C 347 49.25 2.30 22.09
C LEU C 347 47.92 1.57 22.28
N MET C 348 47.33 1.70 23.47
CA MET C 348 46.03 1.11 23.80
C MET C 348 45.06 1.21 22.64
N GLY C 349 44.31 0.13 22.38
CA GLY C 349 43.35 0.14 21.29
C GLY C 349 42.34 1.26 21.43
N ALA C 350 41.93 1.81 20.29
CA ALA C 350 40.97 2.92 20.30
C ALA C 350 40.32 2.99 18.94
N GLU C 351 39.36 3.91 18.83
CA GLU C 351 38.82 4.31 17.52
C GLU C 351 39.94 4.74 16.59
N GLY C 352 39.70 4.66 15.28
CA GLY C 352 40.70 5.07 14.32
C GLY C 352 40.16 5.10 12.92
N ARG C 353 41.09 5.13 11.95
CA ARG C 353 40.73 5.27 10.55
C ARG C 353 41.85 4.74 9.69
N ILE C 354 41.50 4.09 8.58
CA ILE C 354 42.45 3.68 7.57
C ILE C 354 42.39 4.70 6.44
N LEU C 355 43.52 5.38 6.19
CA LEU C 355 43.61 6.41 5.16
C LEU C 355 44.53 5.96 4.05
N THR C 356 44.19 6.34 2.82
CA THR C 356 45.04 6.15 1.65
C THR C 356 45.21 7.50 0.99
N VAL C 357 46.45 7.97 0.90
CA VAL C 357 46.75 9.25 0.26
C VAL C 357 47.91 8.97 -0.69
N GLY C 358 47.65 9.08 -1.98
CA GLY C 358 48.65 8.67 -2.96
C GLY C 358 48.88 7.17 -2.86
N THR C 359 50.15 6.76 -2.83
CA THR C 359 50.49 5.37 -2.61
C THR C 359 50.78 5.05 -1.15
N SER C 360 50.53 5.98 -0.24
CA SER C 360 50.78 5.75 1.18
C SER C 360 49.48 5.41 1.91
N HIS C 361 49.58 4.56 2.92
CA HIS C 361 48.46 4.25 3.80
C HIS C 361 48.85 4.55 5.24
N PHE C 362 47.85 4.86 6.06
CA PHE C 362 48.06 5.26 7.43
C PHE C 362 46.93 4.74 8.29
N LEU C 363 47.25 4.43 9.54
CA LEU C 363 46.24 4.20 10.55
C LEU C 363 46.24 5.42 11.47
N TYR C 364 45.15 6.17 11.48
CA TYR C 364 44.91 7.11 12.58
C TYR C 364 44.44 6.34 13.79
N GLN C 365 45.01 6.65 14.96
CA GLN C 365 44.53 6.09 16.22
C GLN C 365 44.12 7.23 17.15
N ARG C 366 42.87 7.20 17.61
CA ARG C 366 42.40 8.18 18.57
C ARG C 366 43.31 8.17 19.80
N GLY C 367 43.51 9.34 20.40
CA GLY C 367 44.37 9.38 21.58
C GLY C 367 43.59 9.09 22.84
N SER C 368 43.13 7.85 23.02
CA SER C 368 42.29 7.54 24.17
C SER C 368 43.09 7.24 25.42
N SER C 369 44.40 7.05 25.29
CA SER C 369 45.27 6.78 26.41
C SER C 369 46.03 8.05 26.79
N TYR C 370 47.27 7.92 27.25
CA TYR C 370 48.01 9.05 27.79
C TYR C 370 48.57 10.00 26.74
N PHE C 371 48.61 9.61 25.47
CA PHE C 371 49.31 10.38 24.45
C PHE C 371 48.34 11.29 23.70
N SER C 372 48.59 12.59 23.79
CA SER C 372 47.73 13.65 23.27
C SER C 372 47.98 14.01 21.79
N PRO C 373 49.22 14.18 21.32
CA PRO C 373 49.43 14.57 19.92
C PRO C 373 48.78 13.60 18.94
N ALA C 374 48.22 14.14 17.86
CA ALA C 374 47.62 13.28 16.85
C ALA C 374 48.64 12.30 16.30
N LEU C 375 48.19 11.06 16.08
CA LEU C 375 49.03 9.93 15.67
C LEU C 375 48.61 9.40 14.30
N LEU C 376 49.59 9.22 13.41
CA LEU C 376 49.39 8.49 12.15
C LEU C 376 50.46 7.42 12.02
N TYR C 377 50.05 6.15 12.10
CA TYR C 377 50.98 5.05 11.88
C TYR C 377 51.08 4.76 10.39
N PRO C 378 52.26 4.87 9.77
CA PRO C 378 52.40 4.36 8.40
C PRO C 378 52.01 2.90 8.36
N MET C 379 51.24 2.53 7.33
CA MET C 379 50.71 1.19 7.17
C MET C 379 51.19 0.64 5.83
N THR C 380 51.71 -0.59 5.85
CA THR C 380 52.15 -1.29 4.66
C THR C 380 51.24 -2.49 4.47
N VAL C 381 50.65 -2.61 3.27
CA VAL C 381 49.72 -3.69 2.98
C VAL C 381 50.48 -4.82 2.31
N ASN C 382 50.42 -6.02 2.89
CA ASN C 382 51.02 -7.23 2.33
C ASN C 382 49.91 -8.25 2.11
N ASN C 383 49.28 -8.19 0.93
CA ASN C 383 48.14 -9.03 0.58
C ASN C 383 47.00 -8.89 1.58
N LYS C 384 46.81 -9.87 2.48
CA LYS C 384 45.66 -9.79 3.37
C LYS C 384 45.95 -9.18 4.73
N THR C 385 47.22 -8.96 5.07
CA THR C 385 47.58 -8.38 6.35
C THR C 385 48.32 -7.07 6.13
N ALA C 386 48.55 -6.34 7.21
CA ALA C 386 49.26 -5.09 7.12
C ALA C 386 50.28 -4.99 8.24
N THR C 387 51.30 -4.19 8.01
CA THR C 387 52.33 -3.89 8.99
C THR C 387 52.26 -2.41 9.33
N LEU C 388 52.33 -2.09 10.61
CA LEU C 388 52.38 -0.70 11.05
C LEU C 388 53.82 -0.32 11.38
N HIS C 389 54.13 0.96 11.28
CA HIS C 389 55.48 1.47 11.56
C HIS C 389 55.37 2.60 12.58
N SER C 390 56.54 3.03 13.07
CA SER C 390 56.58 4.10 14.06
C SER C 390 55.81 5.32 13.55
N PRO C 391 54.99 5.94 14.38
CA PRO C 391 54.03 6.91 13.85
C PRO C 391 54.62 8.30 13.66
N TYR C 392 53.99 9.04 12.75
CA TYR C 392 54.09 10.49 12.73
C TYR C 392 53.29 11.06 13.89
N THR C 393 53.83 12.10 14.54
CA THR C 393 53.12 12.76 15.61
C THR C 393 53.12 14.26 15.35
N PHE C 394 52.05 14.91 15.79
CA PHE C 394 51.81 16.32 15.50
C PHE C 394 51.53 17.00 16.83
N ASN C 395 52.58 17.60 17.39
CA ASN C 395 52.64 17.89 18.81
C ASN C 395 51.65 18.97 19.22
N ALA C 396 51.30 19.87 18.30
CA ALA C 396 50.34 20.92 18.59
C ALA C 396 48.92 20.50 18.29
N PHE C 397 48.74 19.36 17.62
CA PHE C 397 47.41 18.79 17.34
C PHE C 397 47.05 17.90 18.54
N THR C 398 46.75 18.57 19.66
CA THR C 398 46.38 17.90 20.88
C THR C 398 44.88 17.60 20.88
N ARG C 399 44.44 16.89 21.91
CA ARG C 399 43.01 16.69 22.16
C ARG C 399 42.76 16.79 23.66
N PRO C 400 41.56 17.20 24.07
CA PRO C 400 41.26 17.26 25.51
C PRO C 400 41.15 15.87 26.12
N GLY C 401 41.53 15.79 27.39
CA GLY C 401 41.38 14.55 28.14
C GLY C 401 41.30 14.82 29.63
N SER C 402 40.84 13.81 30.35
CA SER C 402 40.81 13.82 31.82
C SER C 402 42.22 13.76 32.39
N VAL C 403 42.45 14.51 33.47
CA VAL C 403 43.71 14.35 34.23
C VAL C 403 43.86 12.88 34.62
N PRO C 404 45.05 12.27 34.51
CA PRO C 404 46.35 12.84 34.13
C PRO C 404 46.70 12.74 32.65
N CYS C 405 45.70 12.62 31.79
CA CYS C 405 45.91 12.45 30.36
C CYS C 405 45.32 13.61 29.58
N GLN C 406 45.46 14.82 30.14
CA GLN C 406 44.96 16.03 29.51
C GLN C 406 45.82 16.39 28.29
N ALA C 407 45.38 17.43 27.55
CA ALA C 407 46.03 17.75 26.28
C ALA C 407 47.53 17.99 26.43
N SER C 408 47.96 18.52 27.57
CA SER C 408 49.36 18.82 27.82
C SER C 408 50.10 17.67 28.51
N ALA C 409 49.44 16.51 28.69
CA ALA C 409 50.10 15.39 29.35
C ALA C 409 51.41 15.05 28.65
N ARG C 410 52.39 14.61 29.43
CA ARG C 410 53.70 14.26 28.87
C ARG C 410 54.22 12.91 29.37
N CYS C 411 53.53 12.27 30.32
CA CYS C 411 54.01 11.05 30.91
C CYS C 411 53.08 9.89 30.61
N PRO C 412 53.61 8.67 30.46
CA PRO C 412 52.75 7.49 30.39
C PRO C 412 51.91 7.34 31.65
N ASN C 413 50.67 6.91 31.46
CA ASN C 413 49.72 6.69 32.55
C ASN C 413 48.57 5.85 31.98
N SER C 414 47.64 5.48 32.86
CA SER C 414 46.51 4.65 32.49
C SER C 414 45.21 5.45 32.53
N CYS C 415 44.44 5.41 31.44
CA CYS C 415 43.23 6.20 31.29
C CYS C 415 42.51 5.77 30.02
N ILE C 416 41.20 6.00 29.98
CA ILE C 416 40.44 5.96 28.74
C ILE C 416 39.72 7.31 28.62
N THR C 417 40.17 8.15 27.71
CA THR C 417 39.66 9.51 27.62
C THR C 417 39.81 9.99 26.19
N GLY C 418 40.02 11.29 25.98
CA GLY C 418 40.22 11.80 24.65
C GLY C 418 38.93 11.90 23.82
N VAL C 419 39.14 12.05 22.51
CA VAL C 419 38.06 12.27 21.55
C VAL C 419 38.61 11.98 20.16
N TYR C 420 37.74 11.53 19.26
CA TYR C 420 38.15 11.29 17.87
C TYR C 420 38.28 12.62 17.10
N THR C 421 39.51 12.95 16.65
CA THR C 421 39.73 14.15 15.82
C THR C 421 40.87 13.79 14.87
N ASP C 422 40.54 13.39 13.61
CA ASP C 422 41.64 12.78 12.87
C ASP C 422 42.43 13.81 12.04
N PRO C 423 43.69 13.46 11.70
CA PRO C 423 44.50 14.30 10.82
C PRO C 423 44.54 13.77 9.40
N TYR C 424 44.37 14.63 8.41
CA TYR C 424 44.42 14.19 7.02
C TYR C 424 45.76 14.57 6.39
N PRO C 425 46.51 13.60 5.86
CA PRO C 425 47.82 13.89 5.23
C PRO C 425 47.71 14.87 4.07
N LEU C 426 48.49 15.95 4.14
CA LEU C 426 48.28 17.08 3.22
C LEU C 426 49.52 17.54 2.48
N ILE C 427 50.64 17.70 3.20
CA ILE C 427 51.89 18.23 2.64
C ILE C 427 52.96 17.14 2.75
N PHE C 428 53.65 16.87 1.64
CA PHE C 428 54.62 15.78 1.55
C PHE C 428 55.94 16.27 0.97
N HIS C 429 57.03 15.65 1.41
CA HIS C 429 58.30 15.71 0.71
C HIS C 429 58.18 15.04 -0.65
N ARG C 430 59.13 15.35 -1.54
CA ARG C 430 59.16 14.67 -2.84
C ARG C 430 59.43 13.18 -2.68
N ASN C 431 60.14 12.76 -1.63
CA ASN C 431 60.36 11.33 -1.39
C ASN C 431 59.19 10.65 -0.67
N HIS C 432 58.06 11.33 -0.56
CA HIS C 432 56.77 10.87 -0.02
C HIS C 432 56.72 10.88 1.50
N THR C 433 57.78 11.28 2.18
CA THR C 433 57.68 11.45 3.63
C THR C 433 56.65 12.54 3.96
N LEU C 434 55.81 12.27 4.95
CA LEU C 434 54.76 13.20 5.32
C LEU C 434 55.33 14.34 6.15
N ARG C 435 54.93 15.57 5.80
CA ARG C 435 55.33 16.78 6.54
C ARG C 435 54.19 17.42 7.30
N GLY C 436 52.99 17.46 6.74
CA GLY C 436 51.94 18.27 7.31
C GLY C 436 50.58 17.65 7.11
N VAL C 437 49.66 17.97 8.01
CA VAL C 437 48.30 17.43 8.01
C VAL C 437 47.32 18.57 8.23
N PHE C 438 46.08 18.32 7.84
CA PHE C 438 44.97 19.21 8.17
C PHE C 438 44.03 18.50 9.13
N GLY C 439 43.50 19.24 10.11
CA GLY C 439 42.43 18.68 10.93
C GLY C 439 41.74 19.77 11.72
N THR C 440 40.65 19.38 12.37
CA THR C 440 39.93 20.24 13.29
C THR C 440 40.12 19.65 14.68
N MET C 441 40.92 20.34 15.50
CA MET C 441 41.15 19.88 16.87
C MET C 441 40.12 20.53 17.79
N LEU C 442 39.97 19.94 18.97
CA LEU C 442 39.27 20.59 20.07
C LEU C 442 40.32 21.27 20.94
N ASP C 443 40.32 22.60 20.92
CA ASP C 443 41.41 23.38 21.53
C ASP C 443 41.06 23.70 22.98
N ASP C 444 41.10 22.66 23.80
CA ASP C 444 40.93 22.77 25.24
C ASP C 444 41.75 21.67 25.90
N GLU C 445 42.14 21.91 27.15
CA GLU C 445 43.00 20.95 27.84
C GLU C 445 42.21 19.72 28.30
N GLN C 446 40.99 19.91 28.80
CA GLN C 446 40.26 18.83 29.45
C GLN C 446 38.85 18.62 28.95
N ALA C 447 38.21 19.62 28.35
CA ALA C 447 36.80 19.51 28.01
C ALA C 447 36.63 19.56 26.50
N ARG C 448 35.55 18.96 26.01
CA ARG C 448 35.32 18.88 24.56
C ARG C 448 34.76 20.23 24.11
N LEU C 449 35.67 21.17 23.83
CA LEU C 449 35.31 22.55 23.57
C LEU C 449 36.18 23.07 22.44
N ASN C 450 35.61 24.02 21.69
CA ASN C 450 36.37 24.96 20.87
C ASN C 450 37.00 24.28 19.65
N PRO C 451 36.20 23.82 18.70
CA PRO C 451 36.77 23.24 17.49
C PRO C 451 37.49 24.31 16.68
N VAL C 452 38.69 23.95 16.21
CA VAL C 452 39.58 24.87 15.54
C VAL C 452 40.22 24.10 14.38
N SER C 453 40.07 24.60 13.15
CA SER C 453 40.66 23.96 11.96
C SER C 453 42.01 24.60 11.65
N ALA C 454 42.98 23.76 11.29
CA ALA C 454 44.31 24.29 11.00
C ALA C 454 45.16 23.26 10.27
N VAL C 455 46.34 23.72 9.83
CA VAL C 455 47.40 22.88 9.30
C VAL C 455 48.47 22.70 10.37
N PHE C 456 49.00 21.49 10.48
CA PHE C 456 49.93 21.09 11.53
C PHE C 456 51.18 20.44 10.93
N ASP C 457 52.36 20.76 11.48
CA ASP C 457 53.52 19.93 11.20
C ASP C 457 53.88 19.21 12.51
N ASN C 458 55.12 18.74 12.62
CA ASN C 458 55.41 17.91 13.79
C ASN C 458 55.41 18.70 15.09
N ILE C 459 55.51 20.03 15.02
CA ILE C 459 55.70 20.86 16.21
C ILE C 459 54.66 21.95 16.34
N SER C 460 54.13 22.42 15.21
CA SER C 460 53.49 23.73 15.14
C SER C 460 52.09 23.63 14.55
N ARG C 461 51.39 24.76 14.65
CA ARG C 461 50.05 24.93 14.11
C ARG C 461 49.99 26.22 13.32
N SER C 462 49.30 26.19 12.19
CA SER C 462 49.12 27.34 11.33
C SER C 462 48.15 28.33 11.96
N ARG C 463 47.97 29.45 11.28
CA ARG C 463 46.80 30.29 11.49
C ARG C 463 45.55 29.41 11.40
N VAL C 464 44.54 29.71 12.23
CA VAL C 464 43.41 28.81 12.41
C VAL C 464 42.13 29.45 11.89
N THR C 465 41.16 28.59 11.63
CA THR C 465 39.78 28.98 11.40
C THR C 465 38.91 28.35 12.49
N ARG C 466 37.98 29.14 13.05
CA ARG C 466 37.16 28.68 14.18
C ARG C 466 35.67 28.81 13.87
N VAL C 467 34.90 27.86 14.41
CA VAL C 467 33.45 27.92 14.31
C VAL C 467 32.92 29.13 15.07
N SER C 468 33.49 29.42 16.23
CA SER C 468 33.05 30.52 17.05
C SER C 468 34.23 31.11 17.82
N SER C 469 34.18 32.41 18.04
CA SER C 469 35.07 33.04 19.01
C SER C 469 34.59 32.85 20.43
N SER C 470 33.38 32.36 20.65
CA SER C 470 32.92 32.07 22.00
C SER C 470 33.07 30.58 22.28
N SER C 471 33.09 30.23 23.57
CA SER C 471 33.32 28.84 23.96
C SER C 471 32.16 28.00 23.45
N THR C 472 32.46 26.87 22.81
CA THR C 472 31.46 26.10 22.07
C THR C 472 31.71 24.61 22.24
N LYS C 473 30.69 23.87 22.68
CA LYS C 473 30.81 22.43 22.83
C LYS C 473 30.87 21.75 21.45
N ALA C 474 31.72 20.72 21.34
CA ALA C 474 31.87 19.95 20.12
C ALA C 474 32.37 18.55 20.51
N ALA C 475 32.49 17.67 19.52
CA ALA C 475 33.00 16.32 19.79
C ALA C 475 33.83 15.80 18.63
N TYR C 476 33.38 14.72 17.97
CA TYR C 476 34.22 14.08 16.94
C TYR C 476 34.39 14.96 15.71
N THR C 477 35.59 14.91 15.11
CA THR C 477 35.82 15.50 13.79
C THR C 477 36.54 14.52 12.88
N THR C 478 36.17 14.49 11.61
CA THR C 478 36.90 13.67 10.65
C THR C 478 37.06 14.47 9.37
N SER C 479 38.29 14.54 8.85
CA SER C 479 38.65 15.46 7.79
C SER C 479 39.15 14.69 6.57
N THR C 480 38.80 15.19 5.40
CA THR C 480 39.27 14.67 4.12
C THR C 480 39.53 15.84 3.19
N CYS C 481 40.69 15.84 2.54
CA CYS C 481 41.05 16.92 1.63
C CYS C 481 41.08 16.42 0.20
N PHE C 482 40.86 17.34 -0.74
CA PHE C 482 40.74 17.01 -2.15
C PHE C 482 41.00 18.30 -2.95
N LYS C 483 41.18 18.15 -4.25
CA LYS C 483 41.45 19.29 -5.11
C LYS C 483 40.41 19.37 -6.22
N VAL C 484 39.84 20.56 -6.43
CA VAL C 484 39.14 20.83 -7.69
C VAL C 484 40.23 21.18 -8.69
N VAL C 485 40.62 20.21 -9.52
CA VAL C 485 41.71 20.42 -10.46
C VAL C 485 41.36 21.53 -11.46
N LYS C 486 40.08 21.61 -11.83
CA LYS C 486 39.61 22.58 -12.83
C LYS C 486 39.85 24.03 -12.40
N THR C 487 39.66 24.33 -11.10
CA THR C 487 39.85 25.66 -10.56
C THR C 487 41.19 25.82 -9.83
N ASN C 488 41.97 24.75 -9.76
CA ASN C 488 43.26 24.73 -9.07
C ASN C 488 43.14 25.14 -7.61
N LYS C 489 42.13 24.61 -6.93
CA LYS C 489 41.85 24.96 -5.54
C LYS C 489 41.83 23.69 -4.71
N ALA C 490 42.65 23.65 -3.66
CA ALA C 490 42.67 22.54 -2.72
C ALA C 490 41.71 22.85 -1.59
N TYR C 491 40.91 21.84 -1.20
CA TYR C 491 39.89 21.95 -0.18
C TYR C 491 40.08 20.87 0.88
N CYS C 492 39.63 21.20 2.10
CA CYS C 492 39.55 20.22 3.17
C CYS C 492 38.14 20.27 3.75
N LEU C 493 37.47 19.12 3.71
CA LEU C 493 36.21 18.91 4.38
C LEU C 493 36.47 18.47 5.81
N SER C 494 35.81 19.09 6.76
CA SER C 494 35.94 18.68 8.16
C SER C 494 34.53 18.43 8.69
N ILE C 495 34.15 17.17 8.85
CA ILE C 495 32.86 16.83 9.41
C ILE C 495 32.98 16.84 10.93
N ALA C 496 32.21 17.70 11.59
CA ALA C 496 32.38 17.91 13.03
C ALA C 496 31.06 17.83 13.77
N GLU C 497 31.06 17.09 14.89
CA GLU C 497 29.91 17.12 15.79
C GLU C 497 29.94 18.42 16.57
N ILE C 498 28.95 19.28 16.34
CA ILE C 498 28.91 20.59 16.98
C ILE C 498 27.68 20.62 17.86
N SER C 499 27.83 21.24 19.04
CA SER C 499 26.70 21.49 19.92
C SER C 499 25.55 22.13 19.15
N ASN C 500 24.32 21.73 19.48
CA ASN C 500 23.17 22.30 18.81
C ASN C 500 22.26 22.99 19.82
N THR C 501 21.41 23.88 19.32
CA THR C 501 20.29 24.41 20.07
C THR C 501 18.98 23.97 19.43
N LEU C 502 17.94 23.88 20.26
CA LEU C 502 16.58 23.48 19.89
C LEU C 502 16.42 22.05 19.40
N PHE C 503 17.35 21.54 18.58
CA PHE C 503 17.17 20.23 17.94
C PHE C 503 18.30 19.29 18.34
N GLY C 504 18.20 18.72 19.54
CA GLY C 504 19.09 17.66 19.95
C GLY C 504 20.43 18.16 20.47
N GLU C 505 21.23 17.18 20.92
CA GLU C 505 22.52 17.52 21.52
C GLU C 505 23.52 18.00 20.48
N PHE C 506 23.56 17.35 19.32
CA PHE C 506 24.58 17.63 18.31
C PHE C 506 23.93 17.83 16.95
N ARG C 507 24.58 18.64 16.13
CA ARG C 507 24.38 18.65 14.70
C ARG C 507 25.72 18.31 14.06
N ILE C 508 25.73 17.43 13.08
CA ILE C 508 26.97 17.03 12.45
C ILE C 508 27.15 17.90 11.20
N VAL C 509 28.18 18.74 11.20
CA VAL C 509 28.30 19.81 10.22
C VAL C 509 29.50 19.51 9.32
N PRO C 510 29.31 19.43 8.01
CA PRO C 510 30.46 19.33 7.10
C PRO C 510 31.06 20.71 6.83
N LEU C 511 32.13 21.03 7.55
CA LEU C 511 32.81 22.31 7.35
C LEU C 511 33.75 22.19 6.15
N LEU C 512 33.85 23.28 5.38
CA LEU C 512 34.70 23.26 4.19
C LEU C 512 35.62 24.47 4.23
N VAL C 513 36.91 24.24 4.02
CA VAL C 513 37.89 25.31 3.86
C VAL C 513 38.69 25.09 2.59
N GLU C 514 39.18 26.19 2.02
CA GLU C 514 40.20 26.13 0.99
C GLU C 514 41.57 26.28 1.66
N ILE C 515 42.55 25.51 1.21
CA ILE C 515 43.91 25.64 1.73
C ILE C 515 44.63 26.76 1.00
N LEU C 516 45.09 27.75 1.77
CA LEU C 516 45.78 28.93 1.24
C LEU C 516 47.25 28.88 1.63
N LYS C 517 48.06 29.73 1.01
CA LYS C 517 49.46 29.79 1.38
C LYS C 517 49.83 31.23 1.71
N ASP C 518 50.54 31.39 2.82
CA ASP C 518 51.09 32.68 3.23
C ASP C 518 52.54 32.79 2.76
N ALA D 75 10.38 8.32 -13.74
CA ALA D 75 10.95 7.01 -13.41
C ALA D 75 10.82 6.65 -11.91
N PRO D 76 11.28 7.51 -11.00
CA PRO D 76 11.20 7.15 -9.57
C PRO D 76 9.82 7.43 -8.99
N VAL D 77 9.46 6.63 -7.98
CA VAL D 77 8.14 6.73 -7.38
C VAL D 77 8.26 6.45 -5.88
N HIS D 78 7.42 7.14 -5.10
CA HIS D 78 7.23 6.84 -3.68
C HIS D 78 6.99 5.35 -3.45
N ASP D 79 7.38 4.89 -2.27
CA ASP D 79 6.98 3.57 -1.81
C ASP D 79 5.46 3.46 -1.85
N PRO D 80 4.91 2.32 -2.28
CA PRO D 80 3.44 2.21 -2.40
C PRO D 80 2.69 2.43 -1.07
N ASP D 81 3.38 2.44 0.07
CA ASP D 81 2.78 2.81 1.35
C ASP D 81 2.16 4.20 1.34
N TYR D 82 2.64 5.10 0.47
CA TYR D 82 2.24 6.50 0.51
C TYR D 82 1.41 6.93 -0.67
N ILE D 83 1.48 6.20 -1.79
CA ILE D 83 0.97 6.68 -3.07
C ILE D 83 -0.50 7.06 -2.95
N GLY D 84 -1.31 6.16 -2.38
CA GLY D 84 -2.72 6.44 -2.22
C GLY D 84 -3.07 7.45 -1.14
N GLY D 85 -2.08 8.06 -0.50
CA GLY D 85 -2.37 8.98 0.60
C GLY D 85 -1.82 10.38 0.38
N ILE D 86 -1.40 10.69 -0.85
CA ILE D 86 -0.77 11.96 -1.19
C ILE D 86 -1.73 12.78 -2.03
N GLY D 87 -1.88 14.06 -1.69
CA GLY D 87 -2.78 14.93 -2.42
C GLY D 87 -4.24 14.58 -2.26
N LYS D 88 -4.60 13.91 -1.19
CA LYS D 88 -5.97 13.44 -0.95
C LYS D 88 -6.59 14.20 0.21
N GLU D 89 -7.93 14.17 0.27
CA GLU D 89 -8.63 14.63 1.46
C GLU D 89 -8.36 13.64 2.59
N LEU D 90 -7.61 14.08 3.60
CA LEU D 90 -7.06 13.10 4.54
C LEU D 90 -8.08 12.62 5.56
N ILE D 91 -8.87 13.53 6.10
CA ILE D 91 -9.83 13.22 7.16
C ILE D 91 -11.19 13.70 6.70
N VAL D 92 -12.09 12.76 6.45
CA VAL D 92 -13.45 13.05 6.02
C VAL D 92 -14.34 12.74 7.20
N ASP D 93 -14.93 13.79 7.78
CA ASP D 93 -15.63 13.69 9.06
C ASP D 93 -16.65 14.82 9.11
N ASP D 94 -17.92 14.48 9.29
CA ASP D 94 -18.97 15.48 9.36
C ASP D 94 -19.35 15.86 10.78
N ILE D 95 -19.04 15.01 11.76
CA ILE D 95 -19.60 15.13 13.10
C ILE D 95 -18.61 15.74 14.08
N SER D 96 -17.35 15.30 14.05
CA SER D 96 -16.40 15.65 15.10
C SER D 96 -16.05 17.13 15.03
N ASP D 97 -15.76 17.69 16.20
CA ASP D 97 -15.19 19.03 16.25
C ASP D 97 -13.84 18.99 15.56
N VAL D 98 -13.61 19.93 14.65
CA VAL D 98 -12.36 19.97 13.90
C VAL D 98 -11.17 19.99 14.85
N THR D 99 -11.27 20.78 15.93
CA THR D 99 -10.14 20.91 16.83
C THR D 99 -10.05 19.76 17.83
N SER D 100 -10.88 18.71 17.70
CA SER D 100 -10.56 17.48 18.40
C SER D 100 -9.38 16.77 17.75
N PHE D 101 -9.04 17.13 16.51
CA PHE D 101 -7.81 16.67 15.88
C PHE D 101 -6.67 17.61 16.25
N TYR D 102 -5.49 17.04 16.52
CA TYR D 102 -4.37 17.85 17.00
C TYR D 102 -3.06 17.16 16.65
N PRO D 103 -1.97 17.92 16.48
CA PRO D 103 -0.71 17.28 16.10
C PRO D 103 -0.02 16.63 17.30
N SER D 104 0.67 15.53 17.01
CA SER D 104 1.54 14.89 17.99
C SER D 104 2.78 15.75 18.27
N ALA D 105 3.62 15.27 19.17
CA ALA D 105 4.96 15.85 19.28
C ALA D 105 5.69 15.69 17.96
N TYR D 106 6.65 16.57 17.71
CA TYR D 106 7.45 16.44 16.50
C TYR D 106 8.15 15.09 16.47
N GLN D 107 8.23 14.51 15.28
CA GLN D 107 8.76 13.17 15.10
C GLN D 107 10.10 13.23 14.38
N GLU D 108 11.00 12.33 14.79
CA GLU D 108 12.34 12.33 14.22
C GLU D 108 12.31 11.59 12.90
N HIS D 109 12.88 12.22 11.87
CA HIS D 109 12.93 11.61 10.56
C HIS D 109 14.10 12.22 9.80
N LEU D 110 14.36 11.68 8.62
CA LEU D 110 15.54 12.06 7.84
C LEU D 110 15.41 13.50 7.34
N ASN D 111 16.21 14.40 7.90
CA ASN D 111 16.16 15.81 7.49
C ASN D 111 16.75 15.97 6.09
N PHE D 112 15.90 16.21 5.09
CA PHE D 112 16.37 16.32 3.72
C PHE D 112 16.73 17.74 3.31
N ILE D 113 16.74 18.69 4.24
CA ILE D 113 16.95 20.10 3.89
C ILE D 113 18.34 20.51 4.39
N PRO D 114 19.24 20.90 3.50
CA PRO D 114 20.57 21.35 3.89
C PRO D 114 20.52 22.59 4.78
N ALA D 115 21.29 22.56 5.84
CA ALA D 115 21.46 23.72 6.72
C ALA D 115 22.75 24.46 6.38
N PRO D 116 22.87 25.74 6.76
CA PRO D 116 24.10 26.48 6.44
C PRO D 116 25.32 25.84 7.10
N THR D 117 26.48 26.13 6.52
CA THR D 117 27.72 25.61 7.07
C THR D 117 28.72 26.72 7.37
N THR D 118 28.30 27.98 7.30
CA THR D 118 29.16 29.11 7.66
C THR D 118 28.38 30.05 8.58
N GLY D 119 29.13 31.00 9.16
CA GLY D 119 28.53 31.90 10.14
C GLY D 119 27.54 32.88 9.54
N SER D 120 27.76 33.28 8.29
CA SER D 120 26.88 34.28 7.67
C SER D 120 25.95 33.72 6.61
N GLY D 121 26.07 32.43 6.27
CA GLY D 121 25.32 31.91 5.13
C GLY D 121 23.82 31.95 5.37
N CYS D 122 23.09 32.39 4.34
CA CYS D 122 21.66 32.58 4.40
C CYS D 122 20.97 31.51 3.56
N THR D 123 20.18 30.64 4.18
CA THR D 123 19.29 29.74 3.47
C THR D 123 17.88 30.19 3.81
N ARG D 124 17.16 30.70 2.82
CA ARG D 124 15.81 31.21 3.04
C ARG D 124 14.92 30.86 1.87
N ILE D 125 13.62 31.10 2.05
CA ILE D 125 12.61 31.08 0.99
C ILE D 125 12.38 29.65 0.50
N PRO D 126 11.89 28.76 1.35
CA PRO D 126 11.63 27.38 0.90
C PRO D 126 10.37 27.30 0.05
N SER D 127 10.41 26.40 -0.92
CA SER D 127 9.25 26.02 -1.70
C SER D 127 9.20 24.49 -1.76
N PHE D 128 7.99 23.91 -1.67
CA PHE D 128 7.83 22.46 -1.60
C PHE D 128 6.54 22.04 -2.29
N ASP D 129 6.62 20.98 -3.09
CA ASP D 129 5.42 20.37 -3.68
C ASP D 129 5.63 18.86 -3.84
N MET D 130 4.57 18.07 -3.61
CA MET D 130 4.68 16.61 -3.68
C MET D 130 3.50 16.02 -4.43
N SER D 131 3.79 15.31 -5.53
CA SER D 131 2.80 14.56 -6.28
C SER D 131 2.78 13.11 -5.81
N THR D 132 1.90 12.31 -6.42
CA THR D 132 1.83 10.89 -6.06
C THR D 132 2.99 10.08 -6.59
N THR D 133 3.95 10.68 -7.30
CA THR D 133 5.17 9.97 -7.63
C THR D 133 6.43 10.51 -6.95
N HIS D 134 6.58 11.83 -6.74
CA HIS D 134 7.82 12.36 -6.16
C HIS D 134 7.58 13.71 -5.48
N TYR D 135 8.57 14.13 -4.68
CA TYR D 135 8.56 15.48 -4.11
C TYR D 135 9.63 16.34 -4.75
N CYS D 136 9.40 17.67 -4.69
CA CYS D 136 10.31 18.70 -5.15
C CYS D 136 10.50 19.73 -4.06
N TYR D 137 11.75 20.17 -3.86
CA TYR D 137 12.06 21.13 -2.81
C TYR D 137 13.12 22.10 -3.32
N THR D 138 12.99 23.38 -2.97
CA THR D 138 14.07 24.32 -3.28
C THR D 138 14.17 25.41 -2.22
N HIS D 139 15.37 25.99 -2.07
CA HIS D 139 15.49 27.24 -1.29
C HIS D 139 16.65 28.07 -1.82
N ASN D 140 16.64 29.35 -1.46
CA ASN D 140 17.61 30.32 -1.92
C ASN D 140 18.79 30.41 -0.95
N VAL D 141 20.00 30.61 -1.50
CA VAL D 141 21.22 30.72 -0.70
C VAL D 141 21.94 32.02 -1.06
N ILE D 142 22.28 32.81 -0.05
CA ILE D 142 23.13 33.98 -0.20
C ILE D 142 24.32 33.81 0.74
N LEU D 143 25.53 33.98 0.19
CA LEU D 143 26.72 33.68 1.00
C LEU D 143 26.89 34.65 2.16
N SER D 144 26.63 35.93 1.94
CA SER D 144 27.06 36.96 2.89
C SER D 144 26.01 37.35 3.92
N GLY D 145 24.79 36.86 3.80
CA GLY D 145 23.72 37.25 4.70
C GLY D 145 22.42 37.40 3.93
N CYS D 146 21.32 37.48 4.67
CA CYS D 146 19.99 37.50 4.07
C CYS D 146 19.62 38.90 3.59
N ARG D 147 18.72 38.95 2.61
CA ARG D 147 18.20 40.20 2.07
C ARG D 147 19.28 41.01 1.36
N ASP D 148 20.53 40.59 1.48
CA ASP D 148 21.63 41.29 0.83
C ASP D 148 21.40 41.35 -0.68
N HIS D 149 21.44 42.57 -1.22
CA HIS D 149 21.31 42.75 -2.66
C HIS D 149 22.58 42.23 -3.33
N SER D 150 22.58 40.94 -3.68
CA SER D 150 23.78 40.24 -4.08
C SER D 150 23.38 39.01 -4.87
N HIS D 151 24.38 38.40 -5.52
CA HIS D 151 24.16 37.15 -6.21
C HIS D 151 23.73 36.06 -5.23
N SER D 152 22.97 35.10 -5.73
CA SER D 152 22.43 34.02 -4.94
C SER D 152 22.44 32.76 -5.79
N HIS D 153 22.23 31.61 -5.14
CA HIS D 153 21.98 30.38 -5.88
C HIS D 153 20.82 29.63 -5.24
N GLN D 154 20.33 28.60 -5.94
CA GLN D 154 19.23 27.79 -5.42
C GLN D 154 19.75 26.39 -5.11
N TYR D 155 19.32 25.83 -3.98
CA TYR D 155 19.40 24.40 -3.75
C TYR D 155 18.15 23.77 -4.34
N LEU D 156 18.31 22.65 -5.03
CA LEU D 156 17.17 21.94 -5.61
C LEU D 156 17.24 20.46 -5.28
N ALA D 157 16.09 19.88 -4.94
CA ALA D 157 16.07 18.46 -4.63
C ALA D 157 14.83 17.81 -5.22
N LEU D 158 15.03 16.61 -5.73
CA LEU D 158 13.97 15.74 -6.23
C LEU D 158 14.11 14.42 -5.47
N GLY D 159 13.02 13.94 -4.87
CA GLY D 159 13.11 12.71 -4.12
C GLY D 159 11.80 11.97 -3.99
N VAL D 160 11.82 10.87 -3.22
CA VAL D 160 10.66 10.00 -3.03
C VAL D 160 10.58 9.58 -1.56
N LEU D 161 9.36 9.29 -1.11
CA LEU D 161 9.15 8.74 0.22
C LEU D 161 9.52 7.26 0.27
N ARG D 162 10.16 6.85 1.36
CA ARG D 162 10.56 5.47 1.59
C ARG D 162 10.16 5.09 3.01
N THR D 163 10.30 3.80 3.35
CA THR D 163 9.95 3.30 4.67
C THR D 163 11.09 2.40 5.17
N SER D 164 11.57 2.66 6.38
CA SER D 164 12.53 1.75 7.00
C SER D 164 11.84 0.43 7.39
N ALA D 165 12.67 -0.56 7.74
CA ALA D 165 12.13 -1.85 8.18
C ALA D 165 11.24 -1.70 9.42
N THR D 166 11.48 -0.66 10.22
CA THR D 166 10.64 -0.41 11.40
C THR D 166 9.33 0.29 11.06
N GLY D 167 9.09 0.62 9.80
CA GLY D 167 7.87 1.29 9.42
C GLY D 167 7.89 2.79 9.57
N ARG D 168 9.07 3.41 9.68
CA ARG D 168 9.17 4.85 9.80
C ARG D 168 9.45 5.48 8.44
N VAL D 169 8.67 6.49 8.09
CA VAL D 169 8.85 7.18 6.81
C VAL D 169 10.18 7.93 6.81
N PHE D 170 10.83 7.95 5.65
CA PHE D 170 11.89 8.92 5.43
C PHE D 170 11.81 9.49 4.02
N PHE D 171 12.18 10.77 3.89
CA PHE D 171 12.23 11.47 2.62
C PHE D 171 13.58 11.18 1.98
N SER D 172 13.59 10.48 0.84
CA SER D 172 14.83 9.99 0.23
C SER D 172 15.11 10.80 -1.04
N THR D 173 16.08 11.73 -0.97
CA THR D 173 16.38 12.57 -2.12
C THR D 173 17.23 11.81 -3.13
N LEU D 174 16.84 11.92 -4.40
CA LEU D 174 17.49 11.25 -5.53
C LEU D 174 18.41 12.18 -6.32
N ARG D 175 17.99 13.42 -6.52
CA ARG D 175 18.78 14.42 -7.21
C ARG D 175 18.89 15.63 -6.30
N SER D 176 20.12 16.01 -5.98
CA SER D 176 20.41 17.06 -4.99
C SER D 176 21.49 17.95 -5.59
N ILE D 177 21.15 19.17 -6.02
CA ILE D 177 22.09 20.02 -6.73
C ILE D 177 22.06 21.46 -6.20
N ASN D 178 23.16 22.17 -6.44
CA ASN D 178 23.17 23.63 -6.36
C ASN D 178 23.14 24.17 -7.78
N LEU D 179 22.17 25.05 -8.06
CA LEU D 179 22.11 25.80 -9.31
C LEU D 179 22.72 27.16 -9.05
N ASP D 180 23.93 27.38 -9.54
CA ASP D 180 24.71 28.57 -9.21
C ASP D 180 25.50 28.96 -10.46
N ASP D 181 25.01 29.95 -11.19
CA ASP D 181 25.64 30.33 -12.45
C ASP D 181 25.65 31.85 -12.59
N THR D 182 25.57 32.36 -13.81
CA THR D 182 25.66 33.81 -13.98
C THR D 182 24.34 34.51 -13.69
N GLN D 183 23.27 33.77 -13.41
CA GLN D 183 21.92 34.33 -13.28
C GLN D 183 21.52 34.38 -11.81
N ASN D 184 20.77 35.41 -11.43
CA ASN D 184 20.32 35.60 -10.05
C ASN D 184 18.82 35.29 -9.98
N ARG D 185 18.49 34.03 -9.70
CA ARG D 185 17.10 33.58 -9.62
C ARG D 185 16.53 33.84 -8.23
N LYS D 186 15.38 34.51 -8.16
CA LYS D 186 14.81 34.90 -6.86
C LYS D 186 13.33 34.51 -6.80
N SER D 187 12.85 34.35 -5.57
CA SER D 187 11.43 34.14 -5.30
C SER D 187 10.90 32.90 -6.01
N CYS D 188 11.72 31.85 -6.05
CA CYS D 188 11.40 30.68 -6.86
C CYS D 188 10.30 29.82 -6.23
N SER D 189 9.38 29.34 -7.07
CA SER D 189 8.36 28.36 -6.72
C SER D 189 8.61 27.06 -7.45
N VAL D 190 8.31 25.93 -6.80
CA VAL D 190 8.54 24.62 -7.43
C VAL D 190 7.24 23.83 -7.50
N SER D 191 7.16 22.92 -8.49
CA SER D 191 6.00 22.05 -8.65
C SER D 191 6.42 20.68 -9.17
N ALA D 192 5.86 19.62 -8.60
CA ALA D 192 6.16 18.26 -9.04
C ALA D 192 5.28 17.93 -10.25
N THR D 193 5.89 17.74 -11.41
CA THR D 193 5.14 17.39 -12.62
C THR D 193 5.56 16.00 -13.11
N PRO D 194 4.88 15.41 -14.11
CA PRO D 194 5.34 14.11 -14.62
C PRO D 194 6.73 14.14 -15.23
N LEU D 195 7.30 15.32 -15.48
CA LEU D 195 8.63 15.43 -16.08
C LEU D 195 9.72 15.72 -15.05
N GLY D 196 9.36 16.00 -13.80
CA GLY D 196 10.35 16.20 -12.77
C GLY D 196 9.98 17.34 -11.83
N CYS D 197 10.91 18.23 -11.55
CA CYS D 197 10.63 19.35 -10.66
C CYS D 197 10.68 20.64 -11.46
N ASP D 198 9.51 21.21 -11.74
CA ASP D 198 9.42 22.48 -12.46
C ASP D 198 9.62 23.64 -11.51
N MET D 199 10.33 24.66 -11.99
CA MET D 199 10.62 25.85 -11.20
C MET D 199 10.18 27.07 -11.97
N LEU D 200 9.61 28.04 -11.26
CA LEU D 200 9.34 29.36 -11.81
C LEU D 200 10.09 30.36 -10.95
N CYS D 201 11.00 31.12 -11.56
CA CYS D 201 11.82 32.08 -10.83
C CYS D 201 11.80 33.43 -11.52
N SER D 202 12.05 34.48 -10.75
CA SER D 202 12.39 35.77 -11.32
C SER D 202 13.90 35.86 -11.44
N LYS D 203 14.38 36.44 -12.54
CA LYS D 203 15.80 36.76 -12.69
C LYS D 203 15.97 38.26 -12.46
N VAL D 204 16.57 38.64 -11.34
CA VAL D 204 16.53 40.02 -10.90
C VAL D 204 17.93 40.63 -11.01
N THR D 205 17.99 41.88 -11.44
CA THR D 205 19.19 42.69 -11.44
C THR D 205 18.97 44.01 -10.72
N GLU D 206 17.80 44.18 -10.11
CA GLU D 206 17.43 45.38 -9.38
C GLU D 206 16.77 44.95 -8.08
N THR D 207 16.76 45.85 -7.10
CA THR D 207 15.92 45.62 -5.94
C THR D 207 14.44 45.71 -6.33
N GLU D 208 13.59 45.17 -5.45
CA GLU D 208 12.15 45.32 -5.63
C GLU D 208 11.76 46.79 -5.70
N GLU D 209 12.31 47.59 -4.79
CA GLU D 209 12.12 49.04 -4.81
C GLU D 209 12.43 49.62 -6.19
N GLU D 210 13.57 49.22 -6.77
CA GLU D 210 13.96 49.72 -8.08
C GLU D 210 13.06 49.15 -9.17
N ASP D 211 12.68 47.86 -9.05
CA ASP D 211 11.86 47.23 -10.07
C ASP D 211 10.51 47.91 -10.23
N TYR D 212 9.91 48.35 -9.12
CA TYR D 212 8.62 49.03 -9.23
C TYR D 212 8.73 50.38 -9.91
N LYS D 213 9.95 50.92 -10.04
CA LYS D 213 10.17 52.21 -10.67
C LYS D 213 10.63 52.12 -12.11
N SER D 214 11.15 50.98 -12.55
CA SER D 214 11.54 50.83 -13.95
C SER D 214 10.33 50.40 -14.78
N VAL D 215 10.39 50.72 -16.08
CA VAL D 215 9.21 50.52 -16.91
C VAL D 215 9.05 49.05 -17.32
N ALA D 216 10.15 48.33 -17.52
CA ALA D 216 10.06 46.96 -18.00
C ALA D 216 9.62 46.00 -16.91
N PRO D 217 8.85 44.97 -17.25
CA PRO D 217 8.54 43.91 -16.28
C PRO D 217 9.79 43.15 -15.88
N THR D 218 9.66 42.39 -14.79
CA THR D 218 10.75 41.57 -14.30
C THR D 218 10.94 40.35 -15.20
N SER D 219 12.20 40.00 -15.45
CA SER D 219 12.51 38.78 -16.18
C SER D 219 12.07 37.57 -15.35
N MET D 220 11.63 36.52 -16.04
CA MET D 220 11.14 35.32 -15.39
C MET D 220 11.55 34.10 -16.21
N VAL D 221 11.79 32.99 -15.52
CA VAL D 221 12.30 31.79 -16.16
C VAL D 221 11.50 30.58 -15.69
N HIS D 222 11.23 29.65 -16.60
CA HIS D 222 10.63 28.35 -16.30
C HIS D 222 11.70 27.28 -16.47
N GLY D 223 12.06 26.61 -15.37
CA GLY D 223 13.11 25.62 -15.37
C GLY D 223 12.58 24.26 -14.94
N ARG D 224 13.42 23.25 -15.11
CA ARG D 224 13.03 21.92 -14.67
C ARG D 224 14.27 21.13 -14.31
N LEU D 225 14.27 20.56 -13.11
CA LEU D 225 15.21 19.53 -12.74
C LEU D 225 14.60 18.19 -13.13
N GLY D 226 15.24 17.48 -14.05
CA GLY D 226 14.69 16.24 -14.54
C GLY D 226 15.06 15.06 -13.67
N PHE D 227 14.37 13.94 -13.91
CA PHE D 227 14.68 12.71 -13.20
C PHE D 227 16.14 12.29 -13.40
N ASP D 228 16.74 12.66 -14.53
CA ASP D 228 18.16 12.38 -14.79
C ASP D 228 19.09 13.34 -14.05
N GLY D 229 18.56 14.25 -13.25
CA GLY D 229 19.40 15.17 -12.51
C GLY D 229 19.94 16.33 -13.30
N GLN D 230 19.52 16.50 -14.55
CA GLN D 230 19.92 17.66 -15.34
C GLN D 230 18.89 18.77 -15.23
N TYR D 231 19.37 20.00 -15.27
CA TYR D 231 18.52 21.19 -15.15
C TYR D 231 18.54 21.94 -16.47
N HIS D 232 17.35 22.30 -16.97
CA HIS D 232 17.21 23.10 -18.18
C HIS D 232 16.19 24.18 -17.90
N GLU D 233 16.27 25.30 -18.62
CA GLU D 233 15.33 26.37 -18.37
C GLU D 233 15.14 27.20 -19.62
N LYS D 234 14.05 27.95 -19.63
CA LYS D 234 13.71 28.83 -20.75
C LYS D 234 13.20 30.14 -20.17
N ASP D 235 13.77 31.25 -20.63
CA ASP D 235 13.26 32.56 -20.25
C ASP D 235 11.89 32.78 -20.87
N LEU D 236 10.97 33.30 -20.07
CA LEU D 236 9.67 33.65 -20.60
C LEU D 236 9.77 35.01 -21.30
N ASP D 237 8.84 35.24 -22.22
CA ASP D 237 8.76 36.52 -22.93
C ASP D 237 7.95 37.49 -22.08
N THR D 238 8.62 38.06 -21.06
CA THR D 238 7.91 38.90 -20.09
C THR D 238 7.53 40.25 -20.68
N THR D 239 8.27 40.72 -21.69
CA THR D 239 7.88 41.95 -22.37
C THR D 239 6.47 41.84 -22.96
N VAL D 240 6.05 40.63 -23.30
CA VAL D 240 4.70 40.42 -23.84
C VAL D 240 3.79 39.90 -22.74
N LEU D 241 4.19 38.81 -22.10
CA LEU D 241 3.35 38.16 -21.10
C LEU D 241 3.01 39.11 -19.96
N PHE D 242 3.97 39.90 -19.51
CA PHE D 242 3.75 40.83 -18.41
C PHE D 242 3.83 42.29 -18.87
N LYS D 243 3.34 42.56 -20.07
CA LYS D 243 3.36 43.92 -20.63
C LYS D 243 2.78 44.94 -19.64
N ASP D 244 1.68 44.61 -18.99
CA ASP D 244 0.97 45.56 -18.14
C ASP D 244 1.55 45.65 -16.73
N TRP D 245 2.70 45.06 -16.46
CA TRP D 245 3.28 45.01 -15.12
C TRP D 245 4.59 45.77 -15.07
N VAL D 246 4.86 46.37 -13.91
CA VAL D 246 6.19 46.95 -13.64
C VAL D 246 7.08 46.00 -12.85
N ALA D 247 6.51 45.03 -12.14
CA ALA D 247 7.27 44.07 -11.38
C ALA D 247 6.43 42.80 -11.25
N ASN D 248 7.09 41.65 -11.18
CA ASN D 248 6.35 40.40 -11.19
C ASN D 248 7.26 39.31 -10.67
N TYR D 249 6.73 38.50 -9.76
CA TYR D 249 7.49 37.49 -9.07
C TYR D 249 6.63 36.25 -8.87
N PRO D 250 7.23 35.06 -8.92
CA PRO D 250 6.51 33.87 -8.46
C PRO D 250 6.21 34.03 -7.00
N GLY D 251 5.17 33.34 -6.52
CA GLY D 251 4.70 33.53 -5.16
C GLY D 251 5.39 32.72 -4.09
N VAL D 252 6.52 32.08 -4.40
CA VAL D 252 7.37 31.32 -3.47
C VAL D 252 6.75 29.97 -3.10
N GLY D 253 5.49 29.97 -2.67
CA GLY D 253 4.83 28.72 -2.36
C GLY D 253 4.72 27.82 -3.57
N GLY D 254 4.56 26.53 -3.32
CA GLY D 254 4.56 25.56 -4.41
C GLY D 254 3.47 25.81 -5.44
N GLY D 255 3.73 25.34 -6.67
CA GLY D 255 2.72 25.23 -7.69
C GLY D 255 2.14 23.83 -7.75
N SER D 256 1.14 23.67 -8.62
CA SER D 256 0.47 22.38 -8.73
C SER D 256 0.32 21.99 -10.21
N PHE D 257 0.53 20.71 -10.48
CA PHE D 257 0.24 20.14 -11.79
C PHE D 257 -1.25 19.77 -11.84
N ILE D 258 -1.99 20.40 -12.77
CA ILE D 258 -3.41 20.13 -12.95
C ILE D 258 -3.68 19.94 -14.44
N ASP D 259 -4.36 18.85 -14.78
CA ASP D 259 -4.67 18.46 -16.17
C ASP D 259 -3.33 18.29 -16.89
N ASP D 260 -3.02 19.09 -17.91
CA ASP D 260 -1.73 18.98 -18.59
C ASP D 260 -0.85 20.21 -18.40
N ARG D 261 -1.11 21.00 -17.36
CA ARG D 261 -0.40 22.26 -17.15
C ARG D 261 0.09 22.38 -15.71
N VAL D 262 1.09 23.22 -15.52
CA VAL D 262 1.61 23.55 -14.20
C VAL D 262 1.14 24.95 -13.85
N TRP D 263 0.67 25.13 -12.61
CA TRP D 263 -0.01 26.34 -12.15
C TRP D 263 0.78 26.94 -10.99
N PHE D 264 1.20 28.21 -11.14
CA PHE D 264 2.07 28.89 -10.19
C PHE D 264 1.41 30.17 -9.70
N PRO D 265 1.48 30.48 -8.40
CA PRO D 265 1.06 31.80 -7.93
C PRO D 265 2.07 32.86 -8.38
N VAL D 266 1.55 34.05 -8.72
CA VAL D 266 2.37 35.18 -9.14
C VAL D 266 1.82 36.43 -8.44
N TYR D 267 2.70 37.42 -8.22
CA TYR D 267 2.26 38.73 -7.73
C TYR D 267 3.27 39.78 -8.19
N GLY D 268 2.84 41.04 -8.09
CA GLY D 268 3.72 42.15 -8.46
C GLY D 268 2.91 43.43 -8.59
N GLY D 269 3.44 44.37 -9.37
CA GLY D 269 2.83 45.68 -9.53
C GLY D 269 2.39 45.93 -10.95
N LEU D 270 1.23 46.56 -11.10
CA LEU D 270 0.70 46.95 -12.41
C LEU D 270 1.14 48.37 -12.77
N LYS D 271 1.47 48.59 -14.04
CA LYS D 271 1.77 49.97 -14.40
C LYS D 271 0.48 50.78 -14.50
N PRO D 272 0.47 52.00 -13.99
CA PRO D 272 -0.77 52.78 -13.94
C PRO D 272 -1.37 52.99 -15.32
N ASN D 273 -2.70 52.89 -15.39
CA ASN D 273 -3.52 53.17 -16.56
C ASN D 273 -3.35 52.17 -17.69
N SER D 274 -2.70 51.04 -17.43
CA SER D 274 -2.65 49.96 -18.40
C SER D 274 -4.00 49.24 -18.43
N PRO D 275 -4.27 48.44 -19.46
CA PRO D 275 -5.50 47.64 -19.47
C PRO D 275 -5.73 46.85 -18.19
N SER D 276 -4.71 46.14 -17.71
CA SER D 276 -4.88 45.38 -16.48
C SER D 276 -5.17 46.28 -15.30
N ASP D 277 -4.54 47.46 -15.24
CA ASP D 277 -4.80 48.37 -14.14
C ASP D 277 -6.21 48.93 -14.20
N THR D 278 -6.64 49.36 -15.38
CA THR D 278 -7.99 49.87 -15.54
C THR D 278 -9.03 48.82 -15.15
N ALA D 279 -8.74 47.55 -15.46
CA ALA D 279 -9.68 46.48 -15.16
C ALA D 279 -9.92 46.32 -13.67
N GLN D 280 -8.97 46.72 -12.83
CA GLN D 280 -9.13 46.66 -11.38
C GLN D 280 -9.54 47.99 -10.76
N GLU D 281 -9.66 49.04 -11.57
CA GLU D 281 -10.00 50.36 -11.05
C GLU D 281 -11.31 50.31 -10.27
N GLY D 282 -11.26 50.72 -9.00
CA GLY D 282 -12.44 50.77 -8.17
C GLY D 282 -12.86 49.44 -7.56
N LYS D 283 -12.07 48.39 -7.72
CA LYS D 283 -12.38 47.07 -7.18
C LYS D 283 -11.68 46.89 -5.85
N TYR D 284 -12.39 46.30 -4.89
CA TYR D 284 -11.85 46.08 -3.55
C TYR D 284 -12.73 45.05 -2.87
N VAL D 285 -12.24 44.49 -1.77
CA VAL D 285 -13.07 43.65 -0.93
C VAL D 285 -12.64 43.83 0.51
N ILE D 286 -13.61 43.81 1.42
CA ILE D 286 -13.39 43.93 2.85
C ILE D 286 -13.70 42.58 3.47
N TYR D 287 -12.67 41.94 4.03
CA TYR D 287 -12.84 40.70 4.76
C TYR D 287 -12.77 40.99 6.26
N LYS D 288 -13.61 40.31 7.04
CA LYS D 288 -13.84 40.70 8.43
C LYS D 288 -13.41 39.58 9.38
N ARG D 289 -13.11 39.98 10.62
CA ARG D 289 -12.83 39.02 11.68
C ARG D 289 -14.13 38.42 12.20
N HIS D 290 -14.02 37.22 12.75
CA HIS D 290 -15.20 36.59 13.36
C HIS D 290 -15.51 37.25 14.69
N ASN D 291 -16.76 37.71 14.82
CA ASN D 291 -17.28 38.24 16.09
C ASN D 291 -16.42 39.38 16.63
N ASN D 292 -15.90 40.22 15.72
CA ASN D 292 -15.05 41.34 16.13
C ASN D 292 -15.18 42.43 15.06
N THR D 293 -16.20 43.26 15.23
CA THR D 293 -16.57 44.25 14.22
C THR D 293 -15.62 45.44 14.21
N CYS D 294 -15.23 45.87 13.02
CA CYS D 294 -14.51 47.13 12.87
C CYS D 294 -15.44 48.30 13.20
N PRO D 295 -15.07 49.18 14.13
CA PRO D 295 -15.96 50.28 14.49
C PRO D 295 -15.93 51.46 13.54
N ASP D 296 -15.04 51.47 12.55
CA ASP D 296 -14.93 52.62 11.66
C ASP D 296 -16.18 52.79 10.80
N GLU D 297 -16.45 54.03 10.41
CA GLU D 297 -17.54 54.32 9.48
C GLU D 297 -17.34 53.58 8.17
N GLN D 298 -18.45 53.25 7.50
CA GLN D 298 -18.39 52.27 6.41
C GLN D 298 -17.68 52.82 5.17
N ASP D 299 -17.94 54.07 4.79
CA ASP D 299 -17.24 54.63 3.65
C ASP D 299 -15.77 54.90 3.95
N TYR D 300 -15.43 55.09 5.23
CA TYR D 300 -14.03 55.12 5.63
C TYR D 300 -13.37 53.77 5.42
N GLN D 301 -14.06 52.68 5.78
CA GLN D 301 -13.53 51.35 5.50
C GLN D 301 -13.32 51.15 4.01
N ILE D 302 -14.26 51.62 3.19
CA ILE D 302 -14.16 51.44 1.75
C ILE D 302 -12.96 52.22 1.21
N ARG D 303 -12.75 53.43 1.71
CA ARG D 303 -11.58 54.21 1.36
C ARG D 303 -10.30 53.46 1.70
N MET D 304 -10.24 52.91 2.92
CA MET D 304 -9.02 52.24 3.35
C MET D 304 -8.82 50.93 2.59
N ALA D 305 -9.90 50.19 2.32
CA ALA D 305 -9.77 48.95 1.56
C ALA D 305 -9.25 49.23 0.15
N LYS D 306 -9.68 50.34 -0.46
CA LYS D 306 -9.17 50.69 -1.78
C LYS D 306 -7.69 51.04 -1.73
N SER D 307 -7.29 51.82 -0.73
CA SER D 307 -5.88 52.20 -0.66
C SER D 307 -4.98 51.04 -0.30
N SER D 308 -5.53 49.93 0.20
CA SER D 308 -4.71 48.78 0.56
C SER D 308 -4.13 48.09 -0.68
N TYR D 309 -4.73 48.28 -1.86
CA TYR D 309 -4.13 47.74 -3.08
C TYR D 309 -2.98 48.58 -3.60
N LYS D 310 -2.80 49.79 -3.08
CA LYS D 310 -1.74 50.70 -3.52
C LYS D 310 -0.92 51.14 -2.31
N PRO D 311 -0.13 50.25 -1.73
CA PRO D 311 0.62 50.62 -0.53
C PRO D 311 1.69 51.67 -0.83
N GLY D 312 1.97 52.48 0.19
CA GLY D 312 2.90 53.60 0.02
C GLY D 312 4.33 53.21 -0.25
N ARG D 313 4.72 51.97 0.06
CA ARG D 313 6.13 51.58 -0.12
C ARG D 313 6.59 51.79 -1.56
N PHE D 314 5.74 51.47 -2.54
CA PHE D 314 6.07 51.67 -3.95
C PHE D 314 5.26 52.80 -4.58
N GLY D 315 4.94 53.83 -3.81
CA GLY D 315 4.46 55.07 -4.39
C GLY D 315 3.13 55.01 -5.11
N GLY D 316 2.23 54.14 -4.68
CA GLY D 316 0.89 54.14 -5.21
C GLY D 316 0.65 53.28 -6.43
N LYS D 317 1.53 52.31 -6.69
CA LYS D 317 1.25 51.32 -7.72
C LYS D 317 0.34 50.24 -7.17
N ARG D 318 -0.57 49.75 -8.01
CA ARG D 318 -1.45 48.67 -7.58
C ARG D 318 -0.68 47.36 -7.51
N VAL D 319 -0.69 46.72 -6.34
CA VAL D 319 0.01 45.47 -6.10
C VAL D 319 -1.00 44.33 -6.25
N GLN D 320 -0.78 43.47 -7.25
CA GLN D 320 -1.80 42.62 -7.82
C GLN D 320 -1.47 41.13 -7.71
N GLN D 321 -2.47 40.32 -7.40
CA GLN D 321 -2.36 38.87 -7.40
C GLN D 321 -2.67 38.30 -8.79
N ALA D 322 -1.89 37.29 -9.20
CA ALA D 322 -2.18 36.58 -10.44
C ALA D 322 -1.85 35.09 -10.30
N ILE D 323 -2.25 34.32 -11.32
CA ILE D 323 -1.95 32.90 -11.44
C ILE D 323 -1.41 32.66 -12.86
N LEU D 324 -0.34 31.89 -12.97
CA LEU D 324 0.30 31.60 -14.26
C LEU D 324 0.25 30.10 -14.53
N SER D 325 -0.25 29.73 -15.72
CA SER D 325 -0.27 28.33 -16.11
C SER D 325 0.63 28.11 -17.32
N ILE D 326 1.32 26.97 -17.33
CA ILE D 326 2.26 26.62 -18.38
C ILE D 326 2.03 25.17 -18.77
N LYS D 327 2.00 24.90 -20.08
CA LYS D 327 1.89 23.54 -20.57
C LYS D 327 3.14 22.74 -20.21
N VAL D 328 2.94 21.58 -19.59
CA VAL D 328 4.07 20.71 -19.23
C VAL D 328 4.49 19.93 -20.47
N SER D 329 5.74 20.11 -20.86
CA SER D 329 6.26 19.53 -22.10
C SER D 329 7.78 19.53 -21.99
N THR D 330 8.42 18.75 -22.86
CA THR D 330 9.87 18.81 -22.94
C THR D 330 10.36 20.18 -23.40
N SER D 331 9.49 20.97 -24.03
CA SER D 331 9.76 22.39 -24.27
C SER D 331 9.37 23.18 -23.02
N LEU D 332 10.36 23.83 -22.39
CA LEU D 332 10.05 24.68 -21.25
C LEU D 332 9.46 26.00 -21.71
N GLY D 333 8.59 26.57 -20.88
CA GLY D 333 7.95 27.84 -21.18
C GLY D 333 6.86 27.77 -22.23
N LYS D 334 6.28 26.59 -22.45
CA LYS D 334 5.37 26.39 -23.58
C LYS D 334 3.99 26.95 -23.24
N ASP D 335 3.50 27.85 -24.09
CA ASP D 335 2.12 28.32 -24.06
C ASP D 335 1.69 28.86 -22.70
N PRO D 336 2.42 29.81 -22.12
CA PRO D 336 2.03 30.34 -20.81
C PRO D 336 0.82 31.26 -20.91
N VAL D 337 -0.02 31.21 -19.88
CA VAL D 337 -1.24 32.01 -19.82
C VAL D 337 -1.37 32.60 -18.42
N LEU D 338 -1.60 33.91 -18.34
CA LEU D 338 -1.72 34.61 -17.08
C LEU D 338 -3.19 34.87 -16.77
N THR D 339 -3.61 34.55 -15.56
CA THR D 339 -4.96 34.84 -15.08
C THR D 339 -4.86 35.89 -13.99
N ILE D 340 -5.64 36.97 -14.11
CA ILE D 340 -5.69 37.99 -13.08
C ILE D 340 -7.10 38.01 -12.51
N PRO D 341 -7.30 37.54 -11.28
CA PRO D 341 -8.64 37.53 -10.68
C PRO D 341 -9.08 38.93 -10.31
N PRO D 342 -10.39 39.18 -10.22
CA PRO D 342 -10.85 40.52 -9.85
C PRO D 342 -10.63 40.80 -8.38
N ASN D 343 -10.28 42.05 -8.08
CA ASN D 343 -10.01 42.44 -6.70
C ASN D 343 -11.29 42.62 -5.86
N THR D 344 -12.46 42.25 -6.40
CA THR D 344 -13.61 42.01 -5.55
C THR D 344 -13.54 40.65 -4.88
N ILE D 345 -12.56 39.85 -5.24
CA ILE D 345 -12.29 38.58 -4.58
C ILE D 345 -10.95 38.62 -3.84
N THR D 346 -9.87 38.96 -4.54
CA THR D 346 -8.54 38.91 -3.94
C THR D 346 -8.18 40.21 -3.24
N LEU D 347 -7.41 40.08 -2.17
CA LEU D 347 -6.76 41.22 -1.54
C LEU D 347 -5.48 41.56 -2.31
N MET D 348 -4.77 42.57 -1.82
CA MET D 348 -3.49 42.99 -2.38
C MET D 348 -2.59 41.80 -2.72
N GLY D 349 -1.92 41.88 -3.86
CA GLY D 349 -1.08 40.79 -4.31
C GLY D 349 0.01 40.48 -3.30
N ALA D 350 0.34 39.19 -3.19
CA ALA D 350 1.27 38.71 -2.17
C ALA D 350 1.80 37.35 -2.61
N GLU D 351 2.76 36.83 -1.86
CA GLU D 351 3.18 35.45 -2.04
C GLU D 351 1.98 34.52 -1.81
N GLY D 352 2.11 33.30 -2.31
CA GLY D 352 1.02 32.35 -2.22
C GLY D 352 1.43 30.97 -2.67
N ARG D 353 0.42 30.12 -2.89
CA ARG D 353 0.65 28.72 -3.22
C ARG D 353 -0.59 28.18 -3.91
N ILE D 354 -0.40 27.30 -4.89
CA ILE D 354 -1.50 26.58 -5.51
C ILE D 354 -1.49 25.17 -4.95
N LEU D 355 -2.58 24.78 -4.30
CA LEU D 355 -2.70 23.46 -3.70
C LEU D 355 -3.78 22.66 -4.41
N THR D 356 -3.57 21.35 -4.49
CA THR D 356 -4.55 20.41 -4.99
C THR D 356 -4.72 19.34 -3.93
N VAL D 357 -5.93 19.23 -3.38
CA VAL D 357 -6.27 18.26 -2.36
C VAL D 357 -7.55 17.57 -2.79
N GLY D 358 -7.48 16.26 -3.03
CA GLY D 358 -8.62 15.58 -3.61
C GLY D 358 -8.87 16.08 -5.02
N THR D 359 -10.13 16.40 -5.32
CA THR D 359 -10.47 17.02 -6.60
C THR D 359 -10.48 18.54 -6.52
N SER D 360 -10.18 19.12 -5.36
CA SER D 360 -10.28 20.55 -5.15
C SER D 360 -8.92 21.23 -5.24
N HIS D 361 -8.95 22.47 -5.70
CA HIS D 361 -7.78 23.31 -5.79
C HIS D 361 -8.02 24.56 -4.97
N PHE D 362 -6.94 25.13 -4.43
CA PHE D 362 -7.00 26.33 -3.63
C PHE D 362 -5.82 27.23 -3.96
N LEU D 363 -6.00 28.53 -3.77
CA LEU D 363 -4.92 29.49 -3.73
C LEU D 363 -4.75 29.98 -2.29
N TYR D 364 -3.59 29.70 -1.70
CA TYR D 364 -3.20 30.39 -0.49
C TYR D 364 -2.65 31.76 -0.85
N GLN D 365 -3.04 32.78 -0.10
CA GLN D 365 -2.45 34.10 -0.27
C GLN D 365 -1.92 34.57 1.08
N ARG D 366 -0.62 34.87 1.14
CA ARG D 366 -0.01 35.42 2.34
C ARG D 366 -0.75 36.67 2.77
N GLY D 367 -0.93 36.84 4.09
CA GLY D 367 -1.61 38.01 4.62
C GLY D 367 -0.69 39.22 4.71
N SER D 368 -0.27 39.74 3.57
CA SER D 368 0.67 40.85 3.56
C SER D 368 0.00 42.19 3.79
N SER D 369 -1.32 42.24 3.66
CA SER D 369 -2.09 43.46 3.82
C SER D 369 -2.75 43.47 5.18
N TYR D 370 -3.95 44.07 5.28
CA TYR D 370 -4.55 44.29 6.58
C TYR D 370 -5.19 43.05 7.18
N PHE D 371 -5.39 41.98 6.40
CA PHE D 371 -6.18 40.84 6.85
C PHE D 371 -5.23 39.76 7.38
N SER D 372 -5.48 39.31 8.58
CA SER D 372 -4.57 38.45 9.32
C SER D 372 -4.94 36.97 9.29
N PRO D 373 -6.22 36.58 9.32
CA PRO D 373 -6.54 35.14 9.26
C PRO D 373 -6.08 34.52 7.95
N ALA D 374 -5.59 33.27 8.05
CA ALA D 374 -5.11 32.59 6.86
C ALA D 374 -6.23 32.44 5.83
N LEU D 375 -5.86 32.64 4.56
CA LEU D 375 -6.80 32.64 3.44
C LEU D 375 -6.55 31.45 2.52
N LEU D 376 -7.62 30.78 2.12
CA LEU D 376 -7.60 29.81 1.03
C LEU D 376 -8.75 30.14 0.08
N TYR D 377 -8.42 30.63 -1.11
CA TYR D 377 -9.43 30.87 -2.14
C TYR D 377 -9.68 29.58 -2.90
N PRO D 378 -10.91 29.08 -2.93
CA PRO D 378 -11.23 27.99 -3.88
C PRO D 378 -10.89 28.41 -5.29
N MET D 379 -10.26 27.50 -6.03
CA MET D 379 -9.79 27.75 -7.39
C MET D 379 -10.34 26.68 -8.32
N THR D 380 -11.03 27.09 -9.37
CA THR D 380 -11.49 26.16 -10.40
C THR D 380 -10.78 26.48 -11.71
N VAL D 381 -10.43 25.43 -12.45
CA VAL D 381 -9.60 25.56 -13.65
C VAL D 381 -10.49 25.49 -14.87
N ASN D 382 -10.38 26.48 -15.76
CA ASN D 382 -11.15 26.56 -17.01
C ASN D 382 -10.15 26.49 -18.16
N ASN D 383 -9.75 25.27 -18.52
CA ASN D 383 -8.70 25.03 -19.49
C ASN D 383 -7.40 25.72 -19.08
N LYS D 384 -7.04 26.84 -19.71
CA LYS D 384 -5.76 27.50 -19.43
C LYS D 384 -5.86 28.59 -18.37
N THR D 385 -7.05 28.92 -17.90
CA THR D 385 -7.25 29.99 -16.93
C THR D 385 -7.93 29.44 -15.68
N ALA D 386 -7.95 30.26 -14.64
CA ALA D 386 -8.55 29.89 -13.37
C ALA D 386 -9.55 30.95 -12.92
N THR D 387 -10.49 30.52 -12.10
CA THR D 387 -11.37 31.44 -11.41
C THR D 387 -11.25 31.18 -9.91
N LEU D 388 -11.24 32.24 -9.12
CA LEU D 388 -11.20 32.12 -7.68
C LEU D 388 -12.57 32.44 -7.11
N HIS D 389 -12.83 31.95 -5.90
CA HIS D 389 -14.10 32.14 -5.24
C HIS D 389 -13.85 32.63 -3.82
N SER D 390 -14.91 33.16 -3.19
CA SER D 390 -14.79 33.73 -1.86
C SER D 390 -14.02 32.79 -0.94
N PRO D 391 -13.09 33.30 -0.15
CA PRO D 391 -12.12 32.44 0.53
C PRO D 391 -12.65 31.79 1.80
N TYR D 392 -12.11 30.62 2.09
CA TYR D 392 -12.14 30.10 3.45
C TYR D 392 -11.21 30.95 4.30
N THR D 393 -11.61 31.25 5.52
CA THR D 393 -10.73 31.95 6.45
C THR D 393 -10.67 31.19 7.76
N PHE D 394 -9.54 31.30 8.43
CA PHE D 394 -9.29 30.59 9.68
C PHE D 394 -8.88 31.63 10.72
N ASN D 395 -9.86 32.05 11.53
CA ASN D 395 -9.70 33.28 12.29
C ASN D 395 -8.62 33.17 13.38
N ALA D 396 -8.34 31.97 13.87
CA ALA D 396 -7.30 31.79 14.87
C ALA D 396 -5.93 31.55 14.25
N PHE D 397 -5.88 31.27 12.95
CA PHE D 397 -4.61 31.13 12.21
C PHE D 397 -4.16 32.52 11.77
N THR D 398 -3.74 33.32 12.76
CA THR D 398 -3.23 34.67 12.51
C THR D 398 -1.77 34.63 12.09
N ARG D 399 -1.26 35.79 11.68
CA ARG D 399 0.17 36.00 11.50
C ARG D 399 0.58 37.35 12.09
N PRO D 400 1.83 37.49 12.52
CA PRO D 400 2.26 38.79 13.05
C PRO D 400 2.45 39.81 11.93
N GLY D 401 2.20 41.06 12.27
CA GLY D 401 2.46 42.15 11.34
C GLY D 401 2.57 43.44 12.12
N SER D 402 3.03 44.47 11.42
CA SER D 402 3.20 45.76 12.08
C SER D 402 1.87 46.49 12.16
N VAL D 403 1.73 47.28 13.23
CA VAL D 403 0.54 48.11 13.47
C VAL D 403 0.31 49.01 12.27
N PRO D 404 -0.94 49.20 11.80
CA PRO D 404 -2.21 48.68 12.32
C PRO D 404 -2.64 47.35 11.73
N CYS D 405 -1.71 46.58 11.18
CA CYS D 405 -2.02 45.30 10.55
C CYS D 405 -1.44 44.14 11.35
N GLN D 406 -1.49 44.24 12.68
CA GLN D 406 -0.98 43.18 13.55
C GLN D 406 -1.95 41.99 13.54
N ALA D 407 -1.61 40.94 14.28
CA ALA D 407 -2.37 39.69 14.19
C ALA D 407 -3.83 39.89 14.58
N SER D 408 -4.11 40.76 15.53
CA SER D 408 -5.48 40.99 15.98
C SER D 408 -6.21 42.07 15.19
N ALA D 409 -5.64 42.55 14.08
CA ALA D 409 -6.24 43.64 13.33
C ALA D 409 -7.62 43.25 12.83
N ARG D 410 -8.53 44.23 12.79
CA ARG D 410 -9.90 43.98 12.35
C ARG D 410 -10.42 44.99 11.32
N CYS D 411 -9.68 46.05 11.01
CA CYS D 411 -10.17 47.08 10.10
C CYS D 411 -9.35 47.11 8.82
N PRO D 412 -9.97 47.45 7.68
CA PRO D 412 -9.18 47.66 6.46
C PRO D 412 -8.19 48.79 6.66
N ASN D 413 -7.01 48.63 6.07
CA ASN D 413 -5.94 49.62 6.13
C ASN D 413 -4.89 49.23 5.10
N SER D 414 -3.86 50.06 4.97
CA SER D 414 -2.87 49.91 3.92
C SER D 414 -1.51 49.60 4.54
N CYS D 415 -0.93 48.47 4.15
CA CYS D 415 0.33 48.02 4.72
C CYS D 415 0.94 46.97 3.81
N ILE D 416 2.25 46.76 3.96
CA ILE D 416 2.94 45.57 3.46
C ILE D 416 3.68 44.94 4.63
N THR D 417 3.22 43.78 5.09
CA THR D 417 3.78 43.22 6.32
C THR D 417 3.47 41.73 6.33
N GLY D 418 3.28 41.15 7.51
CA GLY D 418 2.93 39.75 7.59
C GLY D 418 4.13 38.85 7.35
N VAL D 419 3.82 37.61 6.94
CA VAL D 419 4.82 36.54 6.77
C VAL D 419 4.11 35.37 6.07
N TYR D 420 4.85 34.60 5.29
CA TYR D 420 4.31 33.41 4.62
C TYR D 420 4.19 32.26 5.63
N THR D 421 2.94 31.84 5.92
CA THR D 421 2.70 30.66 6.78
C THR D 421 1.44 29.97 6.26
N ASP D 422 1.62 28.90 5.46
CA ASP D 422 0.41 28.51 4.72
C ASP D 422 -0.39 27.43 5.44
N PRO D 423 -1.69 27.32 5.14
CA PRO D 423 -2.53 26.26 5.75
C PRO D 423 -2.76 25.10 4.80
N TYR D 424 -2.68 23.85 5.26
CA TYR D 424 -2.92 22.72 4.38
C TYR D 424 -4.30 22.15 4.62
N PRO D 425 -5.16 22.06 3.60
CA PRO D 425 -6.50 21.49 3.78
C PRO D 425 -6.43 20.06 4.30
N LEU D 426 -7.12 19.81 5.43
CA LEU D 426 -6.93 18.54 6.13
C LEU D 426 -8.23 17.79 6.45
N ILE D 427 -9.23 18.49 6.98
CA ILE D 427 -10.50 17.87 7.39
C ILE D 427 -11.62 18.41 6.51
N PHE D 428 -12.39 17.49 5.93
CA PHE D 428 -13.43 17.80 4.96
C PHE D 428 -14.75 17.17 5.36
N HIS D 429 -15.85 17.82 5.00
CA HIS D 429 -17.14 17.14 4.96
C HIS D 429 -17.13 16.10 3.82
N ARG D 430 -18.13 15.22 3.84
CA ARG D 430 -18.23 14.22 2.78
C ARG D 430 -18.55 14.86 1.44
N ASN D 431 -19.31 15.96 1.41
CA ASN D 431 -19.58 16.70 0.17
C ASN D 431 -18.41 17.57 -0.29
N HIS D 432 -17.27 17.48 0.39
CA HIS D 432 -15.98 18.06 0.02
C HIS D 432 -15.82 19.50 0.50
N THR D 433 -16.75 20.05 1.27
CA THR D 433 -16.54 21.36 1.88
C THR D 433 -15.44 21.26 2.92
N LEU D 434 -14.49 22.20 2.88
CA LEU D 434 -13.36 22.20 3.79
C LEU D 434 -13.78 22.65 5.19
N ARG D 435 -13.36 21.88 6.20
CA ARG D 435 -13.63 22.19 7.60
C ARG D 435 -12.40 22.64 8.37
N GLY D 436 -11.25 22.01 8.16
CA GLY D 436 -10.09 22.29 8.98
C GLY D 436 -8.79 22.16 8.21
N VAL D 437 -7.78 22.92 8.65
CA VAL D 437 -6.47 22.95 8.03
C VAL D 437 -5.42 22.69 9.09
N PHE D 438 -4.24 22.26 8.64
CA PHE D 438 -3.06 22.16 9.50
C PHE D 438 -2.06 23.20 9.05
N GLY D 439 -1.38 23.82 10.01
CA GLY D 439 -0.26 24.67 9.64
C GLY D 439 0.56 25.03 10.86
N THR D 440 1.68 25.66 10.60
CA THR D 440 2.52 26.19 11.66
C THR D 440 2.46 27.70 11.58
N MET D 441 1.83 28.32 12.57
CA MET D 441 1.70 29.77 12.65
C MET D 441 2.81 30.34 13.51
N LEU D 442 3.11 31.63 13.30
CA LEU D 442 3.93 32.37 14.24
C LEU D 442 2.99 33.01 15.25
N ASP D 443 3.07 32.56 16.50
CA ASP D 443 2.06 32.91 17.50
C ASP D 443 2.52 34.16 18.26
N ASP D 444 2.45 35.29 17.57
CA ASP D 444 2.83 36.59 18.09
C ASP D 444 2.01 37.66 17.39
N GLU D 445 1.75 38.74 18.12
CA GLU D 445 0.98 39.85 17.59
C GLU D 445 1.74 40.60 16.49
N GLN D 446 3.04 40.84 16.67
CA GLN D 446 3.75 41.80 15.82
C GLN D 446 5.12 41.33 15.32
N ALA D 447 5.80 40.45 16.05
CA ALA D 447 7.12 39.96 15.71
C ALA D 447 7.08 38.54 15.17
N ARG D 448 8.06 38.21 14.35
CA ARG D 448 8.16 36.84 13.80
C ARG D 448 8.80 35.94 14.84
N LEU D 449 7.94 35.36 15.68
CA LEU D 449 8.31 34.64 16.89
C LEU D 449 7.36 33.48 17.10
N ASN D 450 7.86 32.43 17.77
CA ASN D 450 7.07 31.36 18.38
C ASN D 450 6.28 30.55 17.36
N PRO D 451 6.94 29.75 16.52
CA PRO D 451 6.21 28.87 15.60
C PRO D 451 5.48 27.79 16.38
N VAL D 452 4.22 27.60 16.03
CA VAL D 452 3.33 26.68 16.72
C VAL D 452 2.53 25.90 15.67
N SER D 453 2.59 24.57 15.72
CA SER D 453 1.84 23.73 14.81
C SER D 453 0.49 23.36 15.44
N ALA D 454 -0.57 23.38 14.63
CA ALA D 454 -1.90 23.14 15.15
C ALA D 454 -2.86 22.81 14.01
N VAL D 455 -4.06 22.38 14.40
CA VAL D 455 -5.21 22.21 13.51
C VAL D 455 -6.19 23.35 13.77
N PHE D 456 -6.76 23.90 12.69
CA PHE D 456 -7.59 25.08 12.77
C PHE D 456 -8.90 24.87 12.02
N ASP D 457 -10.02 25.28 12.61
CA ASP D 457 -11.24 25.44 11.83
C ASP D 457 -11.49 26.93 11.57
N ASN D 458 -12.73 27.28 11.22
CA ASN D 458 -12.97 28.67 10.85
C ASN D 458 -12.79 29.63 12.02
N ILE D 459 -12.86 29.16 13.27
CA ILE D 459 -12.81 30.05 14.43
C ILE D 459 -11.73 29.71 15.46
N SER D 460 -11.39 28.43 15.62
CA SER D 460 -10.63 27.99 16.78
C SER D 460 -9.32 27.31 16.35
N ARG D 461 -8.54 26.91 17.36
CA ARG D 461 -7.25 26.26 17.18
C ARG D 461 -7.15 25.09 18.15
N SER D 462 -6.61 23.97 17.68
CA SER D 462 -6.45 22.76 18.47
C SER D 462 -5.38 22.97 19.55
N ARG D 463 -5.17 21.92 20.37
CA ARG D 463 -3.94 21.87 21.13
C ARG D 463 -2.75 21.94 20.17
N VAL D 464 -1.65 22.49 20.63
CA VAL D 464 -0.56 22.82 19.71
C VAL D 464 0.69 22.03 20.05
N THR D 465 1.61 22.03 19.09
CA THR D 465 2.95 21.48 19.26
C THR D 465 3.92 22.63 18.97
N ARG D 466 4.86 22.87 19.89
CA ARG D 466 5.76 24.00 19.74
C ARG D 466 7.21 23.54 19.60
N VAL D 467 7.94 24.30 18.79
CA VAL D 467 9.36 24.05 18.62
C VAL D 467 10.08 24.22 19.94
N SER D 468 9.70 25.24 20.71
CA SER D 468 10.38 25.56 21.94
C SER D 468 9.40 26.18 22.91
N SER D 469 9.51 25.81 24.19
CA SER D 469 8.79 26.56 25.20
C SER D 469 9.44 27.90 25.51
N SER D 470 10.62 28.19 24.94
CA SER D 470 11.19 29.51 25.07
C SER D 470 10.90 30.32 23.81
N SER D 471 10.95 31.65 23.96
CA SER D 471 10.71 32.54 22.84
C SER D 471 11.72 32.30 21.75
N THR D 472 11.26 32.06 20.52
CA THR D 472 12.14 31.67 19.41
C THR D 472 11.77 32.40 18.12
N LYS D 473 12.77 32.99 17.48
CA LYS D 473 12.59 33.63 16.17
C LYS D 473 12.36 32.59 15.07
N ALA D 474 11.51 32.92 14.12
CA ALA D 474 11.22 32.06 12.97
C ALA D 474 10.68 32.94 11.85
N ALA D 475 10.42 32.33 10.70
CA ALA D 475 9.82 33.08 9.61
C ALA D 475 8.86 32.20 8.81
N TYR D 476 9.16 31.94 7.53
CA TYR D 476 8.19 31.28 6.65
C TYR D 476 7.94 29.84 7.07
N THR D 477 6.72 29.37 6.86
CA THR D 477 6.41 27.95 7.03
C THR D 477 5.55 27.49 5.88
N THR D 478 5.81 26.28 5.37
CA THR D 478 4.93 25.69 4.36
C THR D 478 4.66 24.23 4.70
N SER D 479 3.38 23.86 4.71
CA SER D 479 2.96 22.58 5.26
C SER D 479 2.28 21.75 4.18
N THR D 480 2.51 20.43 4.24
CA THR D 480 1.90 19.44 3.37
C THR D 480 1.60 18.18 4.18
N CYS D 481 0.40 17.63 4.02
CA CYS D 481 0.01 16.43 4.76
C CYS D 481 -0.26 15.27 3.81
N PHE D 482 0.03 14.06 4.29
CA PHE D 482 -0.13 12.83 3.52
C PHE D 482 -0.48 11.70 4.50
N LYS D 483 -1.00 10.60 3.97
CA LYS D 483 -1.45 9.50 4.79
C LYS D 483 -0.68 8.23 4.48
N VAL D 484 -0.48 7.40 5.50
CA VAL D 484 -0.09 6.00 5.33
C VAL D 484 -1.38 5.19 5.47
N VAL D 485 -1.94 4.72 4.35
CA VAL D 485 -3.26 4.12 4.42
C VAL D 485 -3.25 2.77 5.14
N LYS D 486 -2.14 2.01 5.06
CA LYS D 486 -2.17 0.70 5.69
C LYS D 486 -2.20 0.80 7.21
N THR D 487 -1.73 1.91 7.76
CA THR D 487 -1.87 2.20 9.19
C THR D 487 -2.92 3.26 9.48
N ASN D 488 -3.50 3.87 8.44
CA ASN D 488 -4.44 4.98 8.59
C ASN D 488 -3.88 6.12 9.44
N LYS D 489 -2.56 6.29 9.41
CA LYS D 489 -1.91 7.40 10.10
C LYS D 489 -1.80 8.60 9.16
N ALA D 490 -2.24 9.76 9.61
CA ALA D 490 -2.06 11.00 8.88
C ALA D 490 -0.83 11.74 9.40
N TYR D 491 0.09 12.08 8.50
CA TYR D 491 1.28 12.87 8.81
C TYR D 491 1.15 14.27 8.21
N CYS D 492 1.75 15.25 8.89
CA CYS D 492 1.86 16.59 8.32
C CYS D 492 3.31 17.03 8.42
N LEU D 493 3.87 17.40 7.28
CA LEU D 493 5.20 17.98 7.17
C LEU D 493 5.08 19.49 7.23
N SER D 494 5.85 20.12 8.10
CA SER D 494 5.83 21.58 8.19
C SER D 494 7.26 22.08 8.03
N ILE D 495 7.58 22.64 6.88
CA ILE D 495 8.91 23.17 6.58
C ILE D 495 8.96 24.61 7.10
N ALA D 496 9.83 24.87 8.07
CA ALA D 496 9.81 26.15 8.76
C ALA D 496 11.20 26.77 8.80
N GLU D 497 11.28 28.07 8.48
CA GLU D 497 12.50 28.85 8.69
C GLU D 497 12.62 29.11 10.19
N ILE D 498 13.64 28.55 10.83
CA ILE D 498 13.81 28.66 12.28
C ILE D 498 15.14 29.37 12.54
N SER D 499 15.14 30.25 13.54
CA SER D 499 16.37 30.88 14.00
C SER D 499 17.47 29.86 14.23
N ASN D 500 18.69 30.22 13.87
CA ASN D 500 19.83 29.34 14.06
C ASN D 500 20.85 30.02 14.96
N THR D 501 21.70 29.19 15.58
CA THR D 501 22.91 29.67 16.22
C THR D 501 24.12 29.15 15.46
N LEU D 502 25.22 29.90 15.53
CA LEU D 502 26.52 29.59 14.93
C LEU D 502 26.53 29.65 13.40
N PHE D 503 25.54 29.07 12.73
CA PHE D 503 25.58 28.93 11.27
C PHE D 503 24.45 29.71 10.60
N GLY D 504 24.62 31.03 10.53
CA GLY D 504 23.71 31.84 9.74
C GLY D 504 22.43 32.23 10.48
N GLU D 505 21.62 33.04 9.81
CA GLU D 505 20.44 33.56 10.48
C GLU D 505 19.37 32.49 10.66
N PHE D 506 19.21 31.58 9.67
CA PHE D 506 18.11 30.62 9.66
C PHE D 506 18.61 29.23 9.33
N ARG D 507 17.89 28.23 9.87
CA ARG D 507 17.94 26.86 9.40
C ARG D 507 16.52 26.51 8.98
N ILE D 508 16.38 25.85 7.85
CA ILE D 508 15.06 25.46 7.35
C ILE D 508 14.83 24.02 7.75
N VAL D 509 13.84 23.78 8.60
CA VAL D 509 13.69 22.51 9.28
C VAL D 509 12.41 21.85 8.79
N PRO D 510 12.47 20.63 8.30
CA PRO D 510 11.25 19.90 7.96
C PRO D 510 10.68 19.25 9.22
N LEU D 511 9.72 19.90 9.86
CA LEU D 511 9.09 19.32 11.04
C LEU D 511 8.03 18.32 10.60
N LEU D 512 7.86 17.26 11.40
CA LEU D 512 6.93 16.19 11.07
C LEU D 512 6.08 15.88 12.29
N VAL D 513 4.76 15.86 12.10
CA VAL D 513 3.83 15.44 13.15
C VAL D 513 2.90 14.37 12.60
N GLU D 514 2.33 13.59 13.52
CA GLU D 514 1.18 12.74 13.24
C GLU D 514 -0.06 13.45 13.76
N ILE D 515 -1.16 13.35 13.02
CA ILE D 515 -2.42 13.94 13.44
C ILE D 515 -3.16 12.95 14.33
N LEU D 516 -3.44 13.36 15.57
CA LEU D 516 -4.10 12.52 16.55
C LEU D 516 -5.53 13.02 16.78
N LYS D 517 -6.31 12.24 17.52
CA LYS D 517 -7.67 12.65 17.86
C LYS D 517 -7.93 12.49 19.34
N ASP D 518 -8.47 13.56 19.94
CA ASP D 518 -8.78 13.66 21.37
C ASP D 518 -10.26 13.34 21.50
N ASP D 519 -10.59 12.09 21.78
CA ASP D 519 -11.98 11.71 22.04
C ASP D 519 -12.39 12.10 23.45
C1 NAG E . -34.33 -49.11 20.53
C2 NAG E . -33.32 -50.19 20.92
C3 NAG E . -33.11 -51.15 19.76
C4 NAG E . -34.44 -51.76 19.34
C5 NAG E . -35.44 -50.65 19.01
C6 NAG E . -36.82 -51.18 18.70
C7 NAG E . -31.31 -50.13 22.31
C8 NAG E . -30.03 -49.40 22.64
N2 NAG E . -32.06 -49.60 21.35
O3 NAG E . -32.21 -52.18 20.15
O4 NAG E . -34.26 -52.61 18.22
O5 NAG E . -35.58 -49.74 20.10
O6 NAG E . -36.80 -52.60 18.58
O7 NAG E . -31.64 -51.15 22.91
C1 GOL F . -21.99 -30.16 14.80
O1 GOL F . -20.62 -30.49 14.73
C2 GOL F . -22.37 -29.70 16.20
O2 GOL F . -21.73 -28.46 16.53
C3 GOL F . -23.87 -29.49 16.26
O3 GOL F . -24.24 -29.15 17.58
CA CA G . 7.11 -38.53 6.07
C1 NAG H . -6.35 16.46 -25.55
C2 NAG H . -7.23 17.16 -26.59
C3 NAG H . -7.26 16.35 -27.88
C4 NAG H . -5.84 16.17 -28.40
C5 NAG H . -5.01 15.47 -27.33
C6 NAG H . -3.55 15.33 -27.72
C7 NAG H . -9.05 18.59 -25.78
C8 NAG H . -10.45 18.65 -25.28
N2 NAG H . -8.57 17.39 -26.09
O3 NAG H . -8.09 16.99 -28.85
O4 NAG H . -5.82 15.41 -29.60
O5 NAG H . -5.03 16.24 -26.11
O6 NAG H . -2.96 16.60 -27.99
O7 NAG H . -8.35 19.60 -25.89
C1 GOL I . -16.29 5.52 -8.41
O1 GOL I . -16.07 6.68 -7.65
C2 GOL I . -17.77 5.12 -8.33
O2 GOL I . -18.53 6.06 -7.61
C3 GOL I . -18.34 4.85 -9.73
O3 GOL I . -19.75 4.90 -9.74
CA CA J . -48.45 1.35 -18.16
C1 NAG K . 62.91 12.36 2.73
C2 NAG K . 63.65 11.53 3.79
C3 NAG K . 63.76 12.33 5.08
C4 NAG K . 64.47 13.65 4.82
C5 NAG K . 63.70 14.43 3.75
C6 NAG K . 64.39 15.71 3.36
C7 NAG K . 62.92 9.25 3.18
C8 NAG K . 62.21 8.02 3.66
N2 NAG K . 62.98 10.26 4.06
O3 NAG K . 64.45 11.57 6.07
O4 NAG K . 64.50 14.42 6.02
O5 NAG K . 63.58 13.63 2.56
O6 NAG K . 64.25 15.95 1.96
O7 NAG K . 63.41 9.32 2.06
C1 GOL L . 40.42 6.44 0.27
O1 GOL L . 40.09 5.45 1.22
C2 GOL L . 40.89 5.80 -1.04
O2 GOL L . 39.79 5.25 -1.75
C3 GOL L . 41.58 6.86 -1.90
O3 GOL L . 41.86 6.33 -3.19
CA CA M . 31.55 -10.19 25.48
C1 NAG N . -21.71 20.23 2.83
C2 NAG N . -22.56 21.50 2.84
C3 NAG N . -22.58 22.09 4.25
C4 NAG N . -23.14 21.07 5.23
C5 NAG N . -22.29 19.80 5.20
C6 NAG N . -22.91 18.68 6.00
C7 NAG N . -22.18 22.34 0.57
C8 NAG N . -21.67 23.48 -0.26
N2 NAG N . -22.10 22.49 1.89
O3 NAG N . -23.34 23.29 4.29
O4 NAG N . -23.10 21.60 6.56
O5 NAG N . -22.18 19.32 3.86
O6 NAG N . -23.32 17.59 5.18
O7 NAG N . -22.64 21.33 0.05
C1 GOL O . -1.54 16.47 -5.64
O1 GOL O . -1.68 15.30 -6.43
C2 GOL O . -0.32 17.28 -6.07
O2 GOL O . 0.11 16.92 -7.37
C3 GOL O . -0.70 18.76 -6.02
O3 GOL O . 0.44 19.59 -6.05
CA CA P . 10.34 47.21 -13.60
#